data_7ORV
# 
_entry.id   7ORV 
# 
_audit_conform.dict_name       mmcif_pdbx.dic 
_audit_conform.dict_version    5.384 
_audit_conform.dict_location   http://mmcif.pdb.org/dictionaries/ascii/mmcif_pdbx.dic 
# 
loop_
_database_2.database_id 
_database_2.database_code 
_database_2.pdbx_database_accession 
_database_2.pdbx_DOI 
PDB   7ORV         pdb_00007orv 10.2210/pdb7orv/pdb 
WWPDB D_1292116324 ?            ?                   
# 
loop_
_pdbx_audit_revision_history.ordinal 
_pdbx_audit_revision_history.data_content_type 
_pdbx_audit_revision_history.major_revision 
_pdbx_audit_revision_history.minor_revision 
_pdbx_audit_revision_history.revision_date 
1 'Structure model' 1 0 2021-10-20 
2 'Structure model' 1 1 2022-02-23 
3 'Structure model' 1 2 2024-01-31 
# 
_pdbx_audit_revision_details.ordinal             1 
_pdbx_audit_revision_details.revision_ordinal    1 
_pdbx_audit_revision_details.data_content_type   'Structure model' 
_pdbx_audit_revision_details.provider            repository 
_pdbx_audit_revision_details.type                'Initial release' 
_pdbx_audit_revision_details.description         ? 
_pdbx_audit_revision_details.details             ? 
# 
loop_
_pdbx_audit_revision_group.ordinal 
_pdbx_audit_revision_group.revision_ordinal 
_pdbx_audit_revision_group.data_content_type 
_pdbx_audit_revision_group.group 
1 2 'Structure model' 'Database references'    
2 3 'Structure model' 'Data collection'        
3 3 'Structure model' 'Refinement description' 
# 
loop_
_pdbx_audit_revision_category.ordinal 
_pdbx_audit_revision_category.revision_ordinal 
_pdbx_audit_revision_category.data_content_type 
_pdbx_audit_revision_category.category 
1 2 'Structure model' citation                      
2 2 'Structure model' citation_author               
3 3 'Structure model' chem_comp_atom                
4 3 'Structure model' chem_comp_bond                
5 3 'Structure model' pdbx_initial_refinement_model 
# 
loop_
_pdbx_audit_revision_item.ordinal 
_pdbx_audit_revision_item.revision_ordinal 
_pdbx_audit_revision_item.data_content_type 
_pdbx_audit_revision_item.item 
1 2 'Structure model' '_citation.journal_volume'          
2 2 'Structure model' '_citation.page_first'              
3 2 'Structure model' '_citation.page_last'               
4 2 'Structure model' '_citation.pdbx_database_id_DOI'    
5 2 'Structure model' '_citation.pdbx_database_id_PubMed' 
6 2 'Structure model' '_citation.title'                   
7 2 'Structure model' '_citation.year'                    
8 2 'Structure model' '_citation_author.identifier_ORCID' 
# 
_pdbx_database_status.status_code                     REL 
_pdbx_database_status.status_code_sf                  REL 
_pdbx_database_status.status_code_mr                  ? 
_pdbx_database_status.entry_id                        7ORV 
_pdbx_database_status.recvd_initial_deposition_date   2021-06-06 
_pdbx_database_status.SG_entry                        N 
_pdbx_database_status.deposit_site                    PDBE 
_pdbx_database_status.process_site                    PDBE 
_pdbx_database_status.status_code_cs                  ? 
_pdbx_database_status.status_code_nmr_data            ? 
_pdbx_database_status.methods_development_category    ? 
_pdbx_database_status.pdb_format_compatible           Y 
# 
loop_
_audit_author.name 
_audit_author.pdbx_ordinal 
_audit_author.identifier_ORCID 
'Talibov, V.O.' 1  ? 
'Kozielski, F.' 2  ? 
'Sele, C.'      3  ? 
'Lou, J.'       4  ? 
'Dong, D.'      5  ? 
'Wang, Q.'      6  ? 
'Shi, X.'       7  ? 
'Nyblom, M.'    8  ? 
'Rogstam, A.'   9  ? 
'Krojer, T.'    10 ? 
'Knecht, W.'    11 ? 
'Fisher, S.Z.'  12 ? 
# 
_citation.abstract                  ? 
_citation.abstract_id_CAS           ? 
_citation.book_id_ISBN              ? 
_citation.book_publisher            ? 
_citation.book_publisher_city       ? 
_citation.book_title                ? 
_citation.coordinate_linkage        ? 
_citation.country                   UK 
_citation.database_id_Medline       ? 
_citation.details                   ? 
_citation.id                        primary 
_citation.journal_abbrev            'Rsc Chem Biol' 
_citation.journal_id_ASTM           ? 
_citation.journal_id_CSD            ? 
_citation.journal_id_ISSN           2633-0679 
_citation.journal_full              ? 
_citation.journal_issue             ? 
_citation.journal_volume            3 
_citation.language                  ? 
_citation.page_first                44 
_citation.page_last                 55 
_citation.title                     
;Identification of fragments binding to SARS-CoV-2 nsp10 reveals ligand-binding sites in conserved interfaces between nsp10 and nsp14/nsp16.
;
_citation.year                      2022 
_citation.database_id_CSD           ? 
_citation.pdbx_database_id_DOI      10.1039/d1cb00135c 
_citation.pdbx_database_id_PubMed   35128408 
_citation.pdbx_database_id_patent   ? 
_citation.unpublished_flag          ? 
# 
loop_
_citation_author.citation_id 
_citation_author.name 
_citation_author.ordinal 
_citation_author.identifier_ORCID 
primary 'Kozielski, F.' 1  ?                   
primary 'Sele, C.'      2  ?                   
primary 'Talibov, V.O.' 3  ?                   
primary 'Lou, J.'       4  ?                   
primary 'Dong, D.'      5  ?                   
primary 'Wang, Q.'      6  ?                   
primary 'Shi, X.'       7  ?                   
primary 'Nyblom, M.'    8  ?                   
primary 'Rogstam, A.'   9  ?                   
primary 'Krojer, T.'    10 ?                   
primary 'Fisher, Z.'    11 0000-0001-8287-0269 
primary 'Knecht, W.'    12 0000-0001-9530-7598 
# 
loop_
_entity.id 
_entity.type 
_entity.src_method 
_entity.pdbx_description 
_entity.formula_weight 
_entity.pdbx_number_of_molecules 
_entity.pdbx_ec 
_entity.pdbx_mutation 
_entity.pdbx_fragment 
_entity.details 
1 polymer     man 'Non-structural protein 10'            13284.236 1  ? ? ? ? 
2 non-polymer syn 'ZINC ION'                             65.409    2  ? ? ? ? 
3 non-polymer syn 'DIMETHYL SULFOXIDE'                   78.133    2  ? ? ? ? 
4 non-polymer syn N~4~,N~4~-dimethylpyridine-2,4-diamine 137.182   1  ? ? ? ? 
5 non-polymer syn GLYCEROL                               92.094    1  ? ? ? ? 
6 non-polymer syn 'CHLORIDE ION'                         35.453    3  ? ? ? ? 
7 water       nat water                                  18.015    94 ? ? ? ? 
# 
_entity_name_com.entity_id   1 
_entity_name_com.name        'nsp10,Growth factor-like peptide,GFL' 
# 
_entity_poly.entity_id                      1 
_entity_poly.type                           'polypeptide(L)' 
_entity_poly.nstd_linkage                   no 
_entity_poly.nstd_monomer                   no 
_entity_poly.pdbx_seq_one_letter_code       
;TMGNSTVLSFCAFAVDAAKAYKDYLASGGQPITNCVKMLCTHTGTGQAITVTPEANMDQESFGGASCCLYCRCHIDHPNP
KGFCDLKGKYVQIPTTCANDPVGFTLKNTVCTVCGMWKGYGCSCD
;
_entity_poly.pdbx_seq_one_letter_code_can   
;TMGNSTVLSFCAFAVDAAKAYKDYLASGGQPITNCVKMLCTHTGTGQAITVTPEANMDQESFGGASCCLYCRCHIDHPNP
KGFCDLKGKYVQIPTTCANDPVGFTLKNTVCTVCGMWKGYGCSCD
;
_entity_poly.pdbx_strand_id                 A 
_entity_poly.pdbx_target_identifier         ? 
# 
loop_
_pdbx_entity_nonpoly.entity_id 
_pdbx_entity_nonpoly.name 
_pdbx_entity_nonpoly.comp_id 
2 'ZINC ION'                             ZN  
3 'DIMETHYL SULFOXIDE'                   DMS 
4 N~4~,N~4~-dimethylpyridine-2,4-diamine X4V 
5 GLYCEROL                               GOL 
6 'CHLORIDE ION'                         CL  
7 water                                  HOH 
# 
loop_
_entity_poly_seq.entity_id 
_entity_poly_seq.num 
_entity_poly_seq.mon_id 
_entity_poly_seq.hetero 
1 1   THR n 
1 2   MET n 
1 3   GLY n 
1 4   ASN n 
1 5   SER n 
1 6   THR n 
1 7   VAL n 
1 8   LEU n 
1 9   SER n 
1 10  PHE n 
1 11  CYS n 
1 12  ALA n 
1 13  PHE n 
1 14  ALA n 
1 15  VAL n 
1 16  ASP n 
1 17  ALA n 
1 18  ALA n 
1 19  LYS n 
1 20  ALA n 
1 21  TYR n 
1 22  LYS n 
1 23  ASP n 
1 24  TYR n 
1 25  LEU n 
1 26  ALA n 
1 27  SER n 
1 28  GLY n 
1 29  GLY n 
1 30  GLN n 
1 31  PRO n 
1 32  ILE n 
1 33  THR n 
1 34  ASN n 
1 35  CYS n 
1 36  VAL n 
1 37  LYS n 
1 38  MET n 
1 39  LEU n 
1 40  CYS n 
1 41  THR n 
1 42  HIS n 
1 43  THR n 
1 44  GLY n 
1 45  THR n 
1 46  GLY n 
1 47  GLN n 
1 48  ALA n 
1 49  ILE n 
1 50  THR n 
1 51  VAL n 
1 52  THR n 
1 53  PRO n 
1 54  GLU n 
1 55  ALA n 
1 56  ASN n 
1 57  MET n 
1 58  ASP n 
1 59  GLN n 
1 60  GLU n 
1 61  SER n 
1 62  PHE n 
1 63  GLY n 
1 64  GLY n 
1 65  ALA n 
1 66  SER n 
1 67  CYS n 
1 68  CYS n 
1 69  LEU n 
1 70  TYR n 
1 71  CYS n 
1 72  ARG n 
1 73  CYS n 
1 74  HIS n 
1 75  ILE n 
1 76  ASP n 
1 77  HIS n 
1 78  PRO n 
1 79  ASN n 
1 80  PRO n 
1 81  LYS n 
1 82  GLY n 
1 83  PHE n 
1 84  CYS n 
1 85  ASP n 
1 86  LEU n 
1 87  LYS n 
1 88  GLY n 
1 89  LYS n 
1 90  TYR n 
1 91  VAL n 
1 92  GLN n 
1 93  ILE n 
1 94  PRO n 
1 95  THR n 
1 96  THR n 
1 97  CYS n 
1 98  ALA n 
1 99  ASN n 
1 100 ASP n 
1 101 PRO n 
1 102 VAL n 
1 103 GLY n 
1 104 PHE n 
1 105 THR n 
1 106 LEU n 
1 107 LYS n 
1 108 ASN n 
1 109 THR n 
1 110 VAL n 
1 111 CYS n 
1 112 THR n 
1 113 VAL n 
1 114 CYS n 
1 115 GLY n 
1 116 MET n 
1 117 TRP n 
1 118 LYS n 
1 119 GLY n 
1 120 TYR n 
1 121 GLY n 
1 122 CYS n 
1 123 SER n 
1 124 CYS n 
1 125 ASP n 
# 
_entity_src_gen.entity_id                          1 
_entity_src_gen.pdbx_src_id                        1 
_entity_src_gen.pdbx_alt_source_flag               sample 
_entity_src_gen.pdbx_seq_type                      'Biological sequence' 
_entity_src_gen.pdbx_beg_seq_num                   1 
_entity_src_gen.pdbx_end_seq_num                   125 
_entity_src_gen.gene_src_common_name               '2019-nCoV, SARS-CoV-2' 
_entity_src_gen.gene_src_genus                     ? 
_entity_src_gen.pdbx_gene_src_gene                 'rep, 1a-1b' 
_entity_src_gen.gene_src_species                   ? 
_entity_src_gen.gene_src_strain                    ? 
_entity_src_gen.gene_src_tissue                    ? 
_entity_src_gen.gene_src_tissue_fraction           ? 
_entity_src_gen.gene_src_details                   ? 
_entity_src_gen.pdbx_gene_src_fragment             ? 
_entity_src_gen.pdbx_gene_src_scientific_name      'Severe acute respiratory syndrome coronavirus 2' 
_entity_src_gen.pdbx_gene_src_ncbi_taxonomy_id     2697049 
_entity_src_gen.pdbx_gene_src_variant              ? 
_entity_src_gen.pdbx_gene_src_cell_line            ? 
_entity_src_gen.pdbx_gene_src_atcc                 ? 
_entity_src_gen.pdbx_gene_src_organ                ? 
_entity_src_gen.pdbx_gene_src_organelle            ? 
_entity_src_gen.pdbx_gene_src_cell                 ? 
_entity_src_gen.pdbx_gene_src_cellular_location    ? 
_entity_src_gen.host_org_common_name               ? 
_entity_src_gen.pdbx_host_org_scientific_name      'Escherichia coli' 
_entity_src_gen.pdbx_host_org_ncbi_taxonomy_id     562 
_entity_src_gen.host_org_genus                     ? 
_entity_src_gen.pdbx_host_org_gene                 ? 
_entity_src_gen.pdbx_host_org_organ                ? 
_entity_src_gen.host_org_species                   ? 
_entity_src_gen.pdbx_host_org_tissue               ? 
_entity_src_gen.pdbx_host_org_tissue_fraction      ? 
_entity_src_gen.pdbx_host_org_strain               ? 
_entity_src_gen.pdbx_host_org_variant              ? 
_entity_src_gen.pdbx_host_org_cell_line            ? 
_entity_src_gen.pdbx_host_org_atcc                 ? 
_entity_src_gen.pdbx_host_org_culture_collection   ? 
_entity_src_gen.pdbx_host_org_cell                 ? 
_entity_src_gen.pdbx_host_org_organelle            ? 
_entity_src_gen.pdbx_host_org_cellular_location    ? 
_entity_src_gen.pdbx_host_org_vector_type          ? 
_entity_src_gen.pdbx_host_org_vector               ? 
_entity_src_gen.host_org_details                   ? 
_entity_src_gen.expression_system_id               ? 
_entity_src_gen.plasmid_name                       ? 
_entity_src_gen.plasmid_details                    ? 
_entity_src_gen.pdbx_description                   ? 
# 
loop_
_chem_comp.id 
_chem_comp.type 
_chem_comp.mon_nstd_flag 
_chem_comp.name 
_chem_comp.pdbx_synonyms 
_chem_comp.formula 
_chem_comp.formula_weight 
ALA 'L-peptide linking' y ALANINE                                ?                               'C3 H7 N O2'     89.093  
ARG 'L-peptide linking' y ARGININE                               ?                               'C6 H15 N4 O2 1' 175.209 
ASN 'L-peptide linking' y ASPARAGINE                             ?                               'C4 H8 N2 O3'    132.118 
ASP 'L-peptide linking' y 'ASPARTIC ACID'                        ?                               'C4 H7 N O4'     133.103 
CL  non-polymer         . 'CHLORIDE ION'                         ?                               'Cl -1'          35.453  
CYS 'L-peptide linking' y CYSTEINE                               ?                               'C3 H7 N O2 S'   121.158 
DMS non-polymer         . 'DIMETHYL SULFOXIDE'                   ?                               'C2 H6 O S'      78.133  
GLN 'L-peptide linking' y GLUTAMINE                              ?                               'C5 H10 N2 O3'   146.144 
GLU 'L-peptide linking' y 'GLUTAMIC ACID'                        ?                               'C5 H9 N O4'     147.129 
GLY 'peptide linking'   y GLYCINE                                ?                               'C2 H5 N O2'     75.067  
GOL non-polymer         . GLYCEROL                               'GLYCERIN; PROPANE-1,2,3-TRIOL' 'C3 H8 O3'       92.094  
HIS 'L-peptide linking' y HISTIDINE                              ?                               'C6 H10 N3 O2 1' 156.162 
HOH non-polymer         . WATER                                  ?                               'H2 O'           18.015  
ILE 'L-peptide linking' y ISOLEUCINE                             ?                               'C6 H13 N O2'    131.173 
LEU 'L-peptide linking' y LEUCINE                                ?                               'C6 H13 N O2'    131.173 
LYS 'L-peptide linking' y LYSINE                                 ?                               'C6 H15 N2 O2 1' 147.195 
MET 'L-peptide linking' y METHIONINE                             ?                               'C5 H11 N O2 S'  149.211 
PHE 'L-peptide linking' y PHENYLALANINE                          ?                               'C9 H11 N O2'    165.189 
PRO 'L-peptide linking' y PROLINE                                ?                               'C5 H9 N O2'     115.130 
SER 'L-peptide linking' y SERINE                                 ?                               'C3 H7 N O3'     105.093 
THR 'L-peptide linking' y THREONINE                              ?                               'C4 H9 N O3'     119.119 
TRP 'L-peptide linking' y TRYPTOPHAN                             ?                               'C11 H12 N2 O2'  204.225 
TYR 'L-peptide linking' y TYROSINE                               ?                               'C9 H11 N O3'    181.189 
VAL 'L-peptide linking' y VALINE                                 ?                               'C5 H11 N O2'    117.146 
X4V non-polymer         . N~4~,N~4~-dimethylpyridine-2,4-diamine ?                               'C7 H11 N3'      137.182 
ZN  non-polymer         . 'ZINC ION'                             ?                               'Zn 2'           65.409  
# 
loop_
_pdbx_poly_seq_scheme.asym_id 
_pdbx_poly_seq_scheme.entity_id 
_pdbx_poly_seq_scheme.seq_id 
_pdbx_poly_seq_scheme.mon_id 
_pdbx_poly_seq_scheme.ndb_seq_num 
_pdbx_poly_seq_scheme.pdb_seq_num 
_pdbx_poly_seq_scheme.auth_seq_num 
_pdbx_poly_seq_scheme.pdb_mon_id 
_pdbx_poly_seq_scheme.auth_mon_id 
_pdbx_poly_seq_scheme.pdb_strand_id 
_pdbx_poly_seq_scheme.pdb_ins_code 
_pdbx_poly_seq_scheme.hetero 
A 1 1   THR 1   7   7   THR THR A . n 
A 1 2   MET 2   8   8   MET MET A . n 
A 1 3   GLY 3   9   9   GLY GLY A . n 
A 1 4   ASN 4   10  10  ASN ASN A . n 
A 1 5   SER 5   11  11  SER SER A . n 
A 1 6   THR 6   12  12  THR THR A . n 
A 1 7   VAL 7   13  13  VAL VAL A . n 
A 1 8   LEU 8   14  14  LEU LEU A . n 
A 1 9   SER 9   15  15  SER SER A . n 
A 1 10  PHE 10  16  16  PHE PHE A . n 
A 1 11  CYS 11  17  17  CYS CYS A . n 
A 1 12  ALA 12  18  18  ALA ALA A . n 
A 1 13  PHE 13  19  19  PHE PHE A . n 
A 1 14  ALA 14  20  20  ALA ALA A . n 
A 1 15  VAL 15  21  21  VAL VAL A . n 
A 1 16  ASP 16  22  22  ASP ASP A . n 
A 1 17  ALA 17  23  23  ALA ALA A . n 
A 1 18  ALA 18  24  24  ALA ALA A . n 
A 1 19  LYS 19  25  25  LYS LYS A . n 
A 1 20  ALA 20  26  26  ALA ALA A . n 
A 1 21  TYR 21  27  27  TYR TYR A . n 
A 1 22  LYS 22  28  28  LYS LYS A . n 
A 1 23  ASP 23  29  29  ASP ASP A . n 
A 1 24  TYR 24  30  30  TYR TYR A . n 
A 1 25  LEU 25  31  31  LEU LEU A . n 
A 1 26  ALA 26  32  32  ALA ALA A . n 
A 1 27  SER 27  33  33  SER SER A . n 
A 1 28  GLY 28  34  34  GLY GLY A . n 
A 1 29  GLY 29  35  35  GLY GLY A . n 
A 1 30  GLN 30  36  36  GLN GLN A . n 
A 1 31  PRO 31  37  37  PRO PRO A . n 
A 1 32  ILE 32  38  38  ILE ILE A . n 
A 1 33  THR 33  39  39  THR THR A . n 
A 1 34  ASN 34  40  40  ASN ASN A . n 
A 1 35  CYS 35  41  41  CYS CYS A . n 
A 1 36  VAL 36  42  42  VAL VAL A . n 
A 1 37  LYS 37  43  43  LYS LYS A . n 
A 1 38  MET 38  44  44  MET MET A . n 
A 1 39  LEU 39  45  45  LEU LEU A . n 
A 1 40  CYS 40  46  46  CYS CYS A . n 
A 1 41  THR 41  47  47  THR THR A . n 
A 1 42  HIS 42  48  48  HIS HIS A . n 
A 1 43  THR 43  49  49  THR THR A . n 
A 1 44  GLY 44  50  50  GLY GLY A . n 
A 1 45  THR 45  51  51  THR THR A . n 
A 1 46  GLY 46  52  52  GLY GLY A . n 
A 1 47  GLN 47  53  53  GLN GLN A . n 
A 1 48  ALA 48  54  54  ALA ALA A . n 
A 1 49  ILE 49  55  55  ILE ILE A . n 
A 1 50  THR 50  56  56  THR THR A . n 
A 1 51  VAL 51  57  57  VAL VAL A . n 
A 1 52  THR 52  58  58  THR THR A . n 
A 1 53  PRO 53  59  59  PRO PRO A . n 
A 1 54  GLU 54  60  60  GLU GLU A . n 
A 1 55  ALA 55  61  61  ALA ALA A . n 
A 1 56  ASN 56  62  62  ASN ASN A . n 
A 1 57  MET 57  63  63  MET MET A . n 
A 1 58  ASP 58  64  64  ASP ASP A . n 
A 1 59  GLN 59  65  65  GLN GLN A . n 
A 1 60  GLU 60  66  66  GLU GLU A . n 
A 1 61  SER 61  67  67  SER SER A . n 
A 1 62  PHE 62  68  68  PHE PHE A . n 
A 1 63  GLY 63  69  69  GLY GLY A . n 
A 1 64  GLY 64  70  70  GLY GLY A . n 
A 1 65  ALA 65  71  71  ALA ALA A . n 
A 1 66  SER 66  72  72  SER SER A . n 
A 1 67  CYS 67  73  73  CYS CYS A . n 
A 1 68  CYS 68  74  74  CYS CYS A . n 
A 1 69  LEU 69  75  75  LEU LEU A . n 
A 1 70  TYR 70  76  76  TYR TYR A . n 
A 1 71  CYS 71  77  77  CYS CYS A . n 
A 1 72  ARG 72  78  78  ARG ARG A . n 
A 1 73  CYS 73  79  79  CYS CYS A . n 
A 1 74  HIS 74  80  80  HIS HIS A . n 
A 1 75  ILE 75  81  81  ILE ILE A . n 
A 1 76  ASP 76  82  82  ASP ASP A . n 
A 1 77  HIS 77  83  83  HIS HIS A . n 
A 1 78  PRO 78  84  84  PRO PRO A . n 
A 1 79  ASN 79  85  85  ASN ASN A . n 
A 1 80  PRO 80  86  86  PRO PRO A . n 
A 1 81  LYS 81  87  87  LYS LYS A . n 
A 1 82  GLY 82  88  88  GLY GLY A . n 
A 1 83  PHE 83  89  89  PHE PHE A . n 
A 1 84  CYS 84  90  90  CYS CYS A . n 
A 1 85  ASP 85  91  91  ASP ASP A . n 
A 1 86  LEU 86  92  92  LEU LEU A . n 
A 1 87  LYS 87  93  93  LYS LYS A . n 
A 1 88  GLY 88  94  94  GLY GLY A . n 
A 1 89  LYS 89  95  95  LYS LYS A . n 
A 1 90  TYR 90  96  96  TYR TYR A . n 
A 1 91  VAL 91  97  97  VAL VAL A . n 
A 1 92  GLN 92  98  98  GLN GLN A . n 
A 1 93  ILE 93  99  99  ILE ILE A . n 
A 1 94  PRO 94  100 100 PRO PRO A . n 
A 1 95  THR 95  101 101 THR THR A . n 
A 1 96  THR 96  102 102 THR THR A . n 
A 1 97  CYS 97  103 103 CYS CYS A . n 
A 1 98  ALA 98  104 104 ALA ALA A . n 
A 1 99  ASN 99  105 105 ASN ASN A . n 
A 1 100 ASP 100 106 106 ASP ASP A . n 
A 1 101 PRO 101 107 107 PRO PRO A . n 
A 1 102 VAL 102 108 108 VAL VAL A . n 
A 1 103 GLY 103 109 109 GLY GLY A . n 
A 1 104 PHE 104 110 110 PHE PHE A . n 
A 1 105 THR 105 111 111 THR THR A . n 
A 1 106 LEU 106 112 112 LEU LEU A . n 
A 1 107 LYS 107 113 113 LYS LYS A . n 
A 1 108 ASN 108 114 114 ASN ASN A . n 
A 1 109 THR 109 115 115 THR THR A . n 
A 1 110 VAL 110 116 116 VAL VAL A . n 
A 1 111 CYS 111 117 117 CYS CYS A . n 
A 1 112 THR 112 118 118 THR THR A . n 
A 1 113 VAL 113 119 119 VAL VAL A . n 
A 1 114 CYS 114 120 120 CYS CYS A . n 
A 1 115 GLY 115 121 121 GLY GLY A . n 
A 1 116 MET 116 122 122 MET MET A . n 
A 1 117 TRP 117 123 123 TRP TRP A . n 
A 1 118 LYS 118 124 124 LYS LYS A . n 
A 1 119 GLY 119 125 125 GLY GLY A . n 
A 1 120 TYR 120 126 126 TYR TYR A . n 
A 1 121 GLY 121 127 127 GLY GLY A . n 
A 1 122 CYS 122 128 128 CYS CYS A . n 
A 1 123 SER 123 129 129 SER SER A . n 
A 1 124 CYS 124 130 130 CYS CYS A . n 
A 1 125 ASP 125 131 ?   ?   ?   A . n 
# 
loop_
_pdbx_nonpoly_scheme.asym_id 
_pdbx_nonpoly_scheme.entity_id 
_pdbx_nonpoly_scheme.mon_id 
_pdbx_nonpoly_scheme.ndb_seq_num 
_pdbx_nonpoly_scheme.pdb_seq_num 
_pdbx_nonpoly_scheme.auth_seq_num 
_pdbx_nonpoly_scheme.pdb_mon_id 
_pdbx_nonpoly_scheme.auth_mon_id 
_pdbx_nonpoly_scheme.pdb_strand_id 
_pdbx_nonpoly_scheme.pdb_ins_code 
B 2 ZN  1  201 201 ZN  ZN  A . 
C 2 ZN  1  202 202 ZN  ZN  A . 
D 3 DMS 1  203 203 DMS DMS A . 
E 3 DMS 1  204 204 DMS DMS A . 
F 4 X4V 1  205 205 X4V DRG A . 
G 5 GOL 1  206 206 GOL GOL A . 
H 6 CL  1  207 1   CL  CL  A . 
I 6 CL  1  208 2   CL  CL  A . 
J 6 CL  1  209 3   CL  CL  A . 
K 7 HOH 1  301 104 HOH HOH A . 
K 7 HOH 2  302 21  HOH HOH A . 
K 7 HOH 3  303 75  HOH HOH A . 
K 7 HOH 4  304 83  HOH HOH A . 
K 7 HOH 5  305 85  HOH HOH A . 
K 7 HOH 6  306 67  HOH HOH A . 
K 7 HOH 7  307 89  HOH HOH A . 
K 7 HOH 8  308 59  HOH HOH A . 
K 7 HOH 9  309 27  HOH HOH A . 
K 7 HOH 10 310 22  HOH HOH A . 
K 7 HOH 11 311 34  HOH HOH A . 
K 7 HOH 12 312 55  HOH HOH A . 
K 7 HOH 13 313 81  HOH HOH A . 
K 7 HOH 14 314 15  HOH HOH A . 
K 7 HOH 15 315 28  HOH HOH A . 
K 7 HOH 16 316 36  HOH HOH A . 
K 7 HOH 17 317 69  HOH HOH A . 
K 7 HOH 18 318 30  HOH HOH A . 
K 7 HOH 19 319 50  HOH HOH A . 
K 7 HOH 20 320 37  HOH HOH A . 
K 7 HOH 21 321 92  HOH HOH A . 
K 7 HOH 22 322 76  HOH HOH A . 
K 7 HOH 23 323 42  HOH HOH A . 
K 7 HOH 24 324 26  HOH HOH A . 
K 7 HOH 25 325 4   HOH HOH A . 
K 7 HOH 26 326 64  HOH HOH A . 
K 7 HOH 27 327 23  HOH HOH A . 
K 7 HOH 28 328 103 HOH HOH A . 
K 7 HOH 29 329 5   HOH HOH A . 
K 7 HOH 30 330 2   HOH HOH A . 
K 7 HOH 31 331 14  HOH HOH A . 
K 7 HOH 32 332 6   HOH HOH A . 
K 7 HOH 33 333 62  HOH HOH A . 
K 7 HOH 34 334 7   HOH HOH A . 
K 7 HOH 35 335 31  HOH HOH A . 
K 7 HOH 36 336 58  HOH HOH A . 
K 7 HOH 37 337 20  HOH HOH A . 
K 7 HOH 38 338 65  HOH HOH A . 
K 7 HOH 39 339 11  HOH HOH A . 
K 7 HOH 40 340 17  HOH HOH A . 
K 7 HOH 41 341 77  HOH HOH A . 
K 7 HOH 42 342 68  HOH HOH A . 
K 7 HOH 43 343 98  HOH HOH A . 
K 7 HOH 44 344 70  HOH HOH A . 
K 7 HOH 45 345 24  HOH HOH A . 
K 7 HOH 46 346 9   HOH HOH A . 
K 7 HOH 47 347 13  HOH HOH A . 
K 7 HOH 48 348 38  HOH HOH A . 
K 7 HOH 49 349 25  HOH HOH A . 
K 7 HOH 50 350 35  HOH HOH A . 
K 7 HOH 51 351 12  HOH HOH A . 
K 7 HOH 52 352 16  HOH HOH A . 
K 7 HOH 53 353 32  HOH HOH A . 
K 7 HOH 54 354 43  HOH HOH A . 
K 7 HOH 55 355 105 HOH HOH A . 
K 7 HOH 56 356 57  HOH HOH A . 
K 7 HOH 57 357 18  HOH HOH A . 
K 7 HOH 58 358 82  HOH HOH A . 
K 7 HOH 59 359 99  HOH HOH A . 
K 7 HOH 60 360 56  HOH HOH A . 
K 7 HOH 61 361 66  HOH HOH A . 
K 7 HOH 62 362 33  HOH HOH A . 
K 7 HOH 63 363 63  HOH HOH A . 
K 7 HOH 64 364 51  HOH HOH A . 
K 7 HOH 65 365 3   HOH HOH A . 
K 7 HOH 66 366 91  HOH HOH A . 
K 7 HOH 67 367 39  HOH HOH A . 
K 7 HOH 68 368 44  HOH HOH A . 
K 7 HOH 69 369 8   HOH HOH A . 
K 7 HOH 70 370 95  HOH HOH A . 
K 7 HOH 71 371 60  HOH HOH A . 
K 7 HOH 72 372 41  HOH HOH A . 
K 7 HOH 73 373 53  HOH HOH A . 
K 7 HOH 74 374 49  HOH HOH A . 
K 7 HOH 75 375 19  HOH HOH A . 
K 7 HOH 76 376 73  HOH HOH A . 
K 7 HOH 77 377 78  HOH HOH A . 
K 7 HOH 78 378 46  HOH HOH A . 
K 7 HOH 79 379 84  HOH HOH A . 
K 7 HOH 80 380 47  HOH HOH A . 
K 7 HOH 81 381 97  HOH HOH A . 
K 7 HOH 82 382 100 HOH HOH A . 
K 7 HOH 83 383 71  HOH HOH A . 
K 7 HOH 84 384 86  HOH HOH A . 
K 7 HOH 85 385 72  HOH HOH A . 
K 7 HOH 86 386 29  HOH HOH A . 
K 7 HOH 87 387 90  HOH HOH A . 
K 7 HOH 88 388 61  HOH HOH A . 
K 7 HOH 89 389 54  HOH HOH A . 
K 7 HOH 90 390 40  HOH HOH A . 
K 7 HOH 91 391 48  HOH HOH A . 
K 7 HOH 92 392 79  HOH HOH A . 
K 7 HOH 93 393 80  HOH HOH A . 
K 7 HOH 94 394 74  HOH HOH A . 
# 
loop_
_software.citation_id 
_software.classification 
_software.compiler_name 
_software.compiler_version 
_software.contact_author 
_software.contact_author_email 
_software.date 
_software.description 
_software.dependencies 
_software.hardware 
_software.language 
_software.location 
_software.mods 
_software.name 
_software.os 
_software.os_version 
_software.type 
_software.version 
_software.pdbx_ordinal 
? 'data scaling'    ? ? ? ? ? ? ? ? ? ? ? Aimless     ? ? ? 0.7.4    1 
? refinement        ? ? ? ? ? ? ? ? ? ? ? REFMAC      ? ? ? 5.8.0267 2 
? 'data extraction' ? ? ? ? ? ? ? ? ? ? ? PDB_EXTRACT ? ? ? 3.27     3 
? 'data reduction'  ? ? ? ? ? ? ? ? ? ? ? XDS         ? ? ? .        4 
? phasing           ? ? ? ? ? ? ? ? ? ? ? PHASER      ? ? ? .        5 
# 
_cell.angle_alpha                  90.000 
_cell.angle_alpha_esd              ? 
_cell.angle_beta                   90.000 
_cell.angle_beta_esd               ? 
_cell.angle_gamma                  90.000 
_cell.angle_gamma_esd              ? 
_cell.entry_id                     7ORV 
_cell.details                      ? 
_cell.formula_units_Z              ? 
_cell.length_a                     107.236 
_cell.length_a_esd                 ? 
_cell.length_b                     107.236 
_cell.length_b_esd                 ? 
_cell.length_c                     107.236 
_cell.length_c_esd                 ? 
_cell.volume                       ? 
_cell.volume_esd                   ? 
_cell.Z_PDB                        24 
_cell.reciprocal_angle_alpha       ? 
_cell.reciprocal_angle_beta        ? 
_cell.reciprocal_angle_gamma       ? 
_cell.reciprocal_angle_alpha_esd   ? 
_cell.reciprocal_angle_beta_esd    ? 
_cell.reciprocal_angle_gamma_esd   ? 
_cell.reciprocal_length_a          ? 
_cell.reciprocal_length_b          ? 
_cell.reciprocal_length_c          ? 
_cell.reciprocal_length_a_esd      ? 
_cell.reciprocal_length_b_esd      ? 
_cell.reciprocal_length_c_esd      ? 
_cell.pdbx_unique_axis             ? 
# 
_symmetry.entry_id                         7ORV 
_symmetry.cell_setting                     ? 
_symmetry.Int_Tables_number                199 
_symmetry.space_group_name_Hall            ? 
_symmetry.space_group_name_H-M             'I 21 3' 
_symmetry.pdbx_full_space_group_name_H-M   ? 
# 
_exptl.absorpt_coefficient_mu     ? 
_exptl.absorpt_correction_T_max   ? 
_exptl.absorpt_correction_T_min   ? 
_exptl.absorpt_correction_type    ? 
_exptl.absorpt_process_details    ? 
_exptl.entry_id                   7ORV 
_exptl.crystals_number            1 
_exptl.details                    ? 
_exptl.method                     'X-RAY DIFFRACTION' 
_exptl.method_details             ? 
# 
_exptl_crystal.colour                      ? 
_exptl_crystal.density_diffrn              ? 
_exptl_crystal.density_Matthews            3.87 
_exptl_crystal.density_method              ? 
_exptl_crystal.density_percent_sol         68.20 
_exptl_crystal.description                 ? 
_exptl_crystal.F_000                       ? 
_exptl_crystal.id                          1 
_exptl_crystal.preparation                 ? 
_exptl_crystal.size_max                    ? 
_exptl_crystal.size_mid                    ? 
_exptl_crystal.size_min                    ? 
_exptl_crystal.size_rad                    ? 
_exptl_crystal.colour_lustre               ? 
_exptl_crystal.colour_modifier             ? 
_exptl_crystal.colour_primary              ? 
_exptl_crystal.density_meas                ? 
_exptl_crystal.density_meas_esd            ? 
_exptl_crystal.density_meas_gt             ? 
_exptl_crystal.density_meas_lt             ? 
_exptl_crystal.density_meas_temp           ? 
_exptl_crystal.density_meas_temp_esd       ? 
_exptl_crystal.density_meas_temp_gt        ? 
_exptl_crystal.density_meas_temp_lt        ? 
_exptl_crystal.pdbx_crystal_image_url      ? 
_exptl_crystal.pdbx_crystal_image_format   ? 
_exptl_crystal.pdbx_mosaicity              ? 
_exptl_crystal.pdbx_mosaicity_esd          ? 
# 
_exptl_crystal_grow.apparatus       ? 
_exptl_crystal_grow.atmosphere      ? 
_exptl_crystal_grow.crystal_id      1 
_exptl_crystal_grow.details         ? 
_exptl_crystal_grow.method          'VAPOR DIFFUSION, SITTING DROP' 
_exptl_crystal_grow.method_ref      ? 
_exptl_crystal_grow.pH              6.7 
_exptl_crystal_grow.pressure        ? 
_exptl_crystal_grow.pressure_esd    ? 
_exptl_crystal_grow.seeding         ? 
_exptl_crystal_grow.seeding_ref     ? 
_exptl_crystal_grow.temp            293 
_exptl_crystal_grow.temp_details    ? 
_exptl_crystal_grow.temp_esd        ? 
_exptl_crystal_grow.time            ? 
_exptl_crystal_grow.pdbx_details    
;Protein - 63 mg/mL in 50 mM Tris/HCl pH 8.0, 150 mM NaCl; precipitant (reservoir) - 0.1 M Bis-Tris/HCl pH 6.7, 2.4 M NaCl; 1:1, 1:2, 2:1 protein-to-precipitant ratios, 300 nL total drop volume. Soaking: reservoir solution, supplemented to 50 mM ligand, 5% (v/v) DMSO, 15% (v/v) glycerol; 2 h, 293K.
;
_exptl_crystal_grow.pdbx_pH_range   ? 
# 
_diffrn.ambient_environment              ? 
_diffrn.ambient_temp                     100 
_diffrn.ambient_temp_details             ? 
_diffrn.ambient_temp_esd                 ? 
_diffrn.crystal_id                       1 
_diffrn.crystal_support                  ? 
_diffrn.crystal_treatment                ? 
_diffrn.details                          ? 
_diffrn.id                               1 
_diffrn.ambient_pressure                 ? 
_diffrn.ambient_pressure_esd             ? 
_diffrn.ambient_pressure_gt              ? 
_diffrn.ambient_pressure_lt              ? 
_diffrn.ambient_temp_gt                  ? 
_diffrn.ambient_temp_lt                  ? 
_diffrn.pdbx_serial_crystal_experiment   N 
# 
_diffrn_detector.details                      ? 
_diffrn_detector.detector                     PIXEL 
_diffrn_detector.diffrn_id                    1 
_diffrn_detector.type                         'DECTRIS EIGER X 16M' 
_diffrn_detector.area_resol_mean              ? 
_diffrn_detector.dtime                        ? 
_diffrn_detector.pdbx_frames_total            ? 
_diffrn_detector.pdbx_collection_time_total   ? 
_diffrn_detector.pdbx_collection_date         2020-11-06 
_diffrn_detector.pdbx_frequency               ? 
# 
_diffrn_radiation.collimation                      ? 
_diffrn_radiation.diffrn_id                        1 
_diffrn_radiation.filter_edge                      ? 
_diffrn_radiation.inhomogeneity                    ? 
_diffrn_radiation.monochromator                    ? 
_diffrn_radiation.polarisn_norm                    ? 
_diffrn_radiation.polarisn_ratio                   ? 
_diffrn_radiation.probe                            ? 
_diffrn_radiation.type                             ? 
_diffrn_radiation.xray_symbol                      ? 
_diffrn_radiation.wavelength_id                    1 
_diffrn_radiation.pdbx_monochromatic_or_laue_m_l   M 
_diffrn_radiation.pdbx_wavelength_list             ? 
_diffrn_radiation.pdbx_wavelength                  ? 
_diffrn_radiation.pdbx_diffrn_protocol             'SINGLE WAVELENGTH' 
_diffrn_radiation.pdbx_analyzer                    ? 
_diffrn_radiation.pdbx_scattering_type             x-ray 
# 
_diffrn_radiation_wavelength.id           1 
_diffrn_radiation_wavelength.wavelength   0.9788 
_diffrn_radiation_wavelength.wt           1.0 
# 
_diffrn_source.current                     ? 
_diffrn_source.details                     ? 
_diffrn_source.diffrn_id                   1 
_diffrn_source.power                       ? 
_diffrn_source.size                        ? 
_diffrn_source.source                      SYNCHROTRON 
_diffrn_source.target                      ? 
_diffrn_source.type                        'MAX IV BEAMLINE BioMAX' 
_diffrn_source.voltage                     ? 
_diffrn_source.take-off_angle              ? 
_diffrn_source.pdbx_wavelength_list        0.9788 
_diffrn_source.pdbx_wavelength             ? 
_diffrn_source.pdbx_synchrotron_beamline   BioMAX 
_diffrn_source.pdbx_synchrotron_site       'MAX IV' 
# 
_reflns.B_iso_Wilson_estimate                          ? 
_reflns.entry_id                                       7ORV 
_reflns.data_reduction_details                         ? 
_reflns.data_reduction_method                          ? 
_reflns.d_resolution_high                              1.950 
_reflns.d_resolution_low                               28.66 
_reflns.details                                        ? 
_reflns.limit_h_max                                    ? 
_reflns.limit_h_min                                    ? 
_reflns.limit_k_max                                    ? 
_reflns.limit_k_min                                    ? 
_reflns.limit_l_max                                    ? 
_reflns.limit_l_min                                    ? 
_reflns.number_all                                     ? 
_reflns.number_obs                                     15070 
_reflns.observed_criterion                             ? 
_reflns.observed_criterion_F_max                       ? 
_reflns.observed_criterion_F_min                       ? 
_reflns.observed_criterion_I_max                       ? 
_reflns.observed_criterion_I_min                       ? 
_reflns.observed_criterion_sigma_F                     ? 
_reflns.observed_criterion_sigma_I                     ? 
_reflns.percent_possible_obs                           99.800 
_reflns.R_free_details                                 ? 
_reflns.Rmerge_F_all                                   ? 
_reflns.Rmerge_F_obs                                   ? 
_reflns.Friedel_coverage                               ? 
_reflns.number_gt                                      ? 
_reflns.threshold_expression                           ? 
_reflns.pdbx_redundancy                                9.900 
_reflns.pdbx_Rmerge_I_obs                              0.072 
_reflns.pdbx_Rmerge_I_all                              ? 
_reflns.pdbx_Rsym_value                                ? 
_reflns.pdbx_netI_over_av_sigmaI                       ? 
_reflns.pdbx_netI_over_sigmaI                          14.800 
_reflns.pdbx_res_netI_over_av_sigmaI_2                 ? 
_reflns.pdbx_res_netI_over_sigmaI_2                    ? 
_reflns.pdbx_chi_squared                               ? 
_reflns.pdbx_scaling_rejects                           ? 
_reflns.pdbx_d_res_high_opt                            ? 
_reflns.pdbx_d_res_low_opt                             ? 
_reflns.pdbx_d_res_opt_method                          ? 
_reflns.phase_calculation_details                      ? 
_reflns.pdbx_Rrim_I_all                                0.077 
_reflns.pdbx_Rpim_I_all                                0.024 
_reflns.pdbx_d_opt                                     ? 
_reflns.pdbx_number_measured_all                       ? 
_reflns.pdbx_diffrn_id                                 1 
_reflns.pdbx_ordinal                                   1 
_reflns.pdbx_CC_half                                   0.999 
_reflns.pdbx_CC_star                                   ? 
_reflns.pdbx_R_split                                   ? 
_reflns.pdbx_aniso_diffraction_limit_axis_1_ortho[1]   ? 
_reflns.pdbx_aniso_diffraction_limit_axis_1_ortho[2]   ? 
_reflns.pdbx_aniso_diffraction_limit_axis_1_ortho[3]   ? 
_reflns.pdbx_aniso_diffraction_limit_axis_2_ortho[1]   ? 
_reflns.pdbx_aniso_diffraction_limit_axis_2_ortho[2]   ? 
_reflns.pdbx_aniso_diffraction_limit_axis_2_ortho[3]   ? 
_reflns.pdbx_aniso_diffraction_limit_axis_3_ortho[1]   ? 
_reflns.pdbx_aniso_diffraction_limit_axis_3_ortho[2]   ? 
_reflns.pdbx_aniso_diffraction_limit_axis_3_ortho[3]   ? 
_reflns.pdbx_aniso_diffraction_limit_1                 ? 
_reflns.pdbx_aniso_diffraction_limit_2                 ? 
_reflns.pdbx_aniso_diffraction_limit_3                 ? 
_reflns.pdbx_aniso_B_tensor_eigenvector_1_ortho[1]     ? 
_reflns.pdbx_aniso_B_tensor_eigenvector_1_ortho[2]     ? 
_reflns.pdbx_aniso_B_tensor_eigenvector_1_ortho[3]     ? 
_reflns.pdbx_aniso_B_tensor_eigenvector_2_ortho[1]     ? 
_reflns.pdbx_aniso_B_tensor_eigenvector_2_ortho[2]     ? 
_reflns.pdbx_aniso_B_tensor_eigenvector_2_ortho[3]     ? 
_reflns.pdbx_aniso_B_tensor_eigenvector_3_ortho[1]     ? 
_reflns.pdbx_aniso_B_tensor_eigenvector_3_ortho[2]     ? 
_reflns.pdbx_aniso_B_tensor_eigenvector_3_ortho[3]     ? 
_reflns.pdbx_aniso_B_tensor_eigenvalue_1               ? 
_reflns.pdbx_aniso_B_tensor_eigenvalue_2               ? 
_reflns.pdbx_aniso_B_tensor_eigenvalue_3               ? 
_reflns.pdbx_orthogonalization_convention              ? 
_reflns.pdbx_percent_possible_ellipsoidal              ? 
_reflns.pdbx_percent_possible_spherical                ? 
_reflns.pdbx_percent_possible_ellipsoidal_anomalous    ? 
_reflns.pdbx_percent_possible_spherical_anomalous      ? 
_reflns.pdbx_redundancy_anomalous                      ? 
_reflns.pdbx_CC_half_anomalous                         ? 
_reflns.pdbx_absDiff_over_sigma_anomalous              ? 
_reflns.pdbx_percent_possible_anomalous                ? 
_reflns.pdbx_observed_signal_threshold                 ? 
_reflns.pdbx_signal_type                               ? 
_reflns.pdbx_signal_details                            ? 
_reflns.pdbx_signal_software_id                        ? 
# 
loop_
_reflns_shell.d_res_high 
_reflns_shell.d_res_low 
_reflns_shell.meanI_over_sigI_all 
_reflns_shell.meanI_over_sigI_obs 
_reflns_shell.number_measured_all 
_reflns_shell.number_measured_obs 
_reflns_shell.number_possible 
_reflns_shell.number_unique_all 
_reflns_shell.number_unique_obs 
_reflns_shell.percent_possible_all 
_reflns_shell.percent_possible_obs 
_reflns_shell.Rmerge_F_all 
_reflns_shell.Rmerge_F_obs 
_reflns_shell.Rmerge_I_all 
_reflns_shell.Rmerge_I_obs 
_reflns_shell.meanI_over_sigI_gt 
_reflns_shell.meanI_over_uI_all 
_reflns_shell.meanI_over_uI_gt 
_reflns_shell.number_measured_gt 
_reflns_shell.number_unique_gt 
_reflns_shell.percent_possible_gt 
_reflns_shell.Rmerge_F_gt 
_reflns_shell.Rmerge_I_gt 
_reflns_shell.pdbx_redundancy 
_reflns_shell.pdbx_Rsym_value 
_reflns_shell.pdbx_chi_squared 
_reflns_shell.pdbx_netI_over_sigmaI_all 
_reflns_shell.pdbx_netI_over_sigmaI_obs 
_reflns_shell.pdbx_Rrim_I_all 
_reflns_shell.pdbx_Rpim_I_all 
_reflns_shell.pdbx_rejects 
_reflns_shell.pdbx_ordinal 
_reflns_shell.pdbx_diffrn_id 
_reflns_shell.pdbx_CC_half 
_reflns_shell.pdbx_CC_star 
_reflns_shell.pdbx_R_split 
_reflns_shell.pdbx_percent_possible_ellipsoidal 
_reflns_shell.pdbx_percent_possible_spherical 
_reflns_shell.pdbx_percent_possible_ellipsoidal_anomalous 
_reflns_shell.pdbx_percent_possible_spherical_anomalous 
_reflns_shell.pdbx_redundancy_anomalous 
_reflns_shell.pdbx_CC_half_anomalous 
_reflns_shell.pdbx_absDiff_over_sigma_anomalous 
_reflns_shell.pdbx_percent_possible_anomalous 
1.950 2.000  ? ? 10876 ? ? ? 1060 100.000 ? ? ? ? 1.015 ? ? ? ? ? ? ? ? 10.300 ? ? ? 1.600  1.068 0.333 ? 1 1 0.752 ? ? ? ? ? ? ? 
? ? ? 
8.940 28.660 ? ? 973   ? ? ? 138  80.100  ? ? ? ? 0.047 ? ? ? ? ? ? ? ? 7.100  ? ? ? 28.600 0.051 0.019 ? 2 1 0.997 ? ? ? ? ? ? ? 
? ? ? 
# 
_refine.aniso_B[1][1]                            0.0000 
_refine.aniso_B[1][2]                            0.0000 
_refine.aniso_B[1][3]                            0.0000 
_refine.aniso_B[2][2]                            0.0000 
_refine.aniso_B[2][3]                            0.0000 
_refine.aniso_B[3][3]                            0.0000 
_refine.B_iso_max                                103.100 
_refine.B_iso_mean                               48.6830 
_refine.B_iso_min                                36.940 
_refine.correlation_coeff_Fo_to_Fc               0.9740 
_refine.correlation_coeff_Fo_to_Fc_free          0.9600 
_refine.details                                  
'HYDROGENS HAVE BEEN ADDED IN THE RIDING POSITIONS U VALUES      : REFINED INDIVIDUALLY' 
_refine.diff_density_max                         ? 
_refine.diff_density_max_esd                     ? 
_refine.diff_density_min                         ? 
_refine.diff_density_min_esd                     ? 
_refine.diff_density_rms                         ? 
_refine.diff_density_rms_esd                     ? 
_refine.entry_id                                 7ORV 
_refine.pdbx_refine_id                           'X-RAY DIFFRACTION' 
_refine.ls_abs_structure_details                 ? 
_refine.ls_abs_structure_Flack                   ? 
_refine.ls_abs_structure_Flack_esd               ? 
_refine.ls_abs_structure_Rogers                  ? 
_refine.ls_abs_structure_Rogers_esd              ? 
_refine.ls_d_res_high                            1.9500 
_refine.ls_d_res_low                             28.66 
_refine.ls_extinction_coef                       ? 
_refine.ls_extinction_coef_esd                   ? 
_refine.ls_extinction_expression                 ? 
_refine.ls_extinction_method                     ? 
_refine.ls_goodness_of_fit_all                   ? 
_refine.ls_goodness_of_fit_all_esd               ? 
_refine.ls_goodness_of_fit_obs                   ? 
_refine.ls_goodness_of_fit_obs_esd               ? 
_refine.ls_hydrogen_treatment                    ? 
_refine.ls_matrix_type                           ? 
_refine.ls_number_constraints                    ? 
_refine.ls_number_parameters                     ? 
_refine.ls_number_reflns_all                     ? 
_refine.ls_number_reflns_obs                     14280 
_refine.ls_number_reflns_R_free                  790 
_refine.ls_number_reflns_R_work                  ? 
_refine.ls_number_restraints                     ? 
_refine.ls_percent_reflns_obs                    99.7000 
_refine.ls_percent_reflns_R_free                 5.2000 
_refine.ls_R_factor_all                          ? 
_refine.ls_R_factor_obs                          0.1719 
_refine.ls_R_factor_R_free                       0.2020 
_refine.ls_R_factor_R_free_error                 ? 
_refine.ls_R_factor_R_free_error_details         ? 
_refine.ls_R_factor_R_work                       0.1703 
_refine.ls_R_Fsqd_factor_obs                     ? 
_refine.ls_R_I_factor_obs                        ? 
_refine.ls_redundancy_reflns_all                 ? 
_refine.ls_redundancy_reflns_obs                 ? 
_refine.ls_restrained_S_all                      ? 
_refine.ls_restrained_S_obs                      ? 
_refine.ls_shift_over_esd_max                    ? 
_refine.ls_shift_over_esd_mean                   ? 
_refine.ls_structure_factor_coef                 ? 
_refine.ls_weighting_details                     ? 
_refine.ls_weighting_scheme                      ? 
_refine.ls_wR_factor_all                         ? 
_refine.ls_wR_factor_obs                         ? 
_refine.ls_wR_factor_R_free                      ? 
_refine.ls_wR_factor_R_work                      ? 
_refine.occupancy_max                            ? 
_refine.occupancy_min                            ? 
_refine.solvent_model_details                    MASK 
_refine.solvent_model_param_bsol                 ? 
_refine.solvent_model_param_ksol                 ? 
_refine.pdbx_R_complete                          ? 
_refine.ls_R_factor_gt                           ? 
_refine.ls_goodness_of_fit_gt                    ? 
_refine.ls_goodness_of_fit_ref                   ? 
_refine.ls_shift_over_su_max                     ? 
_refine.ls_shift_over_su_max_lt                  ? 
_refine.ls_shift_over_su_mean                    ? 
_refine.ls_shift_over_su_mean_lt                 ? 
_refine.pdbx_ls_sigma_I                          ? 
_refine.pdbx_ls_sigma_F                          0.000 
_refine.pdbx_ls_sigma_Fsqd                       ? 
_refine.pdbx_data_cutoff_high_absF               ? 
_refine.pdbx_data_cutoff_high_rms_absF           ? 
_refine.pdbx_data_cutoff_low_absF                ? 
_refine.pdbx_isotropic_thermal_model             ? 
_refine.pdbx_ls_cross_valid_method               THROUGHOUT 
_refine.pdbx_method_to_determine_struct          'MOLECULAR REPLACEMENT' 
_refine.pdbx_starting_model                      6ZPE 
_refine.pdbx_stereochemistry_target_values       'MAXIMUM LIKELIHOOD' 
_refine.pdbx_R_Free_selection_details            RANDOM 
_refine.pdbx_stereochem_target_val_spec_case     ? 
_refine.pdbx_overall_ESU_R                       0.1090 
_refine.pdbx_overall_ESU_R_Free                  0.1090 
_refine.pdbx_solvent_vdw_probe_radii             1.2000 
_refine.pdbx_solvent_ion_probe_radii             0.8000 
_refine.pdbx_solvent_shrinkage_radii             0.8000 
_refine.pdbx_real_space_R                        ? 
_refine.pdbx_density_correlation                 ? 
_refine.pdbx_pd_number_of_powder_patterns        ? 
_refine.pdbx_pd_number_of_points                 ? 
_refine.pdbx_pd_meas_number_of_points            ? 
_refine.pdbx_pd_proc_ls_prof_R_factor            ? 
_refine.pdbx_pd_proc_ls_prof_wR_factor           ? 
_refine.pdbx_pd_Marquardt_correlation_coeff      ? 
_refine.pdbx_pd_Fsqrd_R_factor                   ? 
_refine.pdbx_pd_ls_matrix_band_width             ? 
_refine.pdbx_overall_phase_error                 ? 
_refine.pdbx_overall_SU_R_free_Cruickshank_DPI   ? 
_refine.pdbx_overall_SU_R_free_Blow_DPI          ? 
_refine.pdbx_overall_SU_R_Blow_DPI               ? 
_refine.pdbx_TLS_residual_ADP_flag               ? 
_refine.pdbx_diffrn_id                           1 
_refine.overall_SU_B                             2.9900 
_refine.overall_SU_ML                            0.0820 
_refine.overall_SU_R_Cruickshank_DPI             ? 
_refine.overall_SU_R_free                        ? 
_refine.overall_FOM_free_R_set                   ? 
_refine.overall_FOM_work_R_set                   ? 
_refine.pdbx_average_fsc_overall                 ? 
_refine.pdbx_average_fsc_work                    ? 
_refine.pdbx_average_fsc_free                    ? 
# 
_refine_hist.pdbx_refine_id                   'X-RAY DIFFRACTION' 
_refine_hist.cycle_id                         final 
_refine_hist.details                          ? 
_refine_hist.d_res_high                       1.9500 
_refine_hist.d_res_low                        28.66 
_refine_hist.number_atoms_solvent             94 
_refine_hist.number_atoms_total               1032 
_refine_hist.number_reflns_all                ? 
_refine_hist.number_reflns_obs                ? 
_refine_hist.number_reflns_R_free             ? 
_refine_hist.number_reflns_R_work             ? 
_refine_hist.R_factor_all                     ? 
_refine_hist.R_factor_obs                     ? 
_refine_hist.R_factor_R_free                  ? 
_refine_hist.R_factor_R_work                  ? 
_refine_hist.pdbx_number_residues_total       124 
_refine_hist.pdbx_B_iso_mean_ligand           61.18 
_refine_hist.pdbx_B_iso_mean_solvent          54.95 
_refine_hist.pdbx_number_atoms_protein        909 
_refine_hist.pdbx_number_atoms_nucleic_acid   0 
_refine_hist.pdbx_number_atoms_ligand         29 
_refine_hist.pdbx_number_atoms_lipid          ? 
_refine_hist.pdbx_number_atoms_carb           ? 
_refine_hist.pdbx_pseudo_atom_details         ? 
# 
loop_
_refine_ls_restr.pdbx_refine_id 
_refine_ls_restr.criterion 
_refine_ls_restr.dev_ideal 
_refine_ls_restr.dev_ideal_target 
_refine_ls_restr.number 
_refine_ls_restr.rejects 
_refine_ls_restr.type 
_refine_ls_restr.weight 
_refine_ls_restr.pdbx_restraint_function 
'X-RAY DIFFRACTION' ? 0.005  0.013  964  ? r_bond_refined_d       ? ? 
'X-RAY DIFFRACTION' ? 0.001  0.017  882  ? r_bond_other_d         ? ? 
'X-RAY DIFFRACTION' ? 1.335  1.646  1307 ? r_angle_refined_deg    ? ? 
'X-RAY DIFFRACTION' ? 1.251  1.579  2041 ? r_angle_other_deg      ? ? 
'X-RAY DIFFRACTION' ? 6.327  5.000  127  ? r_dihedral_angle_1_deg ? ? 
'X-RAY DIFFRACTION' ? 33.277 24.857 35   ? r_dihedral_angle_2_deg ? ? 
'X-RAY DIFFRACTION' ? 12.917 15.000 147  ? r_dihedral_angle_3_deg ? ? 
'X-RAY DIFFRACTION' ? 4.297  15.000 1    ? r_dihedral_angle_4_deg ? ? 
'X-RAY DIFFRACTION' ? 0.054  0.200  130  ? r_chiral_restr         ? ? 
'X-RAY DIFFRACTION' ? 0.005  0.020  1108 ? r_gen_planes_refined   ? ? 
'X-RAY DIFFRACTION' ? 0.001  0.020  209  ? r_gen_planes_other     ? ? 
# 
_refine_ls_shell.pdbx_refine_id                   'X-RAY DIFFRACTION' 
_refine_ls_shell.d_res_high                       1.9500 
_refine_ls_shell.d_res_low                        2.0010 
_refine_ls_shell.number_reflns_all                1092 
_refine_ls_shell.number_reflns_obs                ? 
_refine_ls_shell.number_reflns_R_free             50 
_refine_ls_shell.number_reflns_R_work             1042 
_refine_ls_shell.percent_reflns_obs               100.0000 
_refine_ls_shell.percent_reflns_R_free            ? 
_refine_ls_shell.R_factor_all                     ? 
_refine_ls_shell.R_factor_obs                     ? 
_refine_ls_shell.R_factor_R_free                  0.2890 
_refine_ls_shell.R_factor_R_free_error            0.0000 
_refine_ls_shell.R_factor_R_work                  0.2770 
_refine_ls_shell.redundancy_reflns_all            ? 
_refine_ls_shell.redundancy_reflns_obs            ? 
_refine_ls_shell.wR_factor_all                    ? 
_refine_ls_shell.wR_factor_obs                    ? 
_refine_ls_shell.wR_factor_R_free                 ? 
_refine_ls_shell.wR_factor_R_work                 ? 
_refine_ls_shell.pdbx_R_complete                  ? 
_refine_ls_shell.pdbx_total_number_of_bins_used   20 
_refine_ls_shell.pdbx_phase_error                 ? 
_refine_ls_shell.pdbx_fsc_work                    ? 
_refine_ls_shell.pdbx_fsc_free                    ? 
# 
_struct.entry_id                     7ORV 
_struct.title                        'Non-structural protein 10 (nsp10) from SARS CoV-2 in complex with fragment VT00239' 
_struct.pdbx_model_details           ? 
_struct.pdbx_formula_weight          ? 
_struct.pdbx_formula_weight_method   ? 
_struct.pdbx_model_type_details      ? 
_struct.pdbx_CASP_flag               N 
# 
_struct_keywords.entry_id        7ORV 
_struct_keywords.text            'Fragment, complex, small molecule, VIRAL PROTEIN' 
_struct_keywords.pdbx_keywords   'VIRAL PROTEIN' 
# 
loop_
_struct_asym.id 
_struct_asym.pdbx_blank_PDB_chainid_flag 
_struct_asym.pdbx_modified 
_struct_asym.entity_id 
_struct_asym.details 
A N N 1 ? 
B N N 2 ? 
C N N 2 ? 
D N N 3 ? 
E N N 3 ? 
F N N 4 ? 
G N N 5 ? 
H N N 6 ? 
I N N 6 ? 
J N N 6 ? 
K N N 7 ? 
# 
_struct_ref.id                         1 
_struct_ref.db_name                    UNP 
_struct_ref.db_code                    R1AB_SARS2 
_struct_ref.pdbx_db_accession          P0DTD1 
_struct_ref.pdbx_db_isoform            ? 
_struct_ref.entity_id                  1 
_struct_ref.pdbx_seq_one_letter_code   
;NSTVLSFCAFAVDAAKAYKDYLASGGQPITNCVKMLCTHTGTGQAITVTPEANMDQESFGGASCCLYCRCHIDHPNPKGF
CDLKGKYVQIPTTCANDPVGFTLKNTVCTVCGMWKGYGCSCD
;
_struct_ref.pdbx_align_begin           4263 
# 
_struct_ref_seq.align_id                      1 
_struct_ref_seq.ref_id                        1 
_struct_ref_seq.pdbx_PDB_id_code              7ORV 
_struct_ref_seq.pdbx_strand_id                A 
_struct_ref_seq.seq_align_beg                 4 
_struct_ref_seq.pdbx_seq_align_beg_ins_code   ? 
_struct_ref_seq.seq_align_end                 125 
_struct_ref_seq.pdbx_seq_align_end_ins_code   ? 
_struct_ref_seq.pdbx_db_accession             P0DTD1 
_struct_ref_seq.db_align_beg                  4263 
_struct_ref_seq.pdbx_db_align_beg_ins_code    ? 
_struct_ref_seq.db_align_end                  4384 
_struct_ref_seq.pdbx_db_align_end_ins_code    ? 
_struct_ref_seq.pdbx_auth_seq_align_beg       10 
_struct_ref_seq.pdbx_auth_seq_align_end       131 
# 
loop_
_struct_ref_seq_dif.align_id 
_struct_ref_seq_dif.pdbx_pdb_id_code 
_struct_ref_seq_dif.mon_id 
_struct_ref_seq_dif.pdbx_pdb_strand_id 
_struct_ref_seq_dif.seq_num 
_struct_ref_seq_dif.pdbx_pdb_ins_code 
_struct_ref_seq_dif.pdbx_seq_db_name 
_struct_ref_seq_dif.pdbx_seq_db_accession_code 
_struct_ref_seq_dif.db_mon_id 
_struct_ref_seq_dif.pdbx_seq_db_seq_num 
_struct_ref_seq_dif.details 
_struct_ref_seq_dif.pdbx_auth_seq_num 
_struct_ref_seq_dif.pdbx_ordinal 
1 7ORV THR A 1 ? UNP P0DTD1 ? ? 'expression tag' 7 1 
1 7ORV MET A 2 ? UNP P0DTD1 ? ? 'expression tag' 8 2 
1 7ORV GLY A 3 ? UNP P0DTD1 ? ? 'expression tag' 9 3 
# 
_pdbx_struct_assembly.id                   1 
_pdbx_struct_assembly.details              author_and_software_defined_assembly 
_pdbx_struct_assembly.method_details       PISA 
_pdbx_struct_assembly.oligomeric_details   monomeric 
_pdbx_struct_assembly.oligomeric_count     1 
# 
loop_
_pdbx_struct_assembly_prop.biol_id 
_pdbx_struct_assembly_prop.type 
_pdbx_struct_assembly_prop.value 
_pdbx_struct_assembly_prop.details 
1 'ABSA (A^2)' 910  ? 
1 MORE         -25  ? 
1 'SSA (A^2)'  7280 ? 
# 
_pdbx_struct_assembly_gen.assembly_id       1 
_pdbx_struct_assembly_gen.oper_expression   1 
_pdbx_struct_assembly_gen.asym_id_list      A,B,C,D,E,F,G,H,I,J,K 
# 
loop_
_pdbx_struct_assembly_auth_evidence.id 
_pdbx_struct_assembly_auth_evidence.assembly_id 
_pdbx_struct_assembly_auth_evidence.experimental_support 
_pdbx_struct_assembly_auth_evidence.details 
1 1 'gel filtration'             'Mix of monomer and dimer'               
2 1 'equilibrium centrifugation' 'Mix of monomer and dimer, >75% monomer' 
# 
_pdbx_struct_oper_list.id                   1 
_pdbx_struct_oper_list.type                 'identity operation' 
_pdbx_struct_oper_list.name                 1_555 
_pdbx_struct_oper_list.symmetry_operation   x,y,z 
_pdbx_struct_oper_list.matrix[1][1]         1.0000000000 
_pdbx_struct_oper_list.matrix[1][2]         0.0000000000 
_pdbx_struct_oper_list.matrix[1][3]         0.0000000000 
_pdbx_struct_oper_list.vector[1]            0.0000000000 
_pdbx_struct_oper_list.matrix[2][1]         0.0000000000 
_pdbx_struct_oper_list.matrix[2][2]         1.0000000000 
_pdbx_struct_oper_list.matrix[2][3]         0.0000000000 
_pdbx_struct_oper_list.vector[2]            0.0000000000 
_pdbx_struct_oper_list.matrix[3][1]         0.0000000000 
_pdbx_struct_oper_list.matrix[3][2]         0.0000000000 
_pdbx_struct_oper_list.matrix[3][3]         1.0000000000 
_pdbx_struct_oper_list.vector[3]            0.0000000000 
# 
loop_
_struct_conf.conf_type_id 
_struct_conf.id 
_struct_conf.pdbx_PDB_helix_id 
_struct_conf.beg_label_comp_id 
_struct_conf.beg_label_asym_id 
_struct_conf.beg_label_seq_id 
_struct_conf.pdbx_beg_PDB_ins_code 
_struct_conf.end_label_comp_id 
_struct_conf.end_label_asym_id 
_struct_conf.end_label_seq_id 
_struct_conf.pdbx_end_PDB_ins_code 
_struct_conf.beg_auth_comp_id 
_struct_conf.beg_auth_asym_id 
_struct_conf.beg_auth_seq_id 
_struct_conf.end_auth_comp_id 
_struct_conf.end_auth_asym_id 
_struct_conf.end_auth_seq_id 
_struct_conf.pdbx_PDB_helix_class 
_struct_conf.details 
_struct_conf.pdbx_PDB_helix_length 
HELX_P HELX_P1 AA1 GLY A 3   ? PHE A 13  ? GLY A 9   PHE A 19  1 ? 11 
HELX_P HELX_P2 AA2 ASP A 16  ? SER A 27  ? ASP A 22  SER A 33  1 ? 12 
HELX_P HELX_P3 AA3 ALA A 65  ? CYS A 67  ? ALA A 71  CYS A 73  5 ? 3  
HELX_P HELX_P4 AA4 CYS A 68  ? CYS A 73  ? CYS A 74  CYS A 79  1 ? 6  
HELX_P HELX_P5 AA5 THR A 96  ? ALA A 98  ? THR A 102 ALA A 104 5 ? 3  
HELX_P HELX_P6 AA6 ASP A 100 ? ASN A 108 ? ASP A 106 ASN A 114 1 ? 9  
# 
_struct_conf_type.id          HELX_P 
_struct_conf_type.criteria    ? 
_struct_conf_type.reference   ? 
# 
loop_
_struct_conn.id 
_struct_conn.conn_type_id 
_struct_conn.pdbx_leaving_atom_flag 
_struct_conn.pdbx_PDB_id 
_struct_conn.ptnr1_label_asym_id 
_struct_conn.ptnr1_label_comp_id 
_struct_conn.ptnr1_label_seq_id 
_struct_conn.ptnr1_label_atom_id 
_struct_conn.pdbx_ptnr1_label_alt_id 
_struct_conn.pdbx_ptnr1_PDB_ins_code 
_struct_conn.pdbx_ptnr1_standard_comp_id 
_struct_conn.ptnr1_symmetry 
_struct_conn.ptnr2_label_asym_id 
_struct_conn.ptnr2_label_comp_id 
_struct_conn.ptnr2_label_seq_id 
_struct_conn.ptnr2_label_atom_id 
_struct_conn.pdbx_ptnr2_label_alt_id 
_struct_conn.pdbx_ptnr2_PDB_ins_code 
_struct_conn.ptnr1_auth_asym_id 
_struct_conn.ptnr1_auth_comp_id 
_struct_conn.ptnr1_auth_seq_id 
_struct_conn.ptnr2_auth_asym_id 
_struct_conn.ptnr2_auth_comp_id 
_struct_conn.ptnr2_auth_seq_id 
_struct_conn.ptnr2_symmetry 
_struct_conn.pdbx_ptnr3_label_atom_id 
_struct_conn.pdbx_ptnr3_label_seq_id 
_struct_conn.pdbx_ptnr3_label_comp_id 
_struct_conn.pdbx_ptnr3_label_asym_id 
_struct_conn.pdbx_ptnr3_label_alt_id 
_struct_conn.pdbx_ptnr3_PDB_ins_code 
_struct_conn.details 
_struct_conn.pdbx_dist_value 
_struct_conn.pdbx_value_order 
_struct_conn.pdbx_role 
metalc1 metalc ? ? A CYS 68  SG  ? ? ? 1_555 B ZN . ZN ? ? A CYS 74  A ZN 201 1_555 ? ? ? ? ? ? ? 2.303 ? ? 
metalc2 metalc ? ? A CYS 71  SG  ? ? ? 1_555 B ZN . ZN ? ? A CYS 77  A ZN 201 1_555 ? ? ? ? ? ? ? 2.275 ? ? 
metalc3 metalc ? ? A HIS 77  NE2 ? ? ? 1_555 B ZN . ZN ? ? A HIS 83  A ZN 201 1_555 ? ? ? ? ? ? ? 2.106 ? ? 
metalc4 metalc ? ? A CYS 84  SG  ? ? ? 1_555 B ZN . ZN ? ? A CYS 90  A ZN 201 1_555 ? ? ? ? ? ? ? 2.320 ? ? 
metalc5 metalc ? ? A CYS 111 SG  ? ? ? 1_555 C ZN . ZN ? ? A CYS 117 A ZN 202 1_555 ? ? ? ? ? ? ? 2.117 ? ? 
metalc6 metalc ? ? A CYS 114 SG  ? ? ? 1_555 C ZN . ZN ? ? A CYS 120 A ZN 202 1_555 ? ? ? ? ? ? ? 2.352 ? ? 
metalc7 metalc ? ? A CYS 122 SG  ? ? ? 1_555 C ZN . ZN ? ? A CYS 128 A ZN 202 1_555 ? ? ? ? ? ? ? 2.129 ? ? 
metalc8 metalc ? ? A CYS 124 SG  ? ? ? 1_555 C ZN . ZN ? ? A CYS 130 A ZN 202 1_555 ? ? ? ? ? ? ? 2.612 ? ? 
# 
_struct_conn_type.id          metalc 
_struct_conn_type.criteria    ? 
_struct_conn_type.reference   ? 
# 
loop_
_pdbx_struct_conn_angle.id 
_pdbx_struct_conn_angle.ptnr1_label_atom_id 
_pdbx_struct_conn_angle.ptnr1_label_alt_id 
_pdbx_struct_conn_angle.ptnr1_label_asym_id 
_pdbx_struct_conn_angle.ptnr1_label_comp_id 
_pdbx_struct_conn_angle.ptnr1_label_seq_id 
_pdbx_struct_conn_angle.ptnr1_auth_atom_id 
_pdbx_struct_conn_angle.ptnr1_auth_asym_id 
_pdbx_struct_conn_angle.ptnr1_auth_comp_id 
_pdbx_struct_conn_angle.ptnr1_auth_seq_id 
_pdbx_struct_conn_angle.ptnr1_PDB_ins_code 
_pdbx_struct_conn_angle.ptnr1_symmetry 
_pdbx_struct_conn_angle.ptnr2_label_atom_id 
_pdbx_struct_conn_angle.ptnr2_label_alt_id 
_pdbx_struct_conn_angle.ptnr2_label_asym_id 
_pdbx_struct_conn_angle.ptnr2_label_comp_id 
_pdbx_struct_conn_angle.ptnr2_label_seq_id 
_pdbx_struct_conn_angle.ptnr2_auth_atom_id 
_pdbx_struct_conn_angle.ptnr2_auth_asym_id 
_pdbx_struct_conn_angle.ptnr2_auth_comp_id 
_pdbx_struct_conn_angle.ptnr2_auth_seq_id 
_pdbx_struct_conn_angle.ptnr2_PDB_ins_code 
_pdbx_struct_conn_angle.ptnr2_symmetry 
_pdbx_struct_conn_angle.ptnr3_label_atom_id 
_pdbx_struct_conn_angle.ptnr3_label_alt_id 
_pdbx_struct_conn_angle.ptnr3_label_asym_id 
_pdbx_struct_conn_angle.ptnr3_label_comp_id 
_pdbx_struct_conn_angle.ptnr3_label_seq_id 
_pdbx_struct_conn_angle.ptnr3_auth_atom_id 
_pdbx_struct_conn_angle.ptnr3_auth_asym_id 
_pdbx_struct_conn_angle.ptnr3_auth_comp_id 
_pdbx_struct_conn_angle.ptnr3_auth_seq_id 
_pdbx_struct_conn_angle.ptnr3_PDB_ins_code 
_pdbx_struct_conn_angle.ptnr3_symmetry 
_pdbx_struct_conn_angle.value 
_pdbx_struct_conn_angle.value_esd 
1  SG  ? A CYS 68  ? A CYS 74  ? 1_555 ZN ? B ZN . ? A ZN 201 ? 1_555 SG  ? A CYS 71  ? A CYS 77  ? 1_555 115.3 ? 
2  SG  ? A CYS 68  ? A CYS 74  ? 1_555 ZN ? B ZN . ? A ZN 201 ? 1_555 NE2 ? A HIS 77  ? A HIS 83  ? 1_555 105.4 ? 
3  SG  ? A CYS 71  ? A CYS 77  ? 1_555 ZN ? B ZN . ? A ZN 201 ? 1_555 NE2 ? A HIS 77  ? A HIS 83  ? 1_555 110.1 ? 
4  SG  ? A CYS 68  ? A CYS 74  ? 1_555 ZN ? B ZN . ? A ZN 201 ? 1_555 SG  ? A CYS 84  ? A CYS 90  ? 1_555 113.1 ? 
5  SG  ? A CYS 71  ? A CYS 77  ? 1_555 ZN ? B ZN . ? A ZN 201 ? 1_555 SG  ? A CYS 84  ? A CYS 90  ? 1_555 113.1 ? 
6  NE2 ? A HIS 77  ? A HIS 83  ? 1_555 ZN ? B ZN . ? A ZN 201 ? 1_555 SG  ? A CYS 84  ? A CYS 90  ? 1_555 98.1  ? 
7  SG  ? A CYS 111 ? A CYS 117 ? 1_555 ZN ? C ZN . ? A ZN 202 ? 1_555 SG  ? A CYS 114 ? A CYS 120 ? 1_555 104.2 ? 
8  SG  ? A CYS 111 ? A CYS 117 ? 1_555 ZN ? C ZN . ? A ZN 202 ? 1_555 SG  ? A CYS 122 ? A CYS 128 ? 1_555 125.6 ? 
9  SG  ? A CYS 114 ? A CYS 120 ? 1_555 ZN ? C ZN . ? A ZN 202 ? 1_555 SG  ? A CYS 122 ? A CYS 128 ? 1_555 105.4 ? 
10 SG  ? A CYS 111 ? A CYS 117 ? 1_555 ZN ? C ZN . ? A ZN 202 ? 1_555 SG  ? A CYS 124 ? A CYS 130 ? 1_555 110.1 ? 
11 SG  ? A CYS 114 ? A CYS 120 ? 1_555 ZN ? C ZN . ? A ZN 202 ? 1_555 SG  ? A CYS 124 ? A CYS 130 ? 1_555 106.5 ? 
12 SG  ? A CYS 122 ? A CYS 128 ? 1_555 ZN ? C ZN . ? A ZN 202 ? 1_555 SG  ? A CYS 124 ? A CYS 130 ? 1_555 103.7 ? 
# 
_struct_sheet.id               AA1 
_struct_sheet.type             ? 
_struct_sheet.number_strands   3 
_struct_sheet.details          ? 
# 
loop_
_struct_sheet_order.sheet_id 
_struct_sheet_order.range_id_1 
_struct_sheet_order.range_id_2 
_struct_sheet_order.offset 
_struct_sheet_order.sense 
AA1 1 2 ? anti-parallel 
AA1 2 3 ? anti-parallel 
# 
loop_
_struct_sheet_range.sheet_id 
_struct_sheet_range.id 
_struct_sheet_range.beg_label_comp_id 
_struct_sheet_range.beg_label_asym_id 
_struct_sheet_range.beg_label_seq_id 
_struct_sheet_range.pdbx_beg_PDB_ins_code 
_struct_sheet_range.end_label_comp_id 
_struct_sheet_range.end_label_asym_id 
_struct_sheet_range.end_label_seq_id 
_struct_sheet_range.pdbx_end_PDB_ins_code 
_struct_sheet_range.beg_auth_comp_id 
_struct_sheet_range.beg_auth_asym_id 
_struct_sheet_range.beg_auth_seq_id 
_struct_sheet_range.end_auth_comp_id 
_struct_sheet_range.end_auth_asym_id 
_struct_sheet_range.end_auth_seq_id 
AA1 1 ILE A 49 ? THR A 50 ? ILE A 55 THR A 56  
AA1 2 TYR A 90 ? PRO A 94 ? TYR A 96 PRO A 100 
AA1 3 GLN A 59 ? GLY A 63 ? GLN A 65 GLY A 69  
# 
loop_
_pdbx_struct_sheet_hbond.sheet_id 
_pdbx_struct_sheet_hbond.range_id_1 
_pdbx_struct_sheet_hbond.range_id_2 
_pdbx_struct_sheet_hbond.range_1_label_atom_id 
_pdbx_struct_sheet_hbond.range_1_label_comp_id 
_pdbx_struct_sheet_hbond.range_1_label_asym_id 
_pdbx_struct_sheet_hbond.range_1_label_seq_id 
_pdbx_struct_sheet_hbond.range_1_PDB_ins_code 
_pdbx_struct_sheet_hbond.range_1_auth_atom_id 
_pdbx_struct_sheet_hbond.range_1_auth_comp_id 
_pdbx_struct_sheet_hbond.range_1_auth_asym_id 
_pdbx_struct_sheet_hbond.range_1_auth_seq_id 
_pdbx_struct_sheet_hbond.range_2_label_atom_id 
_pdbx_struct_sheet_hbond.range_2_label_comp_id 
_pdbx_struct_sheet_hbond.range_2_label_asym_id 
_pdbx_struct_sheet_hbond.range_2_label_seq_id 
_pdbx_struct_sheet_hbond.range_2_PDB_ins_code 
_pdbx_struct_sheet_hbond.range_2_auth_atom_id 
_pdbx_struct_sheet_hbond.range_2_auth_comp_id 
_pdbx_struct_sheet_hbond.range_2_auth_asym_id 
_pdbx_struct_sheet_hbond.range_2_auth_seq_id 
AA1 1 2 N THR A 50 ? N THR A 56 O TYR A 90 ? O TYR A 96 
AA1 2 3 O ILE A 93 ? O ILE A 99 N GLU A 60 ? N GLU A 66 
# 
loop_
_pdbx_validate_torsion.id 
_pdbx_validate_torsion.PDB_model_num 
_pdbx_validate_torsion.auth_comp_id 
_pdbx_validate_torsion.auth_asym_id 
_pdbx_validate_torsion.auth_seq_id 
_pdbx_validate_torsion.PDB_ins_code 
_pdbx_validate_torsion.label_alt_id 
_pdbx_validate_torsion.phi 
_pdbx_validate_torsion.psi 
1 1 VAL A 119 ? ? -85.19  -76.74 
2 1 TYR A 126 ? ? -128.22 -94.25 
# 
loop_
_pdbx_struct_special_symmetry.id 
_pdbx_struct_special_symmetry.PDB_model_num 
_pdbx_struct_special_symmetry.auth_asym_id 
_pdbx_struct_special_symmetry.auth_comp_id 
_pdbx_struct_special_symmetry.auth_seq_id 
_pdbx_struct_special_symmetry.PDB_ins_code 
_pdbx_struct_special_symmetry.label_asym_id 
_pdbx_struct_special_symmetry.label_comp_id 
_pdbx_struct_special_symmetry.label_seq_id 
1 1 A DMS 204 ? E DMS . 
2 1 A HOH 307 ? K HOH . 
3 1 A HOH 387 ? K HOH . 
# 
_pdbx_entry_details.entry_id                 7ORV 
_pdbx_entry_details.has_ligand_of_interest   Y 
_pdbx_entry_details.compound_details         ? 
_pdbx_entry_details.source_details           ? 
_pdbx_entry_details.nonpolymer_details       ? 
_pdbx_entry_details.sequence_details         ? 
# 
_pdbx_unobs_or_zero_occ_residues.id               1 
_pdbx_unobs_or_zero_occ_residues.PDB_model_num    1 
_pdbx_unobs_or_zero_occ_residues.polymer_flag     Y 
_pdbx_unobs_or_zero_occ_residues.occupancy_flag   1 
_pdbx_unobs_or_zero_occ_residues.auth_asym_id     A 
_pdbx_unobs_or_zero_occ_residues.auth_comp_id     ASP 
_pdbx_unobs_or_zero_occ_residues.auth_seq_id      131 
_pdbx_unobs_or_zero_occ_residues.PDB_ins_code     ? 
_pdbx_unobs_or_zero_occ_residues.label_asym_id    A 
_pdbx_unobs_or_zero_occ_residues.label_comp_id    ASP 
_pdbx_unobs_or_zero_occ_residues.label_seq_id     125 
# 
loop_
_chem_comp_atom.comp_id 
_chem_comp_atom.atom_id 
_chem_comp_atom.type_symbol 
_chem_comp_atom.pdbx_aromatic_flag 
_chem_comp_atom.pdbx_stereo_config 
_chem_comp_atom.pdbx_ordinal 
ALA N    N  N N 1   
ALA CA   C  N S 2   
ALA C    C  N N 3   
ALA O    O  N N 4   
ALA CB   C  N N 5   
ALA OXT  O  N N 6   
ALA H    H  N N 7   
ALA H2   H  N N 8   
ALA HA   H  N N 9   
ALA HB1  H  N N 10  
ALA HB2  H  N N 11  
ALA HB3  H  N N 12  
ALA HXT  H  N N 13  
ARG N    N  N N 14  
ARG CA   C  N S 15  
ARG C    C  N N 16  
ARG O    O  N N 17  
ARG CB   C  N N 18  
ARG CG   C  N N 19  
ARG CD   C  N N 20  
ARG NE   N  N N 21  
ARG CZ   C  N N 22  
ARG NH1  N  N N 23  
ARG NH2  N  N N 24  
ARG OXT  O  N N 25  
ARG H    H  N N 26  
ARG H2   H  N N 27  
ARG HA   H  N N 28  
ARG HB2  H  N N 29  
ARG HB3  H  N N 30  
ARG HG2  H  N N 31  
ARG HG3  H  N N 32  
ARG HD2  H  N N 33  
ARG HD3  H  N N 34  
ARG HE   H  N N 35  
ARG HH11 H  N N 36  
ARG HH12 H  N N 37  
ARG HH21 H  N N 38  
ARG HH22 H  N N 39  
ARG HXT  H  N N 40  
ASN N    N  N N 41  
ASN CA   C  N S 42  
ASN C    C  N N 43  
ASN O    O  N N 44  
ASN CB   C  N N 45  
ASN CG   C  N N 46  
ASN OD1  O  N N 47  
ASN ND2  N  N N 48  
ASN OXT  O  N N 49  
ASN H    H  N N 50  
ASN H2   H  N N 51  
ASN HA   H  N N 52  
ASN HB2  H  N N 53  
ASN HB3  H  N N 54  
ASN HD21 H  N N 55  
ASN HD22 H  N N 56  
ASN HXT  H  N N 57  
ASP N    N  N N 58  
ASP CA   C  N S 59  
ASP C    C  N N 60  
ASP O    O  N N 61  
ASP CB   C  N N 62  
ASP CG   C  N N 63  
ASP OD1  O  N N 64  
ASP OD2  O  N N 65  
ASP OXT  O  N N 66  
ASP H    H  N N 67  
ASP H2   H  N N 68  
ASP HA   H  N N 69  
ASP HB2  H  N N 70  
ASP HB3  H  N N 71  
ASP HD2  H  N N 72  
ASP HXT  H  N N 73  
CL  CL   CL N N 74  
CYS N    N  N N 75  
CYS CA   C  N R 76  
CYS C    C  N N 77  
CYS O    O  N N 78  
CYS CB   C  N N 79  
CYS SG   S  N N 80  
CYS OXT  O  N N 81  
CYS H    H  N N 82  
CYS H2   H  N N 83  
CYS HA   H  N N 84  
CYS HB2  H  N N 85  
CYS HB3  H  N N 86  
CYS HG   H  N N 87  
CYS HXT  H  N N 88  
DMS S    S  N N 89  
DMS O    O  N N 90  
DMS C1   C  N N 91  
DMS C2   C  N N 92  
DMS H11  H  N N 93  
DMS H12  H  N N 94  
DMS H13  H  N N 95  
DMS H21  H  N N 96  
DMS H22  H  N N 97  
DMS H23  H  N N 98  
GLN N    N  N N 99  
GLN CA   C  N S 100 
GLN C    C  N N 101 
GLN O    O  N N 102 
GLN CB   C  N N 103 
GLN CG   C  N N 104 
GLN CD   C  N N 105 
GLN OE1  O  N N 106 
GLN NE2  N  N N 107 
GLN OXT  O  N N 108 
GLN H    H  N N 109 
GLN H2   H  N N 110 
GLN HA   H  N N 111 
GLN HB2  H  N N 112 
GLN HB3  H  N N 113 
GLN HG2  H  N N 114 
GLN HG3  H  N N 115 
GLN HE21 H  N N 116 
GLN HE22 H  N N 117 
GLN HXT  H  N N 118 
GLU N    N  N N 119 
GLU CA   C  N S 120 
GLU C    C  N N 121 
GLU O    O  N N 122 
GLU CB   C  N N 123 
GLU CG   C  N N 124 
GLU CD   C  N N 125 
GLU OE1  O  N N 126 
GLU OE2  O  N N 127 
GLU OXT  O  N N 128 
GLU H    H  N N 129 
GLU H2   H  N N 130 
GLU HA   H  N N 131 
GLU HB2  H  N N 132 
GLU HB3  H  N N 133 
GLU HG2  H  N N 134 
GLU HG3  H  N N 135 
GLU HE2  H  N N 136 
GLU HXT  H  N N 137 
GLY N    N  N N 138 
GLY CA   C  N N 139 
GLY C    C  N N 140 
GLY O    O  N N 141 
GLY OXT  O  N N 142 
GLY H    H  N N 143 
GLY H2   H  N N 144 
GLY HA2  H  N N 145 
GLY HA3  H  N N 146 
GLY HXT  H  N N 147 
GOL C1   C  N N 148 
GOL O1   O  N N 149 
GOL C2   C  N N 150 
GOL O2   O  N N 151 
GOL C3   C  N N 152 
GOL O3   O  N N 153 
GOL H11  H  N N 154 
GOL H12  H  N N 155 
GOL HO1  H  N N 156 
GOL H2   H  N N 157 
GOL HO2  H  N N 158 
GOL H31  H  N N 159 
GOL H32  H  N N 160 
GOL HO3  H  N N 161 
HIS N    N  N N 162 
HIS CA   C  N S 163 
HIS C    C  N N 164 
HIS O    O  N N 165 
HIS CB   C  N N 166 
HIS CG   C  Y N 167 
HIS ND1  N  Y N 168 
HIS CD2  C  Y N 169 
HIS CE1  C  Y N 170 
HIS NE2  N  Y N 171 
HIS OXT  O  N N 172 
HIS H    H  N N 173 
HIS H2   H  N N 174 
HIS HA   H  N N 175 
HIS HB2  H  N N 176 
HIS HB3  H  N N 177 
HIS HD1  H  N N 178 
HIS HD2  H  N N 179 
HIS HE1  H  N N 180 
HIS HE2  H  N N 181 
HIS HXT  H  N N 182 
HOH O    O  N N 183 
HOH H1   H  N N 184 
HOH H2   H  N N 185 
ILE N    N  N N 186 
ILE CA   C  N S 187 
ILE C    C  N N 188 
ILE O    O  N N 189 
ILE CB   C  N S 190 
ILE CG1  C  N N 191 
ILE CG2  C  N N 192 
ILE CD1  C  N N 193 
ILE OXT  O  N N 194 
ILE H    H  N N 195 
ILE H2   H  N N 196 
ILE HA   H  N N 197 
ILE HB   H  N N 198 
ILE HG12 H  N N 199 
ILE HG13 H  N N 200 
ILE HG21 H  N N 201 
ILE HG22 H  N N 202 
ILE HG23 H  N N 203 
ILE HD11 H  N N 204 
ILE HD12 H  N N 205 
ILE HD13 H  N N 206 
ILE HXT  H  N N 207 
LEU N    N  N N 208 
LEU CA   C  N S 209 
LEU C    C  N N 210 
LEU O    O  N N 211 
LEU CB   C  N N 212 
LEU CG   C  N N 213 
LEU CD1  C  N N 214 
LEU CD2  C  N N 215 
LEU OXT  O  N N 216 
LEU H    H  N N 217 
LEU H2   H  N N 218 
LEU HA   H  N N 219 
LEU HB2  H  N N 220 
LEU HB3  H  N N 221 
LEU HG   H  N N 222 
LEU HD11 H  N N 223 
LEU HD12 H  N N 224 
LEU HD13 H  N N 225 
LEU HD21 H  N N 226 
LEU HD22 H  N N 227 
LEU HD23 H  N N 228 
LEU HXT  H  N N 229 
LYS N    N  N N 230 
LYS CA   C  N S 231 
LYS C    C  N N 232 
LYS O    O  N N 233 
LYS CB   C  N N 234 
LYS CG   C  N N 235 
LYS CD   C  N N 236 
LYS CE   C  N N 237 
LYS NZ   N  N N 238 
LYS OXT  O  N N 239 
LYS H    H  N N 240 
LYS H2   H  N N 241 
LYS HA   H  N N 242 
LYS HB2  H  N N 243 
LYS HB3  H  N N 244 
LYS HG2  H  N N 245 
LYS HG3  H  N N 246 
LYS HD2  H  N N 247 
LYS HD3  H  N N 248 
LYS HE2  H  N N 249 
LYS HE3  H  N N 250 
LYS HZ1  H  N N 251 
LYS HZ2  H  N N 252 
LYS HZ3  H  N N 253 
LYS HXT  H  N N 254 
MET N    N  N N 255 
MET CA   C  N S 256 
MET C    C  N N 257 
MET O    O  N N 258 
MET CB   C  N N 259 
MET CG   C  N N 260 
MET SD   S  N N 261 
MET CE   C  N N 262 
MET OXT  O  N N 263 
MET H    H  N N 264 
MET H2   H  N N 265 
MET HA   H  N N 266 
MET HB2  H  N N 267 
MET HB3  H  N N 268 
MET HG2  H  N N 269 
MET HG3  H  N N 270 
MET HE1  H  N N 271 
MET HE2  H  N N 272 
MET HE3  H  N N 273 
MET HXT  H  N N 274 
PHE N    N  N N 275 
PHE CA   C  N S 276 
PHE C    C  N N 277 
PHE O    O  N N 278 
PHE CB   C  N N 279 
PHE CG   C  Y N 280 
PHE CD1  C  Y N 281 
PHE CD2  C  Y N 282 
PHE CE1  C  Y N 283 
PHE CE2  C  Y N 284 
PHE CZ   C  Y N 285 
PHE OXT  O  N N 286 
PHE H    H  N N 287 
PHE H2   H  N N 288 
PHE HA   H  N N 289 
PHE HB2  H  N N 290 
PHE HB3  H  N N 291 
PHE HD1  H  N N 292 
PHE HD2  H  N N 293 
PHE HE1  H  N N 294 
PHE HE2  H  N N 295 
PHE HZ   H  N N 296 
PHE HXT  H  N N 297 
PRO N    N  N N 298 
PRO CA   C  N S 299 
PRO C    C  N N 300 
PRO O    O  N N 301 
PRO CB   C  N N 302 
PRO CG   C  N N 303 
PRO CD   C  N N 304 
PRO OXT  O  N N 305 
PRO H    H  N N 306 
PRO HA   H  N N 307 
PRO HB2  H  N N 308 
PRO HB3  H  N N 309 
PRO HG2  H  N N 310 
PRO HG3  H  N N 311 
PRO HD2  H  N N 312 
PRO HD3  H  N N 313 
PRO HXT  H  N N 314 
SER N    N  N N 315 
SER CA   C  N S 316 
SER C    C  N N 317 
SER O    O  N N 318 
SER CB   C  N N 319 
SER OG   O  N N 320 
SER OXT  O  N N 321 
SER H    H  N N 322 
SER H2   H  N N 323 
SER HA   H  N N 324 
SER HB2  H  N N 325 
SER HB3  H  N N 326 
SER HG   H  N N 327 
SER HXT  H  N N 328 
THR N    N  N N 329 
THR CA   C  N S 330 
THR C    C  N N 331 
THR O    O  N N 332 
THR CB   C  N R 333 
THR OG1  O  N N 334 
THR CG2  C  N N 335 
THR OXT  O  N N 336 
THR H    H  N N 337 
THR H2   H  N N 338 
THR HA   H  N N 339 
THR HB   H  N N 340 
THR HG1  H  N N 341 
THR HG21 H  N N 342 
THR HG22 H  N N 343 
THR HG23 H  N N 344 
THR HXT  H  N N 345 
TRP N    N  N N 346 
TRP CA   C  N S 347 
TRP C    C  N N 348 
TRP O    O  N N 349 
TRP CB   C  N N 350 
TRP CG   C  Y N 351 
TRP CD1  C  Y N 352 
TRP CD2  C  Y N 353 
TRP NE1  N  Y N 354 
TRP CE2  C  Y N 355 
TRP CE3  C  Y N 356 
TRP CZ2  C  Y N 357 
TRP CZ3  C  Y N 358 
TRP CH2  C  Y N 359 
TRP OXT  O  N N 360 
TRP H    H  N N 361 
TRP H2   H  N N 362 
TRP HA   H  N N 363 
TRP HB2  H  N N 364 
TRP HB3  H  N N 365 
TRP HD1  H  N N 366 
TRP HE1  H  N N 367 
TRP HE3  H  N N 368 
TRP HZ2  H  N N 369 
TRP HZ3  H  N N 370 
TRP HH2  H  N N 371 
TRP HXT  H  N N 372 
TYR N    N  N N 373 
TYR CA   C  N S 374 
TYR C    C  N N 375 
TYR O    O  N N 376 
TYR CB   C  N N 377 
TYR CG   C  Y N 378 
TYR CD1  C  Y N 379 
TYR CD2  C  Y N 380 
TYR CE1  C  Y N 381 
TYR CE2  C  Y N 382 
TYR CZ   C  Y N 383 
TYR OH   O  N N 384 
TYR OXT  O  N N 385 
TYR H    H  N N 386 
TYR H2   H  N N 387 
TYR HA   H  N N 388 
TYR HB2  H  N N 389 
TYR HB3  H  N N 390 
TYR HD1  H  N N 391 
TYR HD2  H  N N 392 
TYR HE1  H  N N 393 
TYR HE2  H  N N 394 
TYR HH   H  N N 395 
TYR HXT  H  N N 396 
VAL N    N  N N 397 
VAL CA   C  N S 398 
VAL C    C  N N 399 
VAL O    O  N N 400 
VAL CB   C  N N 401 
VAL CG1  C  N N 402 
VAL CG2  C  N N 403 
VAL OXT  O  N N 404 
VAL H    H  N N 405 
VAL H2   H  N N 406 
VAL HA   H  N N 407 
VAL HB   H  N N 408 
VAL HG11 H  N N 409 
VAL HG12 H  N N 410 
VAL HG13 H  N N 411 
VAL HG21 H  N N 412 
VAL HG22 H  N N 413 
VAL HG23 H  N N 414 
VAL HXT  H  N N 415 
X4V C1   C  N N 416 
X4V C2   C  N N 417 
X4V C3   C  Y N 418 
X4V C4   C  Y N 419 
X4V C5   C  Y N 420 
X4V C6   C  Y N 421 
X4V C7   C  Y N 422 
X4V N1   N  N N 423 
X4V N2   N  Y N 424 
X4V N3   N  N N 425 
X4V H1   H  N N 426 
X4V H2   H  N N 427 
X4V H3   H  N N 428 
X4V H4   H  N N 429 
X4V H5   H  N N 430 
X4V H6   H  N N 431 
X4V H7   H  N N 432 
X4V H8   H  N N 433 
X4V H9   H  N N 434 
X4V H10  H  N N 435 
X4V H11  H  N N 436 
ZN  ZN   ZN N N 437 
# 
loop_
_chem_comp_bond.comp_id 
_chem_comp_bond.atom_id_1 
_chem_comp_bond.atom_id_2 
_chem_comp_bond.value_order 
_chem_comp_bond.pdbx_aromatic_flag 
_chem_comp_bond.pdbx_stereo_config 
_chem_comp_bond.pdbx_ordinal 
ALA N   CA   sing N N 1   
ALA N   H    sing N N 2   
ALA N   H2   sing N N 3   
ALA CA  C    sing N N 4   
ALA CA  CB   sing N N 5   
ALA CA  HA   sing N N 6   
ALA C   O    doub N N 7   
ALA C   OXT  sing N N 8   
ALA CB  HB1  sing N N 9   
ALA CB  HB2  sing N N 10  
ALA CB  HB3  sing N N 11  
ALA OXT HXT  sing N N 12  
ARG N   CA   sing N N 13  
ARG N   H    sing N N 14  
ARG N   H2   sing N N 15  
ARG CA  C    sing N N 16  
ARG CA  CB   sing N N 17  
ARG CA  HA   sing N N 18  
ARG C   O    doub N N 19  
ARG C   OXT  sing N N 20  
ARG CB  CG   sing N N 21  
ARG CB  HB2  sing N N 22  
ARG CB  HB3  sing N N 23  
ARG CG  CD   sing N N 24  
ARG CG  HG2  sing N N 25  
ARG CG  HG3  sing N N 26  
ARG CD  NE   sing N N 27  
ARG CD  HD2  sing N N 28  
ARG CD  HD3  sing N N 29  
ARG NE  CZ   sing N N 30  
ARG NE  HE   sing N N 31  
ARG CZ  NH1  sing N N 32  
ARG CZ  NH2  doub N N 33  
ARG NH1 HH11 sing N N 34  
ARG NH1 HH12 sing N N 35  
ARG NH2 HH21 sing N N 36  
ARG NH2 HH22 sing N N 37  
ARG OXT HXT  sing N N 38  
ASN N   CA   sing N N 39  
ASN N   H    sing N N 40  
ASN N   H2   sing N N 41  
ASN CA  C    sing N N 42  
ASN CA  CB   sing N N 43  
ASN CA  HA   sing N N 44  
ASN C   O    doub N N 45  
ASN C   OXT  sing N N 46  
ASN CB  CG   sing N N 47  
ASN CB  HB2  sing N N 48  
ASN CB  HB3  sing N N 49  
ASN CG  OD1  doub N N 50  
ASN CG  ND2  sing N N 51  
ASN ND2 HD21 sing N N 52  
ASN ND2 HD22 sing N N 53  
ASN OXT HXT  sing N N 54  
ASP N   CA   sing N N 55  
ASP N   H    sing N N 56  
ASP N   H2   sing N N 57  
ASP CA  C    sing N N 58  
ASP CA  CB   sing N N 59  
ASP CA  HA   sing N N 60  
ASP C   O    doub N N 61  
ASP C   OXT  sing N N 62  
ASP CB  CG   sing N N 63  
ASP CB  HB2  sing N N 64  
ASP CB  HB3  sing N N 65  
ASP CG  OD1  doub N N 66  
ASP CG  OD2  sing N N 67  
ASP OD2 HD2  sing N N 68  
ASP OXT HXT  sing N N 69  
CYS N   CA   sing N N 70  
CYS N   H    sing N N 71  
CYS N   H2   sing N N 72  
CYS CA  C    sing N N 73  
CYS CA  CB   sing N N 74  
CYS CA  HA   sing N N 75  
CYS C   O    doub N N 76  
CYS C   OXT  sing N N 77  
CYS CB  SG   sing N N 78  
CYS CB  HB2  sing N N 79  
CYS CB  HB3  sing N N 80  
CYS SG  HG   sing N N 81  
CYS OXT HXT  sing N N 82  
DMS S   O    doub N N 83  
DMS S   C1   sing N N 84  
DMS S   C2   sing N N 85  
DMS C1  H11  sing N N 86  
DMS C1  H12  sing N N 87  
DMS C1  H13  sing N N 88  
DMS C2  H21  sing N N 89  
DMS C2  H22  sing N N 90  
DMS C2  H23  sing N N 91  
GLN N   CA   sing N N 92  
GLN N   H    sing N N 93  
GLN N   H2   sing N N 94  
GLN CA  C    sing N N 95  
GLN CA  CB   sing N N 96  
GLN CA  HA   sing N N 97  
GLN C   O    doub N N 98  
GLN C   OXT  sing N N 99  
GLN CB  CG   sing N N 100 
GLN CB  HB2  sing N N 101 
GLN CB  HB3  sing N N 102 
GLN CG  CD   sing N N 103 
GLN CG  HG2  sing N N 104 
GLN CG  HG3  sing N N 105 
GLN CD  OE1  doub N N 106 
GLN CD  NE2  sing N N 107 
GLN NE2 HE21 sing N N 108 
GLN NE2 HE22 sing N N 109 
GLN OXT HXT  sing N N 110 
GLU N   CA   sing N N 111 
GLU N   H    sing N N 112 
GLU N   H2   sing N N 113 
GLU CA  C    sing N N 114 
GLU CA  CB   sing N N 115 
GLU CA  HA   sing N N 116 
GLU C   O    doub N N 117 
GLU C   OXT  sing N N 118 
GLU CB  CG   sing N N 119 
GLU CB  HB2  sing N N 120 
GLU CB  HB3  sing N N 121 
GLU CG  CD   sing N N 122 
GLU CG  HG2  sing N N 123 
GLU CG  HG3  sing N N 124 
GLU CD  OE1  doub N N 125 
GLU CD  OE2  sing N N 126 
GLU OE2 HE2  sing N N 127 
GLU OXT HXT  sing N N 128 
GLY N   CA   sing N N 129 
GLY N   H    sing N N 130 
GLY N   H2   sing N N 131 
GLY CA  C    sing N N 132 
GLY CA  HA2  sing N N 133 
GLY CA  HA3  sing N N 134 
GLY C   O    doub N N 135 
GLY C   OXT  sing N N 136 
GLY OXT HXT  sing N N 137 
GOL C1  O1   sing N N 138 
GOL C1  C2   sing N N 139 
GOL C1  H11  sing N N 140 
GOL C1  H12  sing N N 141 
GOL O1  HO1  sing N N 142 
GOL C2  O2   sing N N 143 
GOL C2  C3   sing N N 144 
GOL C2  H2   sing N N 145 
GOL O2  HO2  sing N N 146 
GOL C3  O3   sing N N 147 
GOL C3  H31  sing N N 148 
GOL C3  H32  sing N N 149 
GOL O3  HO3  sing N N 150 
HIS N   CA   sing N N 151 
HIS N   H    sing N N 152 
HIS N   H2   sing N N 153 
HIS CA  C    sing N N 154 
HIS CA  CB   sing N N 155 
HIS CA  HA   sing N N 156 
HIS C   O    doub N N 157 
HIS C   OXT  sing N N 158 
HIS CB  CG   sing N N 159 
HIS CB  HB2  sing N N 160 
HIS CB  HB3  sing N N 161 
HIS CG  ND1  sing Y N 162 
HIS CG  CD2  doub Y N 163 
HIS ND1 CE1  doub Y N 164 
HIS ND1 HD1  sing N N 165 
HIS CD2 NE2  sing Y N 166 
HIS CD2 HD2  sing N N 167 
HIS CE1 NE2  sing Y N 168 
HIS CE1 HE1  sing N N 169 
HIS NE2 HE2  sing N N 170 
HIS OXT HXT  sing N N 171 
HOH O   H1   sing N N 172 
HOH O   H2   sing N N 173 
ILE N   CA   sing N N 174 
ILE N   H    sing N N 175 
ILE N   H2   sing N N 176 
ILE CA  C    sing N N 177 
ILE CA  CB   sing N N 178 
ILE CA  HA   sing N N 179 
ILE C   O    doub N N 180 
ILE C   OXT  sing N N 181 
ILE CB  CG1  sing N N 182 
ILE CB  CG2  sing N N 183 
ILE CB  HB   sing N N 184 
ILE CG1 CD1  sing N N 185 
ILE CG1 HG12 sing N N 186 
ILE CG1 HG13 sing N N 187 
ILE CG2 HG21 sing N N 188 
ILE CG2 HG22 sing N N 189 
ILE CG2 HG23 sing N N 190 
ILE CD1 HD11 sing N N 191 
ILE CD1 HD12 sing N N 192 
ILE CD1 HD13 sing N N 193 
ILE OXT HXT  sing N N 194 
LEU N   CA   sing N N 195 
LEU N   H    sing N N 196 
LEU N   H2   sing N N 197 
LEU CA  C    sing N N 198 
LEU CA  CB   sing N N 199 
LEU CA  HA   sing N N 200 
LEU C   O    doub N N 201 
LEU C   OXT  sing N N 202 
LEU CB  CG   sing N N 203 
LEU CB  HB2  sing N N 204 
LEU CB  HB3  sing N N 205 
LEU CG  CD1  sing N N 206 
LEU CG  CD2  sing N N 207 
LEU CG  HG   sing N N 208 
LEU CD1 HD11 sing N N 209 
LEU CD1 HD12 sing N N 210 
LEU CD1 HD13 sing N N 211 
LEU CD2 HD21 sing N N 212 
LEU CD2 HD22 sing N N 213 
LEU CD2 HD23 sing N N 214 
LEU OXT HXT  sing N N 215 
LYS N   CA   sing N N 216 
LYS N   H    sing N N 217 
LYS N   H2   sing N N 218 
LYS CA  C    sing N N 219 
LYS CA  CB   sing N N 220 
LYS CA  HA   sing N N 221 
LYS C   O    doub N N 222 
LYS C   OXT  sing N N 223 
LYS CB  CG   sing N N 224 
LYS CB  HB2  sing N N 225 
LYS CB  HB3  sing N N 226 
LYS CG  CD   sing N N 227 
LYS CG  HG2  sing N N 228 
LYS CG  HG3  sing N N 229 
LYS CD  CE   sing N N 230 
LYS CD  HD2  sing N N 231 
LYS CD  HD3  sing N N 232 
LYS CE  NZ   sing N N 233 
LYS CE  HE2  sing N N 234 
LYS CE  HE3  sing N N 235 
LYS NZ  HZ1  sing N N 236 
LYS NZ  HZ2  sing N N 237 
LYS NZ  HZ3  sing N N 238 
LYS OXT HXT  sing N N 239 
MET N   CA   sing N N 240 
MET N   H    sing N N 241 
MET N   H2   sing N N 242 
MET CA  C    sing N N 243 
MET CA  CB   sing N N 244 
MET CA  HA   sing N N 245 
MET C   O    doub N N 246 
MET C   OXT  sing N N 247 
MET CB  CG   sing N N 248 
MET CB  HB2  sing N N 249 
MET CB  HB3  sing N N 250 
MET CG  SD   sing N N 251 
MET CG  HG2  sing N N 252 
MET CG  HG3  sing N N 253 
MET SD  CE   sing N N 254 
MET CE  HE1  sing N N 255 
MET CE  HE2  sing N N 256 
MET CE  HE3  sing N N 257 
MET OXT HXT  sing N N 258 
PHE N   CA   sing N N 259 
PHE N   H    sing N N 260 
PHE N   H2   sing N N 261 
PHE CA  C    sing N N 262 
PHE CA  CB   sing N N 263 
PHE CA  HA   sing N N 264 
PHE C   O    doub N N 265 
PHE C   OXT  sing N N 266 
PHE CB  CG   sing N N 267 
PHE CB  HB2  sing N N 268 
PHE CB  HB3  sing N N 269 
PHE CG  CD1  doub Y N 270 
PHE CG  CD2  sing Y N 271 
PHE CD1 CE1  sing Y N 272 
PHE CD1 HD1  sing N N 273 
PHE CD2 CE2  doub Y N 274 
PHE CD2 HD2  sing N N 275 
PHE CE1 CZ   doub Y N 276 
PHE CE1 HE1  sing N N 277 
PHE CE2 CZ   sing Y N 278 
PHE CE2 HE2  sing N N 279 
PHE CZ  HZ   sing N N 280 
PHE OXT HXT  sing N N 281 
PRO N   CA   sing N N 282 
PRO N   CD   sing N N 283 
PRO N   H    sing N N 284 
PRO CA  C    sing N N 285 
PRO CA  CB   sing N N 286 
PRO CA  HA   sing N N 287 
PRO C   O    doub N N 288 
PRO C   OXT  sing N N 289 
PRO CB  CG   sing N N 290 
PRO CB  HB2  sing N N 291 
PRO CB  HB3  sing N N 292 
PRO CG  CD   sing N N 293 
PRO CG  HG2  sing N N 294 
PRO CG  HG3  sing N N 295 
PRO CD  HD2  sing N N 296 
PRO CD  HD3  sing N N 297 
PRO OXT HXT  sing N N 298 
SER N   CA   sing N N 299 
SER N   H    sing N N 300 
SER N   H2   sing N N 301 
SER CA  C    sing N N 302 
SER CA  CB   sing N N 303 
SER CA  HA   sing N N 304 
SER C   O    doub N N 305 
SER C   OXT  sing N N 306 
SER CB  OG   sing N N 307 
SER CB  HB2  sing N N 308 
SER CB  HB3  sing N N 309 
SER OG  HG   sing N N 310 
SER OXT HXT  sing N N 311 
THR N   CA   sing N N 312 
THR N   H    sing N N 313 
THR N   H2   sing N N 314 
THR CA  C    sing N N 315 
THR CA  CB   sing N N 316 
THR CA  HA   sing N N 317 
THR C   O    doub N N 318 
THR C   OXT  sing N N 319 
THR CB  OG1  sing N N 320 
THR CB  CG2  sing N N 321 
THR CB  HB   sing N N 322 
THR OG1 HG1  sing N N 323 
THR CG2 HG21 sing N N 324 
THR CG2 HG22 sing N N 325 
THR CG2 HG23 sing N N 326 
THR OXT HXT  sing N N 327 
TRP N   CA   sing N N 328 
TRP N   H    sing N N 329 
TRP N   H2   sing N N 330 
TRP CA  C    sing N N 331 
TRP CA  CB   sing N N 332 
TRP CA  HA   sing N N 333 
TRP C   O    doub N N 334 
TRP C   OXT  sing N N 335 
TRP CB  CG   sing N N 336 
TRP CB  HB2  sing N N 337 
TRP CB  HB3  sing N N 338 
TRP CG  CD1  doub Y N 339 
TRP CG  CD2  sing Y N 340 
TRP CD1 NE1  sing Y N 341 
TRP CD1 HD1  sing N N 342 
TRP CD2 CE2  doub Y N 343 
TRP CD2 CE3  sing Y N 344 
TRP NE1 CE2  sing Y N 345 
TRP NE1 HE1  sing N N 346 
TRP CE2 CZ2  sing Y N 347 
TRP CE3 CZ3  doub Y N 348 
TRP CE3 HE3  sing N N 349 
TRP CZ2 CH2  doub Y N 350 
TRP CZ2 HZ2  sing N N 351 
TRP CZ3 CH2  sing Y N 352 
TRP CZ3 HZ3  sing N N 353 
TRP CH2 HH2  sing N N 354 
TRP OXT HXT  sing N N 355 
TYR N   CA   sing N N 356 
TYR N   H    sing N N 357 
TYR N   H2   sing N N 358 
TYR CA  C    sing N N 359 
TYR CA  CB   sing N N 360 
TYR CA  HA   sing N N 361 
TYR C   O    doub N N 362 
TYR C   OXT  sing N N 363 
TYR CB  CG   sing N N 364 
TYR CB  HB2  sing N N 365 
TYR CB  HB3  sing N N 366 
TYR CG  CD1  doub Y N 367 
TYR CG  CD2  sing Y N 368 
TYR CD1 CE1  sing Y N 369 
TYR CD1 HD1  sing N N 370 
TYR CD2 CE2  doub Y N 371 
TYR CD2 HD2  sing N N 372 
TYR CE1 CZ   doub Y N 373 
TYR CE1 HE1  sing N N 374 
TYR CE2 CZ   sing Y N 375 
TYR CE2 HE2  sing N N 376 
TYR CZ  OH   sing N N 377 
TYR OH  HH   sing N N 378 
TYR OXT HXT  sing N N 379 
VAL N   CA   sing N N 380 
VAL N   H    sing N N 381 
VAL N   H2   sing N N 382 
VAL CA  C    sing N N 383 
VAL CA  CB   sing N N 384 
VAL CA  HA   sing N N 385 
VAL C   O    doub N N 386 
VAL C   OXT  sing N N 387 
VAL CB  CG1  sing N N 388 
VAL CB  CG2  sing N N 389 
VAL CB  HB   sing N N 390 
VAL CG1 HG11 sing N N 391 
VAL CG1 HG12 sing N N 392 
VAL CG1 HG13 sing N N 393 
VAL CG2 HG21 sing N N 394 
VAL CG2 HG22 sing N N 395 
VAL CG2 HG23 sing N N 396 
VAL OXT HXT  sing N N 397 
X4V N2  C5   doub Y N 398 
X4V N2  C6   sing Y N 399 
X4V N3  C6   sing N N 400 
X4V C5  C4   sing Y N 401 
X4V C6  C7   doub Y N 402 
X4V C4  C3   doub Y N 403 
X4V C7  C3   sing Y N 404 
X4V C3  N1   sing N N 405 
X4V N1  C1   sing N N 406 
X4V N1  C2   sing N N 407 
X4V C1  H1   sing N N 408 
X4V C1  H2   sing N N 409 
X4V C1  H3   sing N N 410 
X4V C2  H4   sing N N 411 
X4V C2  H5   sing N N 412 
X4V C2  H6   sing N N 413 
X4V C4  H7   sing N N 414 
X4V C5  H8   sing N N 415 
X4V C7  H9   sing N N 416 
X4V N3  H10  sing N N 417 
X4V N3  H11  sing N N 418 
# 
loop_
_pdbx_audit_support.funding_organization 
_pdbx_audit_support.country 
_pdbx_audit_support.grant_number 
_pdbx_audit_support.ordinal 
'Swedish Research Council'                       Sweden           2018-06454              1 
'Medical Research Council (MRC, United Kingdom)' 'United Kingdom' 'CiC8 2019 MC_PC_19054' 2 
# 
_pdbx_entity_instance_feature.ordinal        1 
_pdbx_entity_instance_feature.comp_id        X4V 
_pdbx_entity_instance_feature.asym_id        ? 
_pdbx_entity_instance_feature.seq_num        ? 
_pdbx_entity_instance_feature.auth_comp_id   X4V 
_pdbx_entity_instance_feature.auth_asym_id   ? 
_pdbx_entity_instance_feature.auth_seq_num   ? 
_pdbx_entity_instance_feature.feature_type   'SUBJECT OF INVESTIGATION' 
_pdbx_entity_instance_feature.details        ? 
# 
_pdbx_initial_refinement_model.id               1 
_pdbx_initial_refinement_model.entity_id_list   ? 
_pdbx_initial_refinement_model.type             'experimental model' 
_pdbx_initial_refinement_model.source_name      PDB 
_pdbx_initial_refinement_model.accession_code   6ZPE 
_pdbx_initial_refinement_model.details          ? 
# 
_atom_sites.entry_id                    7ORV 
_atom_sites.Cartn_transf_matrix[1][1]   ? 
_atom_sites.Cartn_transf_matrix[1][2]   ? 
_atom_sites.Cartn_transf_matrix[1][3]   ? 
_atom_sites.Cartn_transf_matrix[2][1]   ? 
_atom_sites.Cartn_transf_matrix[2][2]   ? 
_atom_sites.Cartn_transf_matrix[2][3]   ? 
_atom_sites.Cartn_transf_matrix[3][1]   ? 
_atom_sites.Cartn_transf_matrix[3][2]   ? 
_atom_sites.Cartn_transf_matrix[3][3]   ? 
_atom_sites.Cartn_transf_vector[1]      ? 
_atom_sites.Cartn_transf_vector[2]      ? 
_atom_sites.Cartn_transf_vector[3]      ? 
_atom_sites.fract_transf_matrix[1][1]   -0.00801709 
_atom_sites.fract_transf_matrix[1][2]   -0.00192607 
_atom_sites.fract_transf_matrix[1][3]   -0.00435571 
_atom_sites.fract_transf_matrix[2][1]   -0.00330511 
_atom_sites.fract_transf_matrix[2][2]   0.00839048 
_atom_sites.fract_transf_matrix[2][3]   0.00237314 
_atom_sites.fract_transf_matrix[3][1]   0.00342903 
_atom_sites.fract_transf_matrix[3][2]   0.00358410 
_atom_sites.fract_transf_matrix[3][3]   -0.00789630 
_atom_sites.fract_transf_vector[1]      0.059104 
_atom_sites.fract_transf_vector[2]      0.880072 
_atom_sites.fract_transf_vector[3]      0.189040 
_atom_sites.solution_primary            ? 
_atom_sites.solution_secondary          ? 
_atom_sites.solution_hydrogens          ? 
_atom_sites.special_details             ? 
# 
loop_
_atom_type.symbol 
C  
CL 
N  
O  
S  
ZN 
# 
loop_
_atom_site.group_PDB 
_atom_site.id 
_atom_site.type_symbol 
_atom_site.label_atom_id 
_atom_site.label_alt_id 
_atom_site.label_comp_id 
_atom_site.label_asym_id 
_atom_site.label_entity_id 
_atom_site.label_seq_id 
_atom_site.pdbx_PDB_ins_code 
_atom_site.Cartn_x 
_atom_site.Cartn_y 
_atom_site.Cartn_z 
_atom_site.occupancy 
_atom_site.B_iso_or_equiv 
_atom_site.pdbx_formal_charge 
_atom_site.auth_seq_id 
_atom_site.auth_comp_id 
_atom_site.auth_asym_id 
_atom_site.auth_atom_id 
_atom_site.pdbx_PDB_model_num 
ATOM   1    N  N   . THR A 1 1   ? 6.472   18.629  -8.276  1.00 68.32  ? 7   THR A N   1 
ATOM   2    C  CA  . THR A 1 1   ? 5.433   17.539  -8.241  1.00 72.58  ? 7   THR A CA  1 
ATOM   3    C  C   . THR A 1 1   ? 5.122   17.128  -9.689  1.00 62.84  ? 7   THR A C   1 
ATOM   4    O  O   . THR A 1 1   ? 4.589   17.962  -10.445 1.00 60.81  ? 7   THR A O   1 
ATOM   5    C  CB  . THR A 1 1   ? 4.223   17.989  -7.407  1.00 86.29  ? 7   THR A CB  1 
ATOM   6    O  OG1 . THR A 1 1   ? 4.375   17.434  -6.097  1.00 93.35  ? 7   THR A OG1 1 
ATOM   7    C  CG2 . THR A 1 1   ? 2.880   17.587  -7.986  1.00 94.04  ? 7   THR A CG2 1 
ATOM   8    N  N   . MET A 1 2   ? 5.448   15.891  -10.063 1.00 56.93  ? 8   MET A N   1 
ATOM   9    C  CA  . MET A 1 2   ? 5.403   15.418  -11.475 1.00 58.30  ? 8   MET A CA  1 
ATOM   10   C  C   . MET A 1 2   ? 3.994   14.966  -11.862 1.00 51.25  ? 8   MET A C   1 
ATOM   11   O  O   . MET A 1 2   ? 3.715   14.883  -13.073 1.00 50.73  ? 8   MET A O   1 
ATOM   12   C  CB  . MET A 1 2   ? 6.344   14.236  -11.660 1.00 62.51  ? 8   MET A CB  1 
ATOM   13   C  CG  . MET A 1 2   ? 7.668   14.489  -11.044 1.00 64.60  ? 8   MET A CG  1 
ATOM   14   S  SD  . MET A 1 2   ? 8.927   13.856  -12.119 1.00 68.24  ? 8   MET A SD  1 
ATOM   15   C  CE  . MET A 1 2   ? 10.286  13.758  -10.952 1.00 69.85  ? 8   MET A CE  1 
ATOM   16   N  N   . GLY A 1 3   ? 3.170   14.624  -10.871 1.00 46.56  ? 9   GLY A N   1 
ATOM   17   C  CA  . GLY A 1 3   ? 1.787   14.161  -11.079 1.00 46.04  ? 9   GLY A CA  1 
ATOM   18   C  C   . GLY A 1 3   ? 1.697   12.645  -11.060 1.00 41.19  ? 9   GLY A C   1 
ATOM   19   O  O   . GLY A 1 3   ? 2.644   11.977  -11.509 1.00 41.31  ? 9   GLY A O   1 
ATOM   20   N  N   . ASN A 1 4   ? 0.577   12.128  -10.567 1.00 39.69  ? 10  ASN A N   1 
ATOM   21   C  CA  . ASN A 1 4   ? 0.310   10.670  -10.451 1.00 39.17  ? 10  ASN A CA  1 
ATOM   22   C  C   . ASN A 1 4   ? 0.418   9.976   -11.815 1.00 37.41  ? 10  ASN A C   1 
ATOM   23   O  O   . ASN A 1 4   ? 1.056   8.946   -11.870 1.00 39.29  ? 10  ASN A O   1 
ATOM   24   C  CB  . ASN A 1 4   ? -1.054  10.418  -9.813  1.00 39.20  ? 10  ASN A CB  1 
ATOM   25   C  CG  . ASN A 1 4   ? -1.064  10.784  -8.347  1.00 41.60  ? 10  ASN A CG  1 
ATOM   26   O  OD1 . ASN A 1 4   ? -0.061  10.614  -7.653  1.00 40.78  ? 10  ASN A OD1 1 
ATOM   27   N  ND2 . ASN A 1 4   ? -2.196  11.269  -7.871  1.00 43.06  ? 10  ASN A ND2 1 
ATOM   28   N  N   . SER A 1 5   ? -0.203  10.500  -12.874 1.00 40.64  ? 11  SER A N   1 
ATOM   29   C  CA  . SER A 1 5   ? -0.221  9.851   -14.218 1.00 39.17  ? 11  SER A CA  1 
ATOM   30   C  C   . SER A 1 5   ? 1.202   9.747   -14.780 1.00 41.35  ? 11  SER A C   1 
ATOM   31   O  O   . SER A 1 5   ? 1.522   8.695   -15.335 1.00 40.27  ? 11  SER A O   1 
ATOM   32   C  CB  . SER A 1 5   ? -1.143  10.557  -15.178 1.00 40.98  ? 11  SER A CB  1 
ATOM   33   O  OG  . SER A 1 5   ? -2.496  10.361  -14.794 1.00 41.86  ? 11  SER A OG  1 
ATOM   34   N  N   . THR A 1 6   ? 2.038   10.777  -14.616 1.00 38.97  ? 12  THR A N   1 
ATOM   35   C  CA  . THR A 1 6   ? 3.450   10.745  -15.071 1.00 38.97  ? 12  THR A CA  1 
ATOM   36   C  C   . THR A 1 6   ? 4.220   9.641   -14.331 1.00 37.77  ? 12  THR A C   1 
ATOM   37   O  O   . THR A 1 6   ? 4.928   8.863   -14.995 1.00 37.24  ? 12  THR A O   1 
ATOM   38   C  CB  . THR A 1 6   ? 4.105   12.124  -14.913 1.00 39.99  ? 12  THR A CB  1 
ATOM   39   O  OG1 . THR A 1 6   ? 3.374   13.047  -15.716 1.00 41.71  ? 12  THR A OG1 1 
ATOM   40   C  CG2 . THR A 1 6   ? 5.554   12.140  -15.342 1.00 41.30  ? 12  THR A CG2 1 
ATOM   41   N  N   . VAL A 1 7   ? 4.108   9.575   -13.007 1.00 38.83  ? 13  VAL A N   1 
ATOM   42   C  CA  . VAL A 1 7   ? 4.858   8.580   -12.187 1.00 38.91  ? 13  VAL A CA  1 
ATOM   43   C  C   . VAL A 1 7   ? 4.364   7.165   -12.532 1.00 37.85  ? 13  VAL A C   1 
ATOM   44   O  O   . VAL A 1 7   ? 5.205   6.284   -12.763 1.00 38.01  ? 13  VAL A O   1 
ATOM   45   C  CB  . VAL A 1 7   ? 4.721   8.884   -10.689 1.00 38.75  ? 13  VAL A CB  1 
ATOM   46   C  CG1 . VAL A 1 7   ? 5.439   7.837   -9.850  1.00 39.66  ? 13  VAL A CG1 1 
ATOM   47   C  CG2 . VAL A 1 7   ? 5.251   10.275  -10.356 1.00 45.14  ? 13  VAL A CG2 1 
ATOM   48   N  N   . LEU A 1 8   ? 3.048   6.953   -12.562 1.00 37.56  ? 14  LEU A N   1 
ATOM   49   C  CA  . LEU A 1 8   ? 2.457   5.606   -12.786 1.00 39.68  ? 14  LEU A CA  1 
ATOM   50   C  C   . LEU A 1 8   ? 2.813   5.109   -14.192 1.00 41.17  ? 14  LEU A C   1 
ATOM   51   O  O   . LEU A 1 8   ? 3.127   3.911   -14.331 1.00 40.66  ? 14  LEU A O   1 
ATOM   52   C  CB  . LEU A 1 8   ? 0.943   5.658   -12.559 1.00 37.66  ? 14  LEU A CB  1 
ATOM   53   C  CG  . LEU A 1 8   ? 0.524   5.810   -11.095 1.00 39.60  ? 14  LEU A CG  1 
ATOM   54   C  CD1 . LEU A 1 8   ? -0.950  6.154   -10.972 1.00 40.27  ? 14  LEU A CD1 1 
ATOM   55   C  CD2 . LEU A 1 8   ? 0.845   4.560   -10.292 1.00 42.99  ? 14  LEU A CD2 1 
ATOM   56   N  N   . SER A 1 9   ? 2.781   5.985   -15.197 1.00 39.83  ? 15  SER A N   1 
ATOM   57   C  CA  . SER A 1 9   ? 3.172   5.632   -16.587 1.00 39.04  ? 15  SER A CA  1 
ATOM   58   C  C   . SER A 1 9   ? 4.636   5.179   -16.612 1.00 40.94  ? 15  SER A C   1 
ATOM   59   O  O   . SER A 1 9   ? 4.959   4.147   -17.220 1.00 42.34  ? 15  SER A O   1 
ATOM   60   C  CB  . SER A 1 9   ? 2.926   6.782   -17.519 1.00 39.04  ? 15  SER A CB  1 
ATOM   61   O  OG  . SER A 1 9   ? 3.334   6.442   -18.832 1.00 42.67  ? 15  SER A OG  1 
ATOM   62   N  N   . PHE A 1 10  ? 5.513   5.927   -15.956 1.00 42.06  ? 16  PHE A N   1 
ATOM   63   C  CA  . PHE A 1 10  ? 6.961   5.621   -15.924 1.00 39.77  ? 16  PHE A CA  1 
ATOM   64   C  C   . PHE A 1 10  ? 7.161   4.217   -15.340 1.00 39.39  ? 16  PHE A C   1 
ATOM   65   O  O   . PHE A 1 10  ? 7.890   3.408   -15.931 1.00 36.94  ? 16  PHE A O   1 
ATOM   66   C  CB  . PHE A 1 10  ? 7.678   6.711   -15.134 1.00 39.22  ? 16  PHE A CB  1 
ATOM   67   C  CG  . PHE A 1 10  ? 9.154   6.487   -15.014 1.00 42.03  ? 16  PHE A CG  1 
ATOM   68   C  CD1 . PHE A 1 10  ? 9.999   6.826   -16.059 1.00 45.31  ? 16  PHE A CD1 1 
ATOM   69   C  CD2 . PHE A 1 10  ? 9.691   5.938   -13.862 1.00 43.95  ? 16  PHE A CD2 1 
ATOM   70   C  CE1 . PHE A 1 10  ? 11.365  6.627   -15.949 1.00 47.28  ? 16  PHE A CE1 1 
ATOM   71   C  CE2 . PHE A 1 10  ? 11.058  5.752   -13.753 1.00 46.85  ? 16  PHE A CE2 1 
ATOM   72   C  CZ  . PHE A 1 10  ? 11.888  6.104   -14.790 1.00 45.58  ? 16  PHE A CZ  1 
ATOM   73   N  N   . CYS A 1 11  ? 6.509   3.922   -14.212 1.00 39.51  ? 17  CYS A N   1 
ATOM   74   C  CA  . CYS A 1 11  ? 6.618   2.610   -13.520 1.00 41.46  ? 17  CYS A CA  1 
ATOM   75   C  C   . CYS A 1 11  ? 5.949   1.495   -14.343 1.00 40.97  ? 17  CYS A C   1 
ATOM   76   O  O   . CYS A 1 11  ? 6.530   0.411   -14.405 1.00 40.74  ? 17  CYS A O   1 
ATOM   77   C  CB  . CYS A 1 11  ? 6.040   2.674   -12.114 1.00 43.24  ? 17  CYS A CB  1 
ATOM   78   S  SG  . CYS A 1 11  ? 6.901   3.879   -11.075 1.00 44.92  ? 17  CYS A SG  1 
ATOM   79   N  N   . ALA A 1 12  ? 4.788   1.754   -14.954 1.00 37.55  ? 18  ALA A N   1 
ATOM   80   C  CA  . ALA A 1 12  ? 3.949   0.734   -15.624 1.00 40.65  ? 18  ALA A CA  1 
ATOM   81   C  C   . ALA A 1 12  ? 4.734   0.091   -16.768 1.00 41.44  ? 18  ALA A C   1 
ATOM   82   O  O   . ALA A 1 12  ? 4.582   -1.135  -16.956 1.00 41.33  ? 18  ALA A O   1 
ATOM   83   C  CB  . ALA A 1 12  ? 2.654   1.329   -16.131 1.00 38.78  ? 18  ALA A CB  1 
ATOM   84   N  N   . PHE A 1 13  ? 5.511   0.883   -17.517 1.00 36.96  ? 19  PHE A N   1 
ATOM   85   C  CA  . PHE A 1 13  ? 6.184   0.435   -18.767 1.00 38.55  ? 19  PHE A CA  1 
ATOM   86   C  C   . PHE A 1 13  ? 7.631   0.023   -18.485 1.00 39.95  ? 19  PHE A C   1 
ATOM   87   O  O   . PHE A 1 13  ? 8.300   -0.478  -19.410 1.00 42.04  ? 19  PHE A O   1 
ATOM   88   C  CB  . PHE A 1 13  ? 6.048   1.492   -19.864 1.00 38.51  ? 19  PHE A CB  1 
ATOM   89   C  CG  . PHE A 1 13  ? 4.626   1.726   -20.320 1.00 38.03  ? 19  PHE A CG  1 
ATOM   90   C  CD1 . PHE A 1 13  ? 3.958   0.774   -21.076 1.00 37.94  ? 19  PHE A CD1 1 
ATOM   91   C  CD2 . PHE A 1 13  ? 3.950   2.895   -19.987 1.00 38.55  ? 19  PHE A CD2 1 
ATOM   92   C  CE1 . PHE A 1 13  ? 2.651   0.986   -21.487 1.00 39.61  ? 19  PHE A CE1 1 
ATOM   93   C  CE2 . PHE A 1 13  ? 2.643   3.108   -20.404 1.00 41.07  ? 19  PHE A CE2 1 
ATOM   94   C  CZ  . PHE A 1 13  ? 1.996   2.157   -21.162 1.00 39.66  ? 19  PHE A CZ  1 
ATOM   95   N  N   . ALA A 1 14  ? 8.090   0.183   -17.245 1.00 40.45  ? 20  ALA A N   1 
ATOM   96   C  CA  . ALA A 1 14  ? 9.422   -0.278  -16.803 1.00 42.46  ? 20  ALA A CA  1 
ATOM   97   C  C   . ALA A 1 14  ? 9.416   -1.808  -16.765 1.00 44.24  ? 20  ALA A C   1 
ATOM   98   O  O   . ALA A 1 14  ? 8.370   -2.392  -16.447 1.00 49.53  ? 20  ALA A O   1 
ATOM   99   C  CB  . ALA A 1 14  ? 9.750   0.311   -15.451 1.00 45.72  ? 20  ALA A CB  1 
ATOM   100  N  N   . VAL A 1 15  ? 10.546  -2.447  -17.049 1.00 45.88  ? 21  VAL A N   1 
ATOM   101  C  CA  . VAL A 1 15  ? 10.644  -3.937  -17.002 1.00 46.95  ? 21  VAL A CA  1 
ATOM   102  C  C   . VAL A 1 15  ? 10.376  -4.395  -15.559 1.00 48.37  ? 21  VAL A C   1 
ATOM   103  O  O   . VAL A 1 15  ? 9.737   -5.444  -15.399 1.00 46.34  ? 21  VAL A O   1 
ATOM   104  C  CB  . VAL A 1 15  ? 11.995  -4.428  -17.556 1.00 51.95  ? 21  VAL A CB  1 
ATOM   105  C  CG1 . VAL A 1 15  ? 12.304  -5.867  -17.150 1.00 57.16  ? 21  VAL A CG1 1 
ATOM   106  C  CG2 . VAL A 1 15  ? 12.038  -4.282  -19.067 1.00 48.11  ? 21  VAL A CG2 1 
ATOM   107  N  N   . ASP A 1 16  ? 10.808  -3.610  -14.562 1.00 47.32  ? 22  ASP A N   1 
ATOM   108  C  CA  . ASP A 1 16  ? 10.590  -3.853  -13.109 1.00 47.52  ? 22  ASP A CA  1 
ATOM   109  C  C   . ASP A 1 16  ? 9.886   -2.634  -12.492 1.00 45.30  ? 22  ASP A C   1 
ATOM   110  O  O   . ASP A 1 16  ? 10.581  -1.677  -12.116 1.00 43.97  ? 22  ASP A O   1 
ATOM   111  C  CB  . ASP A 1 16  ? 11.920  -4.138  -12.407 1.00 49.13  ? 22  ASP A CB  1 
ATOM   112  C  CG  . ASP A 1 16  ? 11.795  -4.553  -10.946 1.00 51.37  ? 22  ASP A CG  1 
ATOM   113  O  OD1 . ASP A 1 16  ? 10.747  -4.269  -10.328 1.00 48.03  ? 22  ASP A OD1 1 
ATOM   114  O  OD2 . ASP A 1 16  ? 12.760  -5.161  -10.438 1.00 57.17  ? 22  ASP A OD2 1 
ATOM   115  N  N   . ALA A 1 17  ? 8.557   -2.678  -12.380 1.00 43.63  ? 23  ALA A N   1 
ATOM   116  C  CA  . ALA A 1 17  ? 7.706   -1.558  -11.921 1.00 43.37  ? 23  ALA A CA  1 
ATOM   117  C  C   . ALA A 1 17  ? 8.036   -1.198  -10.468 1.00 42.42  ? 23  ALA A C   1 
ATOM   118  O  O   . ALA A 1 17  ? 8.150   0.000   -10.181 1.00 43.88  ? 23  ALA A O   1 
ATOM   119  C  CB  . ALA A 1 17  ? 6.259   -1.930  -12.078 1.00 44.99  ? 23  ALA A CB  1 
ATOM   120  N  N   . ALA A 1 18  ? 8.162   -2.200  -9.592  1.00 41.76  ? 24  ALA A N   1 
ATOM   121  C  CA  . ALA A 1 18  ? 8.477   -2.032  -8.152  1.00 44.22  ? 24  ALA A CA  1 
ATOM   122  C  C   . ALA A 1 18  ? 9.793   -1.269  -7.994  1.00 43.11  ? 24  ALA A C   1 
ATOM   123  O  O   . ALA A 1 18  ? 9.832   -0.304  -7.227  1.00 41.83  ? 24  ALA A O   1 
ATOM   124  C  CB  . ALA A 1 18  ? 8.551   -3.377  -7.466  1.00 46.36  ? 24  ALA A CB  1 
ATOM   125  N  N   . LYS A 1 19  ? 10.834  -1.677  -8.717  1.00 46.57  ? 25  LYS A N   1 
ATOM   126  C  CA  . LYS A 1 19  ? 12.176  -1.056  -8.614  1.00 47.67  ? 25  LYS A CA  1 
ATOM   127  C  C   . LYS A 1 19  ? 12.102  0.383   -9.135  1.00 46.61  ? 25  LYS A C   1 
ATOM   128  O  O   . LYS A 1 19  ? 12.736  1.265   -8.512  1.00 44.06  ? 25  LYS A O   1 
ATOM   129  C  CB  . LYS A 1 19  ? 13.220  -1.868  -9.384  1.00 51.26  ? 25  LYS A CB  1 
ATOM   130  C  CG  . LYS A 1 19  ? 14.656  -1.396  -9.200  1.00 55.12  ? 25  LYS A CG  1 
ATOM   131  C  CD  . LYS A 1 19  ? 15.670  -2.300  -9.895  1.00 60.65  ? 25  LYS A CD  1 
ATOM   132  C  CE  . LYS A 1 19  ? 17.111  -1.928  -9.604  1.00 63.21  ? 25  LYS A CE  1 
ATOM   133  N  NZ  . LYS A 1 19  ? 17.409  -0.532  -10.005 1.00 63.72  ? 25  LYS A NZ  1 
ATOM   134  N  N   . ALA A 1 20  ? 11.342  0.621   -10.208 1.00 43.12  ? 26  ALA A N   1 
ATOM   135  C  CA  . ALA A 1 20  ? 11.139  1.976   -10.772 1.00 43.00  ? 26  ALA A CA  1 
ATOM   136  C  C   . ALA A 1 20  ? 10.559  2.896   -9.688  1.00 39.86  ? 26  ALA A C   1 
ATOM   137  O  O   . ALA A 1 20  ? 11.102  3.997   -9.493  1.00 43.27  ? 26  ALA A O   1 
ATOM   138  C  CB  . ALA A 1 20  ? 10.276  1.922   -12.006 1.00 45.89  ? 26  ALA A CB  1 
ATOM   139  N  N   . TYR A 1 21  ? 9.518   2.476   -8.979  1.00 40.43  ? 27  TYR A N   1 
ATOM   140  C  CA  . TYR A 1 21  ? 8.884   3.327   -7.938  1.00 41.03  ? 27  TYR A CA  1 
ATOM   141  C  C   . TYR A 1 21  ? 9.843   3.512   -6.754  1.00 45.43  ? 27  TYR A C   1 
ATOM   142  O  O   . TYR A 1 21  ? 9.935   4.647   -6.238  1.00 41.86  ? 27  TYR A O   1 
ATOM   143  C  CB  . TYR A 1 21  ? 7.523   2.790   -7.482  1.00 43.25  ? 27  TYR A CB  1 
ATOM   144  C  CG  . TYR A 1 21  ? 6.772   3.748   -6.588  1.00 40.47  ? 27  TYR A CG  1 
ATOM   145  C  CD1 . TYR A 1 21  ? 6.548   5.060   -6.972  1.00 42.21  ? 27  TYR A CD1 1 
ATOM   146  C  CD2 . TYR A 1 21  ? 6.274   3.350   -5.356  1.00 43.38  ? 27  TYR A CD2 1 
ATOM   147  C  CE1 . TYR A 1 21  ? 5.872   5.951   -6.156  1.00 42.32  ? 27  TYR A CE1 1 
ATOM   148  C  CE2 . TYR A 1 21  ? 5.581   4.226   -4.535  1.00 41.88  ? 27  TYR A CE2 1 
ATOM   149  C  CZ  . TYR A 1 21  ? 5.388   5.538   -4.929  1.00 43.32  ? 27  TYR A CZ  1 
ATOM   150  O  OH  . TYR A 1 21  ? 4.704   6.415   -4.137  1.00 41.03  ? 27  TYR A OH  1 
ATOM   151  N  N   . LYS A 1 22  ? 10.545  2.457   -6.326  1.00 44.11  ? 28  LYS A N   1 
ATOM   152  C  CA  . LYS A 1 22  ? 11.470  2.556   -5.164  1.00 45.53  ? 28  LYS A CA  1 
ATOM   153  C  C   . LYS A 1 22  ? 12.628  3.509   -5.487  1.00 44.08  ? 28  LYS A C   1 
ATOM   154  O  O   . LYS A 1 22  ? 12.984  4.321   -4.603  1.00 42.41  ? 28  LYS A O   1 
ATOM   155  C  CB  . LYS A 1 22  ? 11.989  1.178   -4.755  1.00 46.99  ? 28  LYS A CB  1 
ATOM   156  C  CG  . LYS A 1 22  ? 10.956  0.287   -4.085  1.00 49.46  ? 28  LYS A CG  1 
ATOM   157  C  CD  . LYS A 1 22  ? 11.429  -1.149  -3.972  1.00 55.36  ? 28  LYS A CD  1 
ATOM   158  C  CE  . LYS A 1 22  ? 10.338  -2.110  -3.567  1.00 59.08  ? 28  LYS A CE  1 
ATOM   159  N  NZ  . LYS A 1 22  ? 10.752  -3.515  -3.791  1.00 65.99  ? 28  LYS A NZ  1 
ATOM   160  N  N   . ASP A 1 23  ? 13.185  3.425   -6.698  1.00 42.68  ? 29  ASP A N   1 
ATOM   161  C  CA  . ASP A 1 23  ? 14.306  4.292   -7.147  1.00 45.86  ? 29  ASP A CA  1 
ATOM   162  C  C   . ASP A 1 23  ? 13.800  5.739   -7.249  1.00 47.33  ? 29  ASP A C   1 
ATOM   163  O  O   . ASP A 1 23  ? 14.549  6.660   -6.880  1.00 43.65  ? 29  ASP A O   1 
ATOM   164  C  CB  . ASP A 1 23  ? 14.921  3.768   -8.452  1.00 49.46  ? 29  ASP A CB  1 
ATOM   165  C  CG  . ASP A 1 23  ? 15.694  2.466   -8.310  1.00 50.42  ? 29  ASP A CG  1 
ATOM   166  O  OD1 . ASP A 1 23  ? 15.987  2.071   -7.163  1.00 54.50  ? 29  ASP A OD1 1 
ATOM   167  O  OD2 . ASP A 1 23  ? 15.983  1.852   -9.345  1.00 50.15  ? 29  ASP A OD2 1 
ATOM   168  N  N   . TYR A 1 24  ? 12.567  5.943   -7.720  1.00 46.40  ? 30  TYR A N   1 
ATOM   169  C  CA  . TYR A 1 24  ? 11.905  7.275   -7.787  1.00 44.52  ? 30  TYR A CA  1 
ATOM   170  C  C   . TYR A 1 24  ? 11.814  7.882   -6.375  1.00 44.89  ? 30  TYR A C   1 
ATOM   171  O  O   . TYR A 1 24  ? 12.196  9.044   -6.199  1.00 45.05  ? 30  TYR A O   1 
ATOM   172  C  CB  . TYR A 1 24  ? 10.532  7.161   -8.456  1.00 42.00  ? 30  TYR A CB  1 
ATOM   173  C  CG  . TYR A 1 24  ? 9.635   8.356   -8.290  1.00 43.81  ? 30  TYR A CG  1 
ATOM   174  C  CD1 . TYR A 1 24  ? 9.792   9.494   -9.071  1.00 46.36  ? 30  TYR A CD1 1 
ATOM   175  C  CD2 . TYR A 1 24  ? 8.601   8.336   -7.375  1.00 44.90  ? 30  TYR A CD2 1 
ATOM   176  C  CE1 . TYR A 1 24  ? 8.941   10.580  -8.941  1.00 46.34  ? 30  TYR A CE1 1 
ATOM   177  C  CE2 . TYR A 1 24  ? 7.759   9.421   -7.212  1.00 44.88  ? 30  TYR A CE2 1 
ATOM   178  C  CZ  . TYR A 1 24  ? 7.930   10.547  -7.998  1.00 45.72  ? 30  TYR A CZ  1 
ATOM   179  O  OH  . TYR A 1 24  ? 7.103   11.612  -7.824  1.00 45.77  ? 30  TYR A OH  1 
ATOM   180  N  N   . LEU A 1 25  ? 11.316  7.128   -5.394  1.00 44.30  ? 31  LEU A N   1 
ATOM   181  C  CA  . LEU A 1 25  ? 11.186  7.612   -3.990  1.00 46.66  ? 31  LEU A CA  1 
ATOM   182  C  C   . LEU A 1 25  ? 12.565  7.953   -3.408  1.00 46.47  ? 31  LEU A C   1 
ATOM   183  O  O   . LEU A 1 25  ? 12.681  8.998   -2.734  1.00 46.84  ? 31  LEU A O   1 
ATOM   184  C  CB  . LEU A 1 25  ? 10.514  6.535   -3.140  1.00 45.47  ? 31  LEU A CB  1 
ATOM   185  C  CG  . LEU A 1 25  ? 9.043   6.273   -3.439  1.00 44.34  ? 31  LEU A CG  1 
ATOM   186  C  CD1 . LEU A 1 25  ? 8.559   5.070   -2.649  1.00 43.96  ? 31  LEU A CD1 1 
ATOM   187  C  CD2 . LEU A 1 25  ? 8.199   7.501   -3.150  1.00 47.56  ? 31  LEU A CD2 1 
ATOM   188  N  N   . ALA A 1 26  ? 13.551  7.080   -3.617  1.00 48.03  ? 32  ALA A N   1 
ATOM   189  C  CA  . ALA A 1 26  ? 14.931  7.246   -3.114  1.00 50.22  ? 32  ALA A CA  1 
ATOM   190  C  C   . ALA A 1 26  ? 15.553  8.517   -3.711  1.00 51.61  ? 32  ALA A C   1 
ATOM   191  O  O   . ALA A 1 26  ? 16.376  9.114   -3.035  1.00 48.59  ? 32  ALA A O   1 
ATOM   192  C  CB  . ALA A 1 26  ? 15.755  6.022   -3.424  1.00 51.04  ? 32  ALA A CB  1 
ATOM   193  N  N   . SER A 1 27  ? 15.133  8.944   -4.908  1.00 50.68  ? 33  SER A N   1 
ATOM   194  C  CA  . SER A 1 27  ? 15.655  10.142  -5.617  1.00 47.43  ? 33  SER A CA  1 
ATOM   195  C  C   . SER A 1 27  ? 15.030  11.430  -5.071  1.00 47.59  ? 33  SER A C   1 
ATOM   196  O  O   . SER A 1 27  ? 15.427  12.514  -5.540  1.00 47.94  ? 33  SER A O   1 
ATOM   197  C  CB  . SER A 1 27  ? 15.410  10.025  -7.105  1.00 49.42  ? 33  SER A CB  1 
ATOM   198  O  OG  . SER A 1 27  ? 14.090  10.431  -7.437  1.00 46.15  ? 33  SER A OG  1 
ATOM   199  N  N   . GLY A 1 28  ? 14.041  11.313  -4.186  1.00 47.37  ? 34  GLY A N   1 
ATOM   200  C  CA  . GLY A 1 28  ? 13.305  12.454  -3.610  1.00 48.34  ? 34  GLY A CA  1 
ATOM   201  C  C   . GLY A 1 28  ? 11.960  12.685  -4.281  1.00 50.83  ? 34  GLY A C   1 
ATOM   202  O  O   . GLY A 1 28  ? 11.327  13.700  -3.973  1.00 47.40  ? 34  GLY A O   1 
ATOM   203  N  N   . GLY A 1 29  ? 11.500  11.768  -5.134  1.00 48.71  ? 35  GLY A N   1 
ATOM   204  C  CA  . GLY A 1 29  ? 10.205  11.907  -5.832  1.00 48.99  ? 35  GLY A CA  1 
ATOM   205  C  C   . GLY A 1 29  ? 9.040   11.971  -4.855  1.00 47.17  ? 35  GLY A C   1 
ATOM   206  O  O   . GLY A 1 29  ? 9.054   11.233  -3.871  1.00 47.54  ? 35  GLY A O   1 
ATOM   207  N  N   . GLN A 1 30  ? 8.068   12.841  -5.108  1.00 45.80  ? 36  GLN A N   1 
ATOM   208  C  CA  . GLN A 1 30  ? 6.828   12.950  -4.295  1.00 47.20  ? 36  GLN A CA  1 
ATOM   209  C  C   . GLN A 1 30  ? 6.028   11.654  -4.434  1.00 44.67  ? 36  GLN A C   1 
ATOM   210  O  O   . GLN A 1 30  ? 5.778   11.201  -5.550  1.00 43.43  ? 36  GLN A O   1 
ATOM   211  C  CB  . GLN A 1 30  ? 6.017   14.167  -4.741  1.00 55.43  ? 36  GLN A CB  1 
ATOM   212  C  CG  . GLN A 1 30  ? 6.464   15.465  -4.079  1.00 63.47  ? 36  GLN A CG  1 
ATOM   213  C  CD  . GLN A 1 30  ? 5.749   15.712  -2.768  1.00 73.23  ? 36  GLN A CD  1 
ATOM   214  O  OE1 . GLN A 1 30  ? 6.365   15.984  -1.740  1.00 72.40  ? 36  GLN A OE1 1 
ATOM   215  N  NE2 . GLN A 1 30  ? 4.430   15.612  -2.793  1.00 77.53  ? 36  GLN A NE2 1 
ATOM   216  N  N   . PRO A 1 31  ? 5.576   11.036  -3.317  1.00 44.89  ? 37  PRO A N   1 
ATOM   217  C  CA  . PRO A 1 31  ? 4.733   9.841   -3.379  1.00 45.69  ? 37  PRO A CA  1 
ATOM   218  C  C   . PRO A 1 31  ? 3.451   10.009  -4.205  1.00 42.30  ? 37  PRO A C   1 
ATOM   219  O  O   . PRO A 1 31  ? 2.920   11.099  -4.301  1.00 46.46  ? 37  PRO A O   1 
ATOM   220  C  CB  . PRO A 1 31  ? 4.372   9.567   -1.913  1.00 44.26  ? 37  PRO A CB  1 
ATOM   221  C  CG  . PRO A 1 31  ? 5.510   10.192  -1.134  1.00 47.63  ? 37  PRO A CG  1 
ATOM   222  C  CD  . PRO A 1 31  ? 5.876   11.428  -1.928  1.00 47.97  ? 37  PRO A CD  1 
ATOM   223  N  N   . ILE A 1 32  ? 2.995   8.895   -4.777  1.00 44.47  ? 38  ILE A N   1 
ATOM   224  C  CA  . ILE A 1 32  ? 1.664   8.749   -5.426  1.00 42.00  ? 38  ILE A CA  1 
ATOM   225  C  C   . ILE A 1 32  ? 0.595   9.165   -4.406  1.00 41.33  ? 38  ILE A C   1 
ATOM   226  O  O   . ILE A 1 32  ? 0.671   8.719   -3.240  1.00 40.48  ? 38  ILE A O   1 
ATOM   227  C  CB  . ILE A 1 32  ? 1.481   7.301   -5.923  1.00 43.18  ? 38  ILE A CB  1 
ATOM   228  C  CG1 . ILE A 1 32  ? 2.445   6.976   -7.069  1.00 45.44  ? 38  ILE A CG1 1 
ATOM   229  C  CG2 . ILE A 1 32  ? 0.033   7.051   -6.316  1.00 43.93  ? 38  ILE A CG2 1 
ATOM   230  C  CD1 . ILE A 1 32  ? 2.680   5.495   -7.284  1.00 48.99  ? 38  ILE A CD1 1 
ATOM   231  N  N   . THR A 1 33  ? -0.360  9.991   -4.826  1.00 42.58  ? 39  THR A N   1 
ATOM   232  C  CA  . THR A 1 33  ? -1.486  10.486  -3.987  1.00 41.20  ? 39  THR A CA  1 
ATOM   233  C  C   . THR A 1 33  ? -2.806  9.903   -4.496  1.00 41.87  ? 39  THR A C   1 
ATOM   234  O  O   . THR A 1 33  ? -2.789  8.999   -5.377  1.00 40.92  ? 39  THR A O   1 
ATOM   235  C  CB  . THR A 1 33  ? -1.512  12.024  -3.962  1.00 46.23  ? 39  THR A CB  1 
ATOM   236  O  OG1 . THR A 1 33  ? -1.747  12.499  -5.288  1.00 44.78  ? 39  THR A OG1 1 
ATOM   237  C  CG2 . THR A 1 33  ? -0.240  12.625  -3.402  1.00 46.64  ? 39  THR A CG2 1 
ATOM   238  N  N   A ASN A 1 34  ? -3.917  10.397  -3.941  0.55 40.31  ? 40  ASN A N   1 
ATOM   239  N  N   B ASN A 1 34  ? -3.919  10.385  -3.936  0.45 40.89  ? 40  ASN A N   1 
ATOM   240  C  CA  A ASN A 1 34  ? -5.300  10.037  -4.342  0.55 42.55  ? 40  ASN A CA  1 
ATOM   241  C  CA  B ASN A 1 34  ? -5.300  10.045  -4.360  0.45 42.96  ? 40  ASN A CA  1 
ATOM   242  C  C   A ASN A 1 34  ? -5.513  8.548   -4.054  0.55 42.94  ? 40  ASN A C   1 
ATOM   243  C  C   B ASN A 1 34  ? -5.604  8.593   -3.976  0.45 42.92  ? 40  ASN A C   1 
ATOM   244  O  O   A ASN A 1 34  ? -6.212  7.893   -4.826  0.55 43.31  ? 40  ASN A O   1 
ATOM   245  O  O   B ASN A 1 34  ? -6.500  8.013   -4.593  0.45 42.94  ? 40  ASN A O   1 
ATOM   246  C  CB  A ASN A 1 34  ? -5.582  10.453  -5.793  0.55 44.09  ? 40  ASN A CB  1 
ATOM   247  C  CB  B ASN A 1 34  ? -5.512  10.291  -5.859  0.45 44.37  ? 40  ASN A CB  1 
ATOM   248  C  CG  A ASN A 1 34  ? -5.556  11.957  -5.988  0.55 47.08  ? 40  ASN A CG  1 
ATOM   249  C  CG  B ASN A 1 34  ? -6.880  10.854  -6.187  0.45 48.22  ? 40  ASN A CG  1 
ATOM   250  O  OD1 A ASN A 1 34  ? -5.765  12.717  -5.044  0.55 53.40  ? 40  ASN A OD1 1 
ATOM   251  O  OD1 B ASN A 1 34  ? -7.683  11.121  -5.296  0.45 48.26  ? 40  ASN A OD1 1 
ATOM   252  N  ND2 A ASN A 1 34  ? -5.310  12.407  -7.207  0.55 48.12  ? 40  ASN A ND2 1 
ATOM   253  N  ND2 B ASN A 1 34  ? -7.153  11.051  -7.468  0.45 49.64  ? 40  ASN A ND2 1 
ATOM   254  N  N   . CYS A 1 35  ? -4.901  8.033   -2.983  1.00 42.61  ? 41  CYS A N   1 
ATOM   255  C  CA  . CYS A 1 35  ? -5.292  6.748   -2.355  1.00 44.74  ? 41  CYS A CA  1 
ATOM   256  C  C   . CYS A 1 35  ? -6.623  7.009   -1.629  1.00 46.94  ? 41  CYS A C   1 
ATOM   257  O  O   . CYS A 1 35  ? -6.851  8.150   -1.211  1.00 45.77  ? 41  CYS A O   1 
ATOM   258  C  CB  . CYS A 1 35  ? -4.207  6.233   -1.417  1.00 43.63  ? 41  CYS A CB  1 
ATOM   259  S  SG  . CYS A 1 35  ? -2.604  5.983   -2.223  1.00 46.10  ? 41  CYS A SG  1 
ATOM   260  N  N   . VAL A 1 36  ? -7.511  6.027   -1.527  1.00 42.79  ? 42  VAL A N   1 
ATOM   261  C  CA  . VAL A 1 36  ? -8.874  6.254   -0.973  1.00 46.75  ? 42  VAL A CA  1 
ATOM   262  C  C   . VAL A 1 36  ? -8.818  6.097   0.548   1.00 46.70  ? 42  VAL A C   1 
ATOM   263  O  O   . VAL A 1 36  ? -8.728  4.959   1.029   1.00 44.38  ? 42  VAL A O   1 
ATOM   264  C  CB  . VAL A 1 36  ? -9.916  5.323   -1.610  1.00 44.37  ? 42  VAL A CB  1 
ATOM   265  C  CG1 . VAL A 1 36  ? -11.289 5.504   -0.970  1.00 48.26  ? 42  VAL A CG1 1 
ATOM   266  C  CG2 . VAL A 1 36  ? -9.982  5.533   -3.112  1.00 44.36  ? 42  VAL A CG2 1 
ATOM   267  N  N   . LYS A 1 37  ? -8.879  7.211   1.275   1.00 44.21  ? 43  LYS A N   1 
ATOM   268  C  CA  . LYS A 1 37  ? -8.796  7.216   2.758   1.00 47.61  ? 43  LYS A CA  1 
ATOM   269  C  C   . LYS A 1 37  ? -10.183 6.901   3.308   1.00 47.44  ? 43  LYS A C   1 
ATOM   270  O  O   . LYS A 1 37  ? -11.163 7.495   2.837   1.00 46.84  ? 43  LYS A O   1 
ATOM   271  C  CB  . LYS A 1 37  ? -8.277  8.552   3.295   1.00 52.87  ? 43  LYS A CB  1 
ATOM   272  C  CG  . LYS A 1 37  ? -7.971  8.547   4.787   1.00 56.97  ? 43  LYS A CG  1 
ATOM   273  C  CD  . LYS A 1 37  ? -7.241  9.792   5.266   1.00 64.04  ? 43  LYS A CD  1 
ATOM   274  C  CE  . LYS A 1 37  ? -6.180  9.497   6.312   1.00 70.12  ? 43  LYS A CE  1 
ATOM   275  N  NZ  . LYS A 1 37  ? -6.768  8.960   7.563   1.00 67.27  ? 43  LYS A NZ  1 
ATOM   276  N  N   . MET A 1 38  ? -10.262 5.998   4.280   1.00 43.37  ? 44  MET A N   1 
ATOM   277  C  CA  . MET A 1 38  ? -11.555 5.543   4.838   1.00 45.94  ? 44  MET A CA  1 
ATOM   278  C  C   . MET A 1 38  ? -11.849 6.334   6.113   1.00 45.59  ? 44  MET A C   1 
ATOM   279  O  O   . MET A 1 38  ? -10.902 6.627   6.874   1.00 44.78  ? 44  MET A O   1 
ATOM   280  C  CB  . MET A 1 38  ? -11.530 4.043   5.146   1.00 49.75  ? 44  MET A CB  1 
ATOM   281  C  CG  . MET A 1 38  ? -11.166 3.195   3.926   1.00 54.06  ? 44  MET A CG  1 
ATOM   282  S  SD  . MET A 1 38  ? -12.178 3.560   2.456   1.00 62.38  ? 44  MET A SD  1 
ATOM   283  C  CE  . MET A 1 38  ? -13.740 2.911   3.019   1.00 57.87  ? 44  MET A CE  1 
ATOM   284  N  N   . LEU A 1 39  ? -13.127 6.639   6.332   1.00 43.66  ? 45  LEU A N   1 
ATOM   285  C  CA  . LEU A 1 39  ? -13.635 7.127   7.632   1.00 47.89  ? 45  LEU A CA  1 
ATOM   286  C  C   . LEU A 1 39  ? -13.601 5.942   8.602   1.00 48.98  ? 45  LEU A C   1 
ATOM   287  O  O   . LEU A 1 39  ? -14.209 4.910   8.291   1.00 46.74  ? 45  LEU A O   1 
ATOM   288  C  CB  . LEU A 1 39  ? -15.050 7.675   7.431   1.00 47.26  ? 45  LEU A CB  1 
ATOM   289  C  CG  . LEU A 1 39  ? -15.757 8.176   8.684   1.00 45.44  ? 45  LEU A CG  1 
ATOM   290  C  CD1 . LEU A 1 39  ? -14.950 9.275   9.361   1.00 44.66  ? 45  LEU A CD1 1 
ATOM   291  C  CD2 . LEU A 1 39  ? -17.153 8.657   8.324   1.00 47.06  ? 45  LEU A CD2 1 
ATOM   292  N  N   . CYS A 1 40  ? -12.859 6.054   9.702   1.00 48.91  ? 46  CYS A N   1 
ATOM   293  C  CA  . CYS A 1 40  ? -12.779 4.989   10.737  1.00 50.52  ? 46  CYS A CA  1 
ATOM   294  C  C   . CYS A 1 40  ? -12.608 5.627   12.123  1.00 51.00  ? 46  CYS A C   1 
ATOM   295  O  O   . CYS A 1 40  ? -12.305 6.827   12.194  1.00 54.77  ? 46  CYS A O   1 
ATOM   296  C  CB  . CYS A 1 40  ? -11.644 4.018   10.425  1.00 51.52  ? 46  CYS A CB  1 
ATOM   297  S  SG  . CYS A 1 40  ? -10.018 4.812   10.391  1.00 54.46  ? 46  CYS A SG  1 
ATOM   298  N  N   . THR A 1 41  ? -12.815 4.840   13.177  1.00 49.53  ? 47  THR A N   1 
ATOM   299  C  CA  . THR A 1 41  ? -12.796 5.284   14.594  1.00 53.28  ? 47  THR A CA  1 
ATOM   300  C  C   . THR A 1 41  ? -11.388 5.186   15.197  1.00 53.98  ? 47  THR A C   1 
ATOM   301  O  O   . THR A 1 41  ? -11.191 5.798   16.267  1.00 58.34  ? 47  THR A O   1 
ATOM   302  C  CB  . THR A 1 41  ? -13.762 4.439   15.431  1.00 55.08  ? 47  THR A CB  1 
ATOM   303  O  OG1 . THR A 1 41  ? -13.268 3.102   15.390  1.00 52.40  ? 47  THR A OG1 1 
ATOM   304  C  CG2 . THR A 1 41  ? -15.189 4.496   14.926  1.00 57.35  ? 47  THR A CG2 1 
ATOM   305  N  N   . HIS A 1 42  ? -10.473 4.422   14.575  1.00 49.99  ? 48  HIS A N   1 
ATOM   306  C  CA  . HIS A 1 42  ? -9.112  4.089   15.086  1.00 46.88  ? 48  HIS A CA  1 
ATOM   307  C  C   . HIS A 1 42  ? -9.195  3.205   16.348  1.00 47.27  ? 48  HIS A C   1 
ATOM   308  O  O   . HIS A 1 42  ? -8.238  3.216   17.138  1.00 49.33  ? 48  HIS A O   1 
ATOM   309  C  CB  . HIS A 1 42  ? -8.281  5.366   15.293  1.00 48.19  ? 48  HIS A CB  1 
ATOM   310  C  CG  . HIS A 1 42  ? -8.011  6.093   14.022  1.00 48.55  ? 48  HIS A CG  1 
ATOM   311  N  ND1 . HIS A 1 42  ? -6.930  5.799   13.228  1.00 47.50  ? 48  HIS A ND1 1 
ATOM   312  C  CD2 . HIS A 1 42  ? -8.681  7.089   13.401  1.00 50.77  ? 48  HIS A CD2 1 
ATOM   313  C  CE1 . HIS A 1 42  ? -6.950  6.575   12.159  1.00 51.37  ? 48  HIS A CE1 1 
ATOM   314  N  NE2 . HIS A 1 42  ? -8.008  7.386   12.250  1.00 48.25  ? 48  HIS A NE2 1 
ATOM   315  N  N   . THR A 1 43  ? -10.252 2.396   16.484  1.00 47.54  ? 49  THR A N   1 
ATOM   316  C  CA  . THR A 1 43  ? -10.426 1.401   17.575  1.00 50.01  ? 49  THR A CA  1 
ATOM   317  C  C   . THR A 1 43  ? -10.408 -0.037  17.022  1.00 52.72  ? 49  THR A C   1 
ATOM   318  O  O   . THR A 1 43  ? -10.940 -0.922  17.693  1.00 55.01  ? 49  THR A O   1 
ATOM   319  C  CB  . THR A 1 43  ? -11.718 1.693   18.351  1.00 53.01  ? 49  THR A CB  1 
ATOM   320  O  OG1 . THR A 1 43  ? -12.837 1.555   17.480  1.00 52.91  ? 49  THR A OG1 1 
ATOM   321  C  CG2 . THR A 1 43  ? -11.732 3.081   18.950  1.00 52.19  ? 49  THR A CG2 1 
ATOM   322  N  N   . GLY A 1 44  ? -9.808  -0.280  15.852  1.00 54.33  ? 50  GLY A N   1 
ATOM   323  C  CA  . GLY A 1 44  ? -9.821  -1.606  15.196  1.00 51.68  ? 50  GLY A CA  1 
ATOM   324  C  C   . GLY A 1 44  ? -8.736  -2.536  15.730  1.00 50.20  ? 50  GLY A C   1 
ATOM   325  O  O   . GLY A 1 44  ? -7.970  -2.116  16.618  1.00 48.92  ? 50  GLY A O   1 
ATOM   326  N  N   . THR A 1 45  ? -8.646  -3.741  15.158  1.00 51.95  ? 51  THR A N   1 
ATOM   327  C  CA  . THR A 1 45  ? -7.681  -4.821  15.509  1.00 51.06  ? 51  THR A CA  1 
ATOM   328  C  C   . THR A 1 45  ? -6.249  -4.407  15.158  1.00 50.03  ? 51  THR A C   1 
ATOM   329  O  O   . THR A 1 45  ? -5.316  -4.962  15.749  1.00 48.02  ? 51  THR A O   1 
ATOM   330  C  CB  . THR A 1 45  ? -8.025  -6.134  14.792  1.00 53.06  ? 51  THR A CB  1 
ATOM   331  O  OG1 . THR A 1 45  ? -7.890  -5.952  13.380  1.00 51.16  ? 51  THR A OG1 1 
ATOM   332  C  CG2 . THR A 1 45  ? -9.424  -6.614  15.106  1.00 51.69  ? 51  THR A CG2 1 
ATOM   333  N  N   . GLY A 1 46  ? -6.067  -3.497  14.199  1.00 46.73  ? 52  GLY A N   1 
ATOM   334  C  CA  . GLY A 1 46  ? -4.724  -3.083  13.751  1.00 44.83  ? 52  GLY A CA  1 
ATOM   335  C  C   . GLY A 1 46  ? -4.069  -4.098  12.826  1.00 44.08  ? 52  GLY A C   1 
ATOM   336  O  O   . GLY A 1 46  ? -2.882  -3.912  12.471  1.00 45.92  ? 52  GLY A O   1 
ATOM   337  N  N   . GLN A 1 47  ? -4.804  -5.115  12.384  1.00 47.82  ? 53  GLN A N   1 
ATOM   338  C  CA  . GLN A 1 47  ? -4.291  -6.090  11.384  1.00 49.20  ? 53  GLN A CA  1 
ATOM   339  C  C   . GLN A 1 47  ? -4.079  -5.388  10.039  1.00 46.99  ? 53  GLN A C   1 
ATOM   340  O  O   . GLN A 1 47  ? -4.733  -4.359  9.796   1.00 46.31  ? 53  GLN A O   1 
ATOM   341  C  CB  . GLN A 1 47  ? -5.263  -7.255  11.271  1.00 51.97  ? 53  GLN A CB  1 
ATOM   342  C  CG  . GLN A 1 47  ? -5.343  -8.051  12.562  1.00 58.83  ? 53  GLN A CG  1 
ATOM   343  C  CD  . GLN A 1 47  ? -5.616  -9.490  12.234  1.00 59.73  ? 53  GLN A CD  1 
ATOM   344  O  OE1 . GLN A 1 47  ? -4.735  -10.198 11.768  1.00 67.51  ? 53  GLN A OE1 1 
ATOM   345  N  NE2 . GLN A 1 47  ? -6.854  -9.907  12.419  1.00 66.43  ? 53  GLN A NE2 1 
ATOM   346  N  N   . ALA A 1 48  ? -3.200  -5.937  9.199   1.00 44.86  ? 54  ALA A N   1 
ATOM   347  C  CA  . ALA A 1 48  ? -2.621  -5.256  8.023   1.00 46.17  ? 54  ALA A CA  1 
ATOM   348  C  C   . ALA A 1 48  ? -3.678  -5.131  6.925   1.00 47.06  ? 54  ALA A C   1 
ATOM   349  O  O   . ALA A 1 48  ? -3.835  -4.019  6.366   1.00 42.59  ? 54  ALA A O   1 
ATOM   350  C  CB  . ALA A 1 48  ? -1.399  -5.998  7.540   1.00 50.46  ? 54  ALA A CB  1 
ATOM   351  N  N   . ILE A 1 49  ? -4.348  -6.231  6.588   1.00 43.86  ? 55  ILE A N   1 
ATOM   352  C  CA  . ILE A 1 49  ? -5.270  -6.307  5.421   1.00 45.40  ? 55  ILE A CA  1 
ATOM   353  C  C   . ILE A 1 49  ? -6.534  -7.029  5.869   1.00 51.20  ? 55  ILE A C   1 
ATOM   354  O  O   . ILE A 1 49  ? -6.417  -8.191  6.245   1.00 53.67  ? 55  ILE A O   1 
ATOM   355  C  CB  . ILE A 1 49  ? -4.619  -7.024  4.224   1.00 46.03  ? 55  ILE A CB  1 
ATOM   356  C  CG1 . ILE A 1 49  ? -3.281  -6.387  3.845   1.00 48.17  ? 55  ILE A CG1 1 
ATOM   357  C  CG2 . ILE A 1 49  ? -5.595  -7.064  3.056   1.00 47.90  ? 55  ILE A CG2 1 
ATOM   358  C  CD1 . ILE A 1 49  ? -2.542  -7.105  2.729   1.00 52.33  ? 55  ILE A CD1 1 
ATOM   359  N  N   . THR A 1 50  ? -7.686  -6.365  5.796   1.00 46.19  ? 56  THR A N   1 
ATOM   360  C  CA  . THR A 1 50  ? -8.920  -6.760  6.517   1.00 48.01  ? 56  THR A CA  1 
ATOM   361  C  C   . THR A 1 50  ? -10.133 -6.577  5.605   1.00 49.52  ? 56  THR A C   1 
ATOM   362  O  O   . THR A 1 50  ? -10.044 -5.827  4.611   1.00 49.22  ? 56  THR A O   1 
ATOM   363  C  CB  . THR A 1 50  ? -9.018  -5.976  7.836   1.00 50.88  ? 56  THR A CB  1 
ATOM   364  O  OG1 . THR A 1 50  ? -8.953  -4.576  7.551   1.00 47.94  ? 56  THR A OG1 1 
ATOM   365  C  CG2 . THR A 1 50  ? -7.918  -6.335  8.817   1.00 48.18  ? 56  THR A CG2 1 
ATOM   366  N  N   . VAL A 1 51  ? -11.234 -7.224  5.969   1.00 48.68  ? 57  VAL A N   1 
ATOM   367  C  CA  A VAL A 1 51  ? -12.500 -7.195  5.183   0.44 50.95  ? 57  VAL A CA  1 
ATOM   368  C  CA  B VAL A 1 51  ? -12.532 -7.215  5.234   0.56 51.96  ? 57  VAL A CA  1 
ATOM   369  C  C   . VAL A 1 51  ? -13.193 -5.834  5.375   1.00 50.32  ? 57  VAL A C   1 
ATOM   370  O  O   . VAL A 1 51  ? -13.885 -5.405  4.441   1.00 46.90  ? 57  VAL A O   1 
ATOM   371  C  CB  A VAL A 1 51  ? -13.399 -8.395  5.544   0.44 53.15  ? 57  VAL A CB  1 
ATOM   372  C  CB  B VAL A 1 51  ? -13.437 -8.345  5.768   0.56 55.20  ? 57  VAL A CB  1 
ATOM   373  C  CG1 A VAL A 1 51  ? -13.953 -8.315  6.960   0.44 52.02  ? 57  VAL A CG1 1 
ATOM   374  C  CG1 B VAL A 1 51  ? -14.863 -8.248  5.245   0.56 57.46  ? 57  VAL A CG1 1 
ATOM   375  C  CG2 A VAL A 1 51  ? -14.516 -8.579  4.532   0.44 54.65  ? 57  VAL A CG2 1 
ATOM   376  C  CG2 B VAL A 1 51  ? -12.844 -9.718  5.473   0.56 54.50  ? 57  VAL A CG2 1 
ATOM   377  N  N   . THR A 1 52  ? -13.011 -5.185  6.529   1.00 51.82  ? 58  THR A N   1 
ATOM   378  C  CA  . THR A 1 52  ? -13.500 -3.807  6.821   1.00 51.53  ? 58  THR A CA  1 
ATOM   379  C  C   . THR A 1 52  ? -12.362 -3.032  7.478   1.00 49.83  ? 58  THR A C   1 
ATOM   380  O  O   . THR A 1 52  ? -11.413 -3.643  7.959   1.00 48.96  ? 58  THR A O   1 
ATOM   381  C  CB  . THR A 1 52  ? -14.744 -3.810  7.724   1.00 55.12  ? 58  THR A CB  1 
ATOM   382  O  OG1 . THR A 1 52  ? -14.344 -4.261  9.019   1.00 52.51  ? 58  THR A OG1 1 
ATOM   383  C  CG2 . THR A 1 52  ? -15.863 -4.680  7.195   1.00 55.67  ? 58  THR A CG2 1 
ATOM   384  N  N   . PRO A 1 53  ? -12.396 -1.678  7.493   1.00 47.07  ? 59  PRO A N   1 
ATOM   385  C  CA  . PRO A 1 53  ? -11.312 -0.891  8.080   1.00 48.55  ? 59  PRO A CA  1 
ATOM   386  C  C   . PRO A 1 53  ? -11.057 -1.277  9.546   1.00 47.40  ? 59  PRO A C   1 
ATOM   387  O  O   . PRO A 1 53  ? -11.997 -1.454  10.286  1.00 48.35  ? 59  PRO A O   1 
ATOM   388  C  CB  . PRO A 1 53  ? -11.813 0.557   7.953   1.00 48.92  ? 59  PRO A CB  1 
ATOM   389  C  CG  . PRO A 1 53  ? -12.734 0.508   6.754   1.00 49.19  ? 59  PRO A CG  1 
ATOM   390  C  CD  . PRO A 1 53  ? -13.434 -0.830  6.890   1.00 49.00  ? 59  PRO A CD  1 
ATOM   391  N  N   . GLU A 1 54  ? -9.789  -1.429  9.921   1.00 45.92  ? 60  GLU A N   1 
ATOM   392  C  CA  . GLU A 1 54  ? -9.383  -1.941  11.257  1.00 45.91  ? 60  GLU A CA  1 
ATOM   393  C  C   . GLU A 1 54  ? -8.221  -1.117  11.817  1.00 45.30  ? 60  GLU A C   1 
ATOM   394  O  O   . GLU A 1 54  ? -7.472  -1.657  12.629  1.00 48.80  ? 60  GLU A O   1 
ATOM   395  C  CB  . GLU A 1 54  ? -9.000  -3.418  11.148  1.00 47.62  ? 60  GLU A CB  1 
ATOM   396  C  CG  . GLU A 1 54  ? -10.182 -4.348  10.960  1.00 49.54  ? 60  GLU A CG  1 
ATOM   397  C  CD  . GLU A 1 54  ? -11.142 -4.433  12.139  1.00 53.45  ? 60  GLU A CD  1 
ATOM   398  O  OE1 . GLU A 1 54  ? -10.771 -3.985  13.247  1.00 53.21  ? 60  GLU A OE1 1 
ATOM   399  O  OE2 . GLU A 1 54  ? -12.265 -4.947  11.945  1.00 50.69  ? 60  GLU A OE2 1 
ATOM   400  N  N   . ALA A 1 55  ? -8.070  0.147   11.414  1.00 45.64  ? 61  ALA A N   1 
ATOM   401  C  CA  . ALA A 1 55  ? -7.004  1.029   11.940  1.00 44.62  ? 61  ALA A CA  1 
ATOM   402  C  C   . ALA A 1 55  ? -7.108  1.086   13.470  1.00 43.86  ? 61  ALA A C   1 
ATOM   403  O  O   . ALA A 1 55  ? -8.229  1.233   13.995  1.00 44.09  ? 61  ALA A O   1 
ATOM   404  C  CB  . ALA A 1 55  ? -7.089  2.409   11.330  1.00 45.14  ? 61  ALA A CB  1 
ATOM   405  N  N   . ASN A 1 56  ? -5.968  0.967   14.146  1.00 45.30  ? 62  ASN A N   1 
ATOM   406  C  CA  . ASN A 1 56  ? -5.798  1.312   15.582  1.00 47.30  ? 62  ASN A CA  1 
ATOM   407  C  C   . ASN A 1 56  ? -5.333  2.777   15.655  1.00 50.28  ? 62  ASN A C   1 
ATOM   408  O  O   . ASN A 1 56  ? -5.368  3.470   14.612  1.00 47.99  ? 62  ASN A O   1 
ATOM   409  C  CB  . ASN A 1 56  ? -4.892  0.291   16.276  1.00 46.19  ? 62  ASN A CB  1 
ATOM   410  C  CG  . ASN A 1 56  ? -3.446  0.337   15.828  1.00 48.66  ? 62  ASN A CG  1 
ATOM   411  O  OD1 . ASN A 1 56  ? -2.956  1.345   15.321  1.00 48.22  ? 62  ASN A OD1 1 
ATOM   412  N  ND2 . ASN A 1 56  ? -2.742  -0.761  16.031  1.00 51.01  ? 62  ASN A ND2 1 
ATOM   413  N  N   . MET A 1 57  ? -4.913  3.251   16.831  1.00 49.52  ? 63  MET A N   1 
ATOM   414  C  CA  . MET A 1 57  ? -4.565  4.683   17.045  1.00 51.18  ? 63  MET A CA  1 
ATOM   415  C  C   . MET A 1 57  ? -3.286  5.048   16.281  1.00 51.07  ? 63  MET A C   1 
ATOM   416  O  O   . MET A 1 57  ? -3.079  6.250   16.048  1.00 51.65  ? 63  MET A O   1 
ATOM   417  C  CB  . MET A 1 57  ? -4.394  4.991   18.537  1.00 51.91  ? 63  MET A CB  1 
ATOM   418  C  CG  . MET A 1 57  ? -5.721  5.175   19.255  1.00 54.99  ? 63  MET A CG  1 
ATOM   419  S  SD  . MET A 1 57  ? -6.627  6.626   18.627  1.00 55.19  ? 63  MET A SD  1 
ATOM   420  C  CE  . MET A 1 57  ? -8.296  6.202   19.122  1.00 60.70  ? 63  MET A CE  1 
ATOM   421  N  N   . ASP A 1 58  ? -2.487  4.059   15.867  1.00 49.94  ? 64  ASP A N   1 
ATOM   422  C  CA  . ASP A 1 58  ? -1.149  4.273   15.248  1.00 51.51  ? 64  ASP A CA  1 
ATOM   423  C  C   . ASP A 1 58  ? -1.213  4.113   13.719  1.00 47.66  ? 64  ASP A C   1 
ATOM   424  O  O   . ASP A 1 58  ? -0.129  4.109   13.095  1.00 45.00  ? 64  ASP A O   1 
ATOM   425  C  CB  . ASP A 1 58  ? -0.123  3.305   15.845  1.00 53.14  ? 64  ASP A CB  1 
ATOM   426  C  CG  . ASP A 1 58  ? 0.015   3.410   17.357  1.00 62.21  ? 64  ASP A CG  1 
ATOM   427  O  OD1 . ASP A 1 58  ? 0.001   4.547   17.873  1.00 60.94  ? 64  ASP A OD1 1 
ATOM   428  O  OD2 . ASP A 1 58  ? 0.122   2.355   18.005  1.00 68.00  ? 64  ASP A OD2 1 
ATOM   429  N  N   . GLN A 1 59  ? -2.413  3.983   13.147  1.00 46.93  ? 65  GLN A N   1 
ATOM   430  C  CA  . GLN A 1 59  ? -2.620  3.604   11.722  1.00 48.14  ? 65  GLN A CA  1 
ATOM   431  C  C   . GLN A 1 59  ? -3.704  4.472   11.076  1.00 47.88  ? 65  GLN A C   1 
ATOM   432  O  O   . GLN A 1 59  ? -4.551  4.995   11.808  1.00 44.04  ? 65  GLN A O   1 
ATOM   433  C  CB  . GLN A 1 59  ? -3.083  2.153   11.610  1.00 46.23  ? 65  GLN A CB  1 
ATOM   434  C  CG  . GLN A 1 59  ? -2.074  1.143   12.147  1.00 46.27  ? 65  GLN A CG  1 
ATOM   435  C  CD  . GLN A 1 59  ? -2.698  -0.226  12.276  1.00 44.03  ? 65  GLN A CD  1 
ATOM   436  O  OE1 . GLN A 1 59  ? -3.898  -0.364  12.504  1.00 44.33  ? 65  GLN A OE1 1 
ATOM   437  N  NE2 . GLN A 1 59  ? -1.887  -1.256  12.108  1.00 49.06  ? 65  GLN A NE2 1 
ATOM   438  N  N   . GLU A 1 60  ? -3.667  4.561   9.744   1.00 48.48  ? 66  GLU A N   1 
ATOM   439  C  CA  . GLU A 1 60  ? -4.773  5.037   8.869   1.00 46.78  ? 66  GLU A CA  1 
ATOM   440  C  C   . GLU A 1 60  ? -5.268  3.848   8.026   1.00 43.63  ? 66  GLU A C   1 
ATOM   441  O  O   . GLU A 1 60  ? -4.439  2.980   7.672   1.00 45.08  ? 66  GLU A O   1 
ATOM   442  C  CB  . GLU A 1 60  ? -4.273  6.158   7.946   1.00 50.16  ? 66  GLU A CB  1 
ATOM   443  C  CG  . GLU A 1 60  ? -3.333  7.161   8.601   1.00 53.34  ? 66  GLU A CG  1 
ATOM   444  C  CD  . GLU A 1 60  ? -3.941  7.921   9.769   1.00 57.46  ? 66  GLU A CD  1 
ATOM   445  O  OE1 . GLU A 1 60  ? -5.166  8.201   9.702   1.00 54.41  ? 66  GLU A OE1 1 
ATOM   446  O  OE2 . GLU A 1 60  ? -3.196  8.205   10.754  1.00 57.23  ? 66  GLU A OE2 1 
ATOM   447  N  N   . SER A 1 61  ? -6.553  3.814   7.683   1.00 43.79  ? 67  SER A N   1 
ATOM   448  C  CA  . SER A 1 61  ? -7.169  2.784   6.800   1.00 42.82  ? 67  SER A CA  1 
ATOM   449  C  C   . SER A 1 61  ? -7.395  3.364   5.400   1.00 46.62  ? 67  SER A C   1 
ATOM   450  O  O   . SER A 1 61  ? -7.891  4.505   5.310   1.00 44.21  ? 67  SER A O   1 
ATOM   451  C  CB  . SER A 1 61  ? -8.453  2.264   7.365   1.00 43.44  ? 67  SER A CB  1 
ATOM   452  O  OG  . SER A 1 61  ? -8.218  1.439   8.495   1.00 47.34  ? 67  SER A OG  1 
ATOM   453  N  N   . PHE A 1 62  ? -7.067  2.598   4.351   1.00 44.35  ? 68  PHE A N   1 
ATOM   454  C  CA  . PHE A 1 62  ? -7.293  2.974   2.931   1.00 43.17  ? 68  PHE A CA  1 
ATOM   455  C  C   . PHE A 1 62  ? -7.968  1.829   2.172   1.00 43.57  ? 68  PHE A C   1 
ATOM   456  O  O   . PHE A 1 62  ? -7.819  0.650   2.572   1.00 41.07  ? 68  PHE A O   1 
ATOM   457  C  CB  . PHE A 1 62  ? -5.976  3.312   2.237   1.00 41.55  ? 68  PHE A CB  1 
ATOM   458  C  CG  . PHE A 1 62  ? -5.221  4.475   2.823   1.00 41.82  ? 68  PHE A CG  1 
ATOM   459  C  CD1 . PHE A 1 62  ? -4.356  4.288   3.892   1.00 42.50  ? 68  PHE A CD1 1 
ATOM   460  C  CD2 . PHE A 1 62  ? -5.386  5.755   2.313   1.00 44.29  ? 68  PHE A CD2 1 
ATOM   461  C  CE1 . PHE A 1 62  ? -3.652  5.355   4.426   1.00 45.44  ? 68  PHE A CE1 1 
ATOM   462  C  CE2 . PHE A 1 62  ? -4.677  6.821   2.845   1.00 44.37  ? 68  PHE A CE2 1 
ATOM   463  C  CZ  . PHE A 1 62  ? -3.810  6.617   3.899   1.00 46.35  ? 68  PHE A CZ  1 
ATOM   464  N  N   . GLY A 1 63  ? -8.668  2.159   1.085   1.00 42.12  ? 69  GLY A N   1 
ATOM   465  C  CA  . GLY A 1 63  ? -9.105  1.162   0.086   1.00 41.03  ? 69  GLY A CA  1 
ATOM   466  C  C   . GLY A 1 63  ? -7.895  0.451   -0.500  1.00 42.12  ? 69  GLY A C   1 
ATOM   467  O  O   . GLY A 1 63  ? -6.947  1.149   -0.939  1.00 40.18  ? 69  GLY A O   1 
ATOM   468  N  N   . GLY A 1 64  ? -7.896  -0.888  -0.503  1.00 43.25  ? 70  GLY A N   1 
ATOM   469  C  CA  . GLY A 1 64  ? -6.705  -1.708  -0.826  1.00 41.71  ? 70  GLY A CA  1 
ATOM   470  C  C   . GLY A 1 64  ? -6.158  -1.477  -2.229  1.00 40.61  ? 70  GLY A C   1 
ATOM   471  O  O   . GLY A 1 64  ? -4.926  -1.257  -2.357  1.00 42.55  ? 70  GLY A O   1 
ATOM   472  N  N   . ALA A 1 65  ? -7.008  -1.554  -3.258  1.00 42.29  ? 71  ALA A N   1 
ATOM   473  C  CA  . ALA A 1 65  ? -6.617  -1.409  -4.684  1.00 42.31  ? 71  ALA A CA  1 
ATOM   474  C  C   . ALA A 1 65  ? -5.949  -0.042  -4.917  1.00 43.26  ? 71  ALA A C   1 
ATOM   475  O  O   . ALA A 1 65  ? -5.007  0.011   -5.719  1.00 43.21  ? 71  ALA A O   1 
ATOM   476  C  CB  . ALA A 1 65  ? -7.816  -1.591  -5.584  1.00 45.32  ? 71  ALA A CB  1 
ATOM   477  N  N   . SER A 1 66  ? -6.398  1.022   -4.235  1.00 40.62  ? 72  SER A N   1 
ATOM   478  C  CA  . SER A 1 66  ? -5.865  2.401   -4.413  1.00 39.67  ? 72  SER A CA  1 
ATOM   479  C  C   . SER A 1 66  ? -4.418  2.494   -3.905  1.00 40.84  ? 72  SER A C   1 
ATOM   480  O  O   . SER A 1 66  ? -3.691  3.445   -4.317  1.00 40.79  ? 72  SER A O   1 
ATOM   481  C  CB  . SER A 1 66  ? -6.775  3.433   -3.763  1.00 40.70  ? 72  SER A CB  1 
ATOM   482  O  OG  . SER A 1 66  ? -6.704  3.400   -2.343  1.00 41.66  ? 72  SER A OG  1 
ATOM   483  N  N   . CYS A 1 67  ? -3.990  1.543   -3.061  1.00 40.36  ? 73  CYS A N   1 
ATOM   484  C  CA  . CYS A 1 67  ? -2.651  1.509   -2.420  1.00 39.67  ? 73  CYS A CA  1 
ATOM   485  C  C   . CYS A 1 67  ? -1.759  0.424   -3.028  1.00 39.90  ? 73  CYS A C   1 
ATOM   486  O  O   . CYS A 1 67  ? -0.707  0.151   -2.441  1.00 40.87  ? 73  CYS A O   1 
ATOM   487  C  CB  . CYS A 1 67  ? -2.771  1.236   -0.930  1.00 45.22  ? 73  CYS A CB  1 
ATOM   488  S  SG  . CYS A 1 67  ? -3.776  2.470   -0.076  1.00 44.46  ? 73  CYS A SG  1 
ATOM   489  N  N   . CYS A 1 68  ? -2.180  -0.183  -4.134  1.00 39.14  ? 74  CYS A N   1 
ATOM   490  C  CA  . CYS A 1 68  ? -1.437  -1.270  -4.821  1.00 38.49  ? 74  CYS A CA  1 
ATOM   491  C  C   . CYS A 1 68  ? -0.813  -0.716  -6.093  1.00 37.70  ? 74  CYS A C   1 
ATOM   492  O  O   . CYS A 1 68  ? -1.568  -0.265  -6.969  1.00 39.01  ? 74  CYS A O   1 
ATOM   493  C  CB  . CYS A 1 68  ? -2.362  -2.425  -5.187  1.00 39.55  ? 74  CYS A CB  1 
ATOM   494  S  SG  . CYS A 1 68  ? -1.521  -3.716  -6.134  1.00 43.71  ? 74  CYS A SG  1 
ATOM   495  N  N   . LEU A 1 69  ? 0.512   -0.760  -6.207  1.00 38.65  ? 75  LEU A N   1 
ATOM   496  C  CA  . LEU A 1 69  ? 1.205   -0.219  -7.400  1.00 38.94  ? 75  LEU A CA  1 
ATOM   497  C  C   . LEU A 1 69  ? 0.658   -0.899  -8.667  1.00 40.26  ? 75  LEU A C   1 
ATOM   498  O  O   . LEU A 1 69  ? 0.458   -0.203  -9.661  1.00 40.86  ? 75  LEU A O   1 
ATOM   499  C  CB  . LEU A 1 69  ? 2.713   -0.425  -7.256  1.00 42.02  ? 75  LEU A CB  1 
ATOM   500  C  CG  . LEU A 1 69  ? 3.544   0.115   -8.421  1.00 43.80  ? 75  LEU A CG  1 
ATOM   501  C  CD1 . LEU A 1 69  ? 3.490   1.633   -8.475  1.00 41.71  ? 75  LEU A CD1 1 
ATOM   502  C  CD2 . LEU A 1 69  ? 4.983   -0.367  -8.334  1.00 46.31  ? 75  LEU A CD2 1 
ATOM   503  N  N   . TYR A 1 70  ? 0.433   -2.213  -8.641  1.00 41.67  ? 76  TYR A N   1 
ATOM   504  C  CA  . TYR A 1 70  ? 0.057   -3.023  -9.836  1.00 42.72  ? 76  TYR A CA  1 
ATOM   505  C  C   . TYR A 1 70  ? -1.362  -2.659  -10.283 1.00 41.84  ? 76  TYR A C   1 
ATOM   506  O  O   . TYR A 1 70  ? -1.582  -2.534  -11.502 1.00 41.65  ? 76  TYR A O   1 
ATOM   507  C  CB  . TYR A 1 70  ? 0.258   -4.515  -9.531  1.00 43.71  ? 76  TYR A CB  1 
ATOM   508  C  CG  . TYR A 1 70  ? 1.685   -4.809  -9.150  1.00 42.92  ? 76  TYR A CG  1 
ATOM   509  C  CD1 . TYR A 1 70  ? 2.685   -4.795  -10.107 1.00 43.78  ? 76  TYR A CD1 1 
ATOM   510  C  CD2 . TYR A 1 70  ? 2.058   -4.958  -7.824  1.00 44.90  ? 76  TYR A CD2 1 
ATOM   511  C  CE1 . TYR A 1 70  ? 4.013   -4.989  -9.763  1.00 43.62  ? 76  TYR A CE1 1 
ATOM   512  C  CE2 . TYR A 1 70  ? 3.378   -5.164  -7.465  1.00 45.65  ? 76  TYR A CE2 1 
ATOM   513  C  CZ  . TYR A 1 70  ? 4.360   -5.178  -8.439  1.00 44.71  ? 76  TYR A CZ  1 
ATOM   514  O  OH  . TYR A 1 70  ? 5.670   -5.348  -8.092  1.00 47.37  ? 76  TYR A OH  1 
ATOM   515  N  N   . CYS A 1 71  ? -2.288  -2.504  -9.330  1.00 40.36  ? 77  CYS A N   1 
ATOM   516  C  CA  . CYS A 1 71  ? -3.675  -2.039  -9.582  1.00 42.71  ? 77  CYS A CA  1 
ATOM   517  C  C   . CYS A 1 71  ? -3.628  -0.614  -10.160 1.00 42.04  ? 77  CYS A C   1 
ATOM   518  O  O   . CYS A 1 71  ? -4.330  -0.354  -11.150 1.00 41.32  ? 77  CYS A O   1 
ATOM   519  C  CB  . CYS A 1 71  ? -4.515  -2.084  -8.311  1.00 45.53  ? 77  CYS A CB  1 
ATOM   520  S  SG  . CYS A 1 71  ? -5.024  -3.746  -7.777  1.00 45.55  ? 77  CYS A SG  1 
ATOM   521  N  N   . ARG A 1 72  ? -2.813  0.276   -9.589  1.00 39.34  ? 78  ARG A N   1 
ATOM   522  C  CA  . ARG A 1 72  ? -2.784  1.714   -9.984  1.00 40.84  ? 78  ARG A CA  1 
ATOM   523  C  C   . ARG A 1 72  ? -2.162  1.857   -11.384 1.00 40.08  ? 78  ARG A C   1 
ATOM   524  O  O   . ARG A 1 72  ? -2.580  2.769   -12.128 1.00 40.84  ? 78  ARG A O   1 
ATOM   525  C  CB  . ARG A 1 72  ? -2.041  2.541   -8.926  1.00 41.80  ? 78  ARG A CB  1 
ATOM   526  C  CG  . ARG A 1 72  ? -2.825  2.792   -7.643  1.00 41.94  ? 78  ARG A CG  1 
ATOM   527  C  CD  . ARG A 1 72  ? -4.032  3.701   -7.815  1.00 41.98  ? 78  ARG A CD  1 
ATOM   528  N  NE  . ARG A 1 72  ? -3.704  5.081   -8.175  1.00 42.60  ? 78  ARG A NE  1 
ATOM   529  C  CZ  . ARG A 1 72  ? -3.402  6.055   -7.315  1.00 41.76  ? 78  ARG A CZ  1 
ATOM   530  N  NH1 . ARG A 1 72  ? -3.349  5.819   -6.016  1.00 43.06  ? 78  ARG A NH1 1 
ATOM   531  N  NH2 . ARG A 1 72  ? -3.135  7.272   -7.760  1.00 42.02  ? 78  ARG A NH2 1 
ATOM   532  N  N   . CYS A 1 73  ? -1.216  0.978   -11.724 1.00 40.93  ? 79  CYS A N   1 
ATOM   533  C  CA  . CYS A 1 73  ? -0.503  0.917   -13.026 1.00 42.00  ? 79  CYS A CA  1 
ATOM   534  C  C   . CYS A 1 73  ? -1.283  0.092   -14.064 1.00 45.38  ? 79  CYS A C   1 
ATOM   535  O  O   . CYS A 1 73  ? -0.837  0.088   -15.226 1.00 43.76  ? 79  CYS A O   1 
ATOM   536  C  CB  . CYS A 1 73  ? 0.891   0.327   -12.849 1.00 43.34  ? 79  CYS A CB  1 
ATOM   537  S  SG  . CYS A 1 73  ? 2.079   1.457   -12.077 1.00 43.74  ? 79  CYS A SG  1 
ATOM   538  N  N   . HIS A 1 74  ? -2.367  -0.598  -13.678 1.00 42.41  ? 80  HIS A N   1 
ATOM   539  C  CA  . HIS A 1 74  ? -3.177  -1.464  -14.582 1.00 47.43  ? 80  HIS A CA  1 
ATOM   540  C  C   . HIS A 1 74  ? -2.292  -2.535  -15.243 1.00 48.89  ? 80  HIS A C   1 
ATOM   541  O  O   . HIS A 1 74  ? -2.472  -2.765  -16.463 1.00 49.19  ? 80  HIS A O   1 
ATOM   542  C  CB  . HIS A 1 74  ? -3.868  -0.631  -15.680 1.00 49.08  ? 80  HIS A CB  1 
ATOM   543  C  CG  . HIS A 1 74  ? -4.652  0.529   -15.177 1.00 50.84  ? 80  HIS A CG  1 
ATOM   544  N  ND1 . HIS A 1 74  ? -5.800  0.374   -14.428 1.00 58.60  ? 80  HIS A ND1 1 
ATOM   545  C  CD2 . HIS A 1 74  ? -4.473  1.858   -15.325 1.00 54.63  ? 80  HIS A CD2 1 
ATOM   546  C  CE1 . HIS A 1 74  ? -6.285  1.562   -14.114 1.00 56.16  ? 80  HIS A CE1 1 
ATOM   547  N  NE2 . HIS A 1 74  ? -5.491  2.484   -14.657 1.00 55.04  ? 80  HIS A NE2 1 
ATOM   548  N  N   . ILE A 1 75  ? -1.361  -3.141  -14.498 1.00 43.62  ? 81  ILE A N   1 
ATOM   549  C  CA  . ILE A 1 75  ? -0.448  -4.215  -15.002 1.00 47.80  ? 81  ILE A CA  1 
ATOM   550  C  C   . ILE A 1 75  ? -0.666  -5.485  -14.179 1.00 47.00  ? 81  ILE A C   1 
ATOM   551  O  O   . ILE A 1 75  ? -1.298  -5.407  -13.108 1.00 46.79  ? 81  ILE A O   1 
ATOM   552  C  CB  . ILE A 1 75  ? 1.035   -3.787  -14.982 1.00 47.98  ? 81  ILE A CB  1 
ATOM   553  C  CG1 . ILE A 1 75  ? 1.527   -3.453  -13.569 1.00 45.58  ? 81  ILE A CG1 1 
ATOM   554  C  CG2 . ILE A 1 75  ? 1.259   -2.642  -15.959 1.00 50.15  ? 81  ILE A CG2 1 
ATOM   555  C  CD1 . ILE A 1 75  ? 2.998   -3.072  -13.504 1.00 48.93  ? 81  ILE A CD1 1 
ATOM   556  N  N   . ASP A 1 76  ? -0.118  -6.603  -14.658 1.00 50.60  ? 82  ASP A N   1 
ATOM   557  C  CA  . ASP A 1 76  ? -0.218  -7.929  -13.997 1.00 52.29  ? 82  ASP A CA  1 
ATOM   558  C  C   . ASP A 1 76  ? 0.499   -7.857  -12.648 1.00 47.69  ? 82  ASP A C   1 
ATOM   559  O  O   . ASP A 1 76  ? 1.494   -7.125  -12.525 1.00 47.59  ? 82  ASP A O   1 
ATOM   560  C  CB  . ASP A 1 76  ? 0.332   -9.046  -14.891 1.00 54.42  ? 82  ASP A CB  1 
ATOM   561  C  CG  . ASP A 1 76  ? -0.525  -9.337  -16.117 1.00 56.97  ? 82  ASP A CG  1 
ATOM   562  O  OD1 . ASP A 1 76  ? -1.693  -8.904  -16.150 1.00 62.58  ? 82  ASP A OD1 1 
ATOM   563  O  OD2 . ASP A 1 76  ? -0.013  -9.987  -17.038 1.00 70.02  ? 82  ASP A OD2 1 
ATOM   564  N  N   . HIS A 1 77  ? -0.029  -8.572  -11.660 1.00 46.01  ? 83  HIS A N   1 
ATOM   565  C  CA  . HIS A 1 77  ? 0.584   -8.754  -10.320 1.00 49.34  ? 83  HIS A CA  1 
ATOM   566  C  C   . HIS A 1 77  ? 1.687   -9.794  -10.439 1.00 55.98  ? 83  HIS A C   1 
ATOM   567  O  O   . HIS A 1 77  ? 1.515   -10.770 -11.158 1.00 54.77  ? 83  HIS A O   1 
ATOM   568  C  CB  . HIS A 1 77  ? -0.491  -9.142  -9.308  1.00 48.24  ? 83  HIS A CB  1 
ATOM   569  C  CG  . HIS A 1 77  ? -1.428  -8.017  -9.038  1.00 49.85  ? 83  HIS A CG  1 
ATOM   570  N  ND1 . HIS A 1 77  ? -2.327  -7.574  -9.985  1.00 48.40  ? 83  HIS A ND1 1 
ATOM   571  C  CD2 . HIS A 1 77  ? -1.567  -7.207  -7.966  1.00 47.86  ? 83  HIS A CD2 1 
ATOM   572  C  CE1 . HIS A 1 77  ? -3.012  -6.560  -9.491  1.00 51.39  ? 83  HIS A CE1 1 
ATOM   573  N  NE2 . HIS A 1 77  ? -2.554  -6.309  -8.261  1.00 47.18  ? 83  HIS A NE2 1 
ATOM   574  N  N   . PRO A 1 78  ? 2.851   -9.607  -9.780  1.00 61.63  ? 84  PRO A N   1 
ATOM   575  C  CA  . PRO A 1 78  ? 4.020   -10.443 -10.048 1.00 70.36  ? 84  PRO A CA  1 
ATOM   576  C  C   . PRO A 1 78  ? 4.072   -11.710 -9.180  1.00 72.76  ? 84  PRO A C   1 
ATOM   577  O  O   . PRO A 1 78  ? 4.997   -11.860 -8.425  1.00 82.33  ? 84  PRO A O   1 
ATOM   578  C  CB  . PRO A 1 78  ? 5.146   -9.463  -9.702  1.00 69.20  ? 84  PRO A CB  1 
ATOM   579  C  CG  . PRO A 1 78  ? 4.604   -8.752  -8.482  1.00 68.53  ? 84  PRO A CG  1 
ATOM   580  C  CD  . PRO A 1 78  ? 3.126   -8.569  -8.776  1.00 64.14  ? 84  PRO A CD  1 
ATOM   581  N  N   . ASN A 1 79  ? 3.070   -12.576 -9.313  1.00 78.11  ? 85  ASN A N   1 
ATOM   582  C  CA  . ASN A 1 79  ? 3.003   -13.914 -8.666  1.00 80.13  ? 85  ASN A CA  1 
ATOM   583  C  C   . ASN A 1 79  ? 2.369   -14.867 -9.676  1.00 89.29  ? 85  ASN A C   1 
ATOM   584  O  O   . ASN A 1 79  ? 1.718   -14.406 -10.616 1.00 78.10  ? 85  ASN A O   1 
ATOM   585  C  CB  . ASN A 1 79  ? 2.246   -13.854 -7.338  1.00 78.69  ? 85  ASN A CB  1 
ATOM   586  C  CG  . ASN A 1 79  ? 0.784   -13.520 -7.526  1.00 79.01  ? 85  ASN A CG  1 
ATOM   587  O  OD1 . ASN A 1 79  ? -0.009  -14.384 -7.895  1.00 77.88  ? 85  ASN A OD1 1 
ATOM   588  N  ND2 . ASN A 1 79  ? 0.426   -12.268 -7.288  1.00 80.14  ? 85  ASN A ND2 1 
ATOM   589  N  N   . PRO A 1 80  ? 2.530   -16.205 -9.526  1.00 97.20  ? 86  PRO A N   1 
ATOM   590  C  CA  . PRO A 1 80  ? 2.080   -17.155 -10.547 1.00 95.94  ? 86  PRO A CA  1 
ATOM   591  C  C   . PRO A 1 80  ? 0.619   -16.975 -10.996 1.00 90.58  ? 86  PRO A C   1 
ATOM   592  O  O   . PRO A 1 80  ? 0.387   -17.016 -12.190 1.00 83.72  ? 86  PRO A O   1 
ATOM   593  C  CB  . PRO A 1 80  ? 2.276   -18.535 -9.890  1.00 99.71  ? 86  PRO A CB  1 
ATOM   594  C  CG  . PRO A 1 80  ? 2.469   -18.238 -8.411  1.00 102.89 ? 86  PRO A CG  1 
ATOM   595  C  CD  . PRO A 1 80  ? 3.149   -16.885 -8.377  1.00 99.62  ? 86  PRO A CD  1 
ATOM   596  N  N   . LYS A 1 81  ? -0.313  -16.763 -10.058 1.00 84.55  ? 87  LYS A N   1 
ATOM   597  C  CA  . LYS A 1 81  ? -1.775  -16.687 -10.340 1.00 83.80  ? 87  LYS A CA  1 
ATOM   598  C  C   . LYS A 1 81  ? -2.215  -15.251 -10.671 1.00 78.00  ? 87  LYS A C   1 
ATOM   599  O  O   . LYS A 1 81  ? -3.403  -15.081 -11.015 1.00 75.39  ? 87  LYS A O   1 
ATOM   600  C  CB  . LYS A 1 81  ? -2.569  -17.234 -9.150  1.00 88.01  ? 87  LYS A CB  1 
ATOM   601  C  CG  . LYS A 1 81  ? -2.434  -18.734 -8.946  1.00 92.67  ? 87  LYS A CG  1 
ATOM   602  C  CD  . LYS A 1 81  ? -3.298  -19.270 -7.834  1.00 97.53  ? 87  LYS A CD  1 
ATOM   603  C  CE  . LYS A 1 81  ? -3.146  -20.765 -7.653  1.00 101.29 ? 87  LYS A CE  1 
ATOM   604  N  NZ  . LYS A 1 81  ? -3.881  -21.248 -6.460  1.00 101.77 ? 87  LYS A NZ  1 
ATOM   605  N  N   . GLY A 1 82  ? -1.314  -14.262 -10.581 1.00 73.42  ? 88  GLY A N   1 
ATOM   606  C  CA  . GLY A 1 82  ? -1.638  -12.830 -10.757 1.00 68.85  ? 88  GLY A CA  1 
ATOM   607  C  C   . GLY A 1 82  ? -2.689  -12.365 -9.758  1.00 66.25  ? 88  GLY A C   1 
ATOM   608  O  O   . GLY A 1 82  ? -3.513  -11.493 -10.111 1.00 64.16  ? 88  GLY A O   1 
ATOM   609  N  N   . PHE A 1 83  ? -2.672  -12.930 -8.549  1.00 61.41  ? 89  PHE A N   1 
ATOM   610  C  CA  . PHE A 1 83  ? -3.613  -12.617 -7.441  1.00 63.59  ? 89  PHE A CA  1 
ATOM   611  C  C   . PHE A 1 83  ? -3.143  -11.325 -6.756  1.00 56.76  ? 89  PHE A C   1 
ATOM   612  O  O   . PHE A 1 83  ? -1.916  -11.129 -6.602  1.00 54.94  ? 89  PHE A O   1 
ATOM   613  C  CB  . PHE A 1 83  ? -3.677  -13.803 -6.473  1.00 70.72  ? 89  PHE A CB  1 
ATOM   614  C  CG  . PHE A 1 83  ? -4.405  -13.539 -5.181  1.00 76.24  ? 89  PHE A CG  1 
ATOM   615  C  CD1 . PHE A 1 83  ? -5.790  -13.458 -5.154  1.00 79.71  ? 89  PHE A CD1 1 
ATOM   616  C  CD2 . PHE A 1 83  ? -3.705  -13.381 -3.992  1.00 79.16  ? 89  PHE A CD2 1 
ATOM   617  C  CE1 . PHE A 1 83  ? -6.460  -13.215 -3.964  1.00 75.57  ? 89  PHE A CE1 1 
ATOM   618  C  CE2 . PHE A 1 83  ? -4.376  -13.135 -2.804  1.00 76.26  ? 89  PHE A CE2 1 
ATOM   619  C  CZ  . PHE A 1 83  ? -5.752  -13.057 -2.792  1.00 77.09  ? 89  PHE A CZ  1 
ATOM   620  N  N   . CYS A 1 84  ? -4.080  -10.455 -6.379  1.00 53.52  ? 90  CYS A N   1 
ATOM   621  C  CA  . CYS A 1 84  ? -3.807  -9.235  -5.574  1.00 47.98  ? 90  CYS A CA  1 
ATOM   622  C  C   . CYS A 1 84  ? -4.315  -9.441  -4.141  1.00 43.44  ? 90  CYS A C   1 
ATOM   623  O  O   . CYS A 1 84  ? -5.500  -9.743  -3.986  1.00 45.61  ? 90  CYS A O   1 
ATOM   624  C  CB  . CYS A 1 84  ? -4.461  -8.006  -6.192  1.00 51.31  ? 90  CYS A CB  1 
ATOM   625  S  SG  . CYS A 1 84  ? -4.060  -6.491  -5.279  1.00 46.83  ? 90  CYS A SG  1 
ATOM   626  N  N   . ASP A 1 85  ? -3.446  -9.257  -3.148  1.00 46.15  ? 91  ASP A N   1 
ATOM   627  C  CA  . ASP A 1 85  ? -3.750  -9.376  -1.694  1.00 51.75  ? 91  ASP A CA  1 
ATOM   628  C  C   . ASP A 1 85  ? -4.595  -8.181  -1.209  1.00 50.85  ? 91  ASP A C   1 
ATOM   629  O  O   . ASP A 1 85  ? -5.218  -8.299  -0.140  1.00 47.57  ? 91  ASP A O   1 
ATOM   630  C  CB  . ASP A 1 85  ? -2.463  -9.543  -0.868  1.00 58.00  ? 91  ASP A CB  1 
ATOM   631  C  CG  . ASP A 1 85  ? -1.360  -8.509  -1.090  1.00 67.05  ? 91  ASP A CG  1 
ATOM   632  O  OD1 . ASP A 1 85  ? -1.321  -7.892  -2.182  1.00 70.14  ? 91  ASP A OD1 1 
ATOM   633  O  OD2 . ASP A 1 85  ? -0.519  -8.338  -0.173  1.00 71.34  ? 91  ASP A OD2 1 
ATOM   634  N  N   . LEU A 1 86  ? -4.638  -7.075  -1.955  1.00 48.06  ? 92  LEU A N   1 
ATOM   635  C  CA  . LEU A 1 86  ? -5.190  -5.778  -1.462  1.00 44.61  ? 92  LEU A CA  1 
ATOM   636  C  C   . LEU A 1 86  ? -6.577  -5.500  -2.057  1.00 47.07  ? 92  LEU A C   1 
ATOM   637  O  O   . LEU A 1 86  ? -7.418  -4.921  -1.344  1.00 44.98  ? 92  LEU A O   1 
ATOM   638  C  CB  . LEU A 1 86  ? -4.189  -4.671  -1.813  1.00 48.17  ? 92  LEU A CB  1 
ATOM   639  C  CG  . LEU A 1 86  ? -2.883  -4.696  -1.014  1.00 50.40  ? 92  LEU A CG  1 
ATOM   640  C  CD1 . LEU A 1 86  ? -1.833  -3.781  -1.623  1.00 49.55  ? 92  LEU A CD1 1 
ATOM   641  C  CD2 . LEU A 1 86  ? -3.124  -4.319  0.442   1.00 53.15  ? 92  LEU A CD2 1 
ATOM   642  N  N   . LYS A 1 87  ? -6.819  -5.888  -3.313  1.00 49.33  ? 93  LYS A N   1 
ATOM   643  C  CA  . LYS A 1 87  ? -8.054  -5.551  -4.074  1.00 52.46  ? 93  LYS A CA  1 
ATOM   644  C  C   . LYS A 1 87  ? -9.293  -6.054  -3.317  1.00 49.97  ? 93  LYS A C   1 
ATOM   645  O  O   . LYS A 1 87  ? -9.281  -7.202  -2.870  1.00 54.55  ? 93  LYS A O   1 
ATOM   646  C  CB  . LYS A 1 87  ? -7.957  -6.147  -5.483  1.00 58.09  ? 93  LYS A CB  1 
ATOM   647  C  CG  . LYS A 1 87  ? -9.080  -5.768  -6.436  1.00 64.79  ? 93  LYS A CG  1 
ATOM   648  C  CD  . LYS A 1 87  ? -8.886  -6.306  -7.847  1.00 69.62  ? 93  LYS A CD  1 
ATOM   649  C  CE  . LYS A 1 87  ? -9.549  -5.424  -8.884  1.00 74.52  ? 93  LYS A CE  1 
ATOM   650  N  NZ  . LYS A 1 87  ? -9.594  -6.083  -10.210 1.00 80.40  ? 93  LYS A NZ  1 
ATOM   651  N  N   . GLY A 1 88  ? -10.317 -5.212  -3.149  1.00 47.09  ? 94  GLY A N   1 
ATOM   652  C  CA  . GLY A 1 88  ? -11.582 -5.582  -2.488  1.00 47.48  ? 94  GLY A CA  1 
ATOM   653  C  C   . GLY A 1 88  ? -11.477 -5.564  -0.974  1.00 49.28  ? 94  GLY A C   1 
ATOM   654  O  O   . GLY A 1 88  ? -12.497 -5.809  -0.324  1.00 51.99  ? 94  GLY A O   1 
ATOM   655  N  N   . LYS A 1 89  ? -10.299 -5.268  -0.421  1.00 46.13  ? 95  LYS A N   1 
ATOM   656  C  CA  . LYS A 1 89  ? -10.050 -5.231  1.042   1.00 46.77  ? 95  LYS A CA  1 
ATOM   657  C  C   . LYS A 1 89  ? -9.642  -3.818  1.485   1.00 46.21  ? 95  LYS A C   1 
ATOM   658  O  O   . LYS A 1 89  ? -9.655  -2.898  0.651   1.00 43.63  ? 95  LYS A O   1 
ATOM   659  C  CB  . LYS A 1 89  ? -9.000  -6.284  1.385   1.00 49.87  ? 95  LYS A CB  1 
ATOM   660  C  CG  . LYS A 1 89  ? -9.504  -7.714  1.228   1.00 58.67  ? 95  LYS A CG  1 
ATOM   661  C  CD  . LYS A 1 89  ? -8.405  -8.751  1.228   1.00 68.71  ? 95  LYS A CD  1 
ATOM   662  C  CE  . LYS A 1 89  ? -8.664  -9.879  2.206   1.00 76.29  ? 95  LYS A CE  1 
ATOM   663  N  NZ  . LYS A 1 89  ? -10.018 -10.454 2.032   1.00 78.90  ? 95  LYS A NZ  1 
ATOM   664  N  N   . TYR A 1 90  ? -9.335  -3.667  2.773   1.00 43.68  ? 96  TYR A N   1 
ATOM   665  C  CA  . TYR A 1 90  ? -8.899  -2.405  3.424   1.00 45.04  ? 96  TYR A CA  1 
ATOM   666  C  C   . TYR A 1 90  ? -7.522  -2.653  4.014   1.00 46.24  ? 96  TYR A C   1 
ATOM   667  O  O   . TYR A 1 90  ? -7.312  -3.737  4.586   1.00 45.11  ? 96  TYR A O   1 
ATOM   668  C  CB  . TYR A 1 90  ? -9.975  -1.926  4.403   1.00 46.28  ? 96  TYR A CB  1 
ATOM   669  C  CG  . TYR A 1 90  ? -11.258 -1.711  3.652   1.00 47.26  ? 96  TYR A CG  1 
ATOM   670  C  CD1 . TYR A 1 90  ? -11.452 -0.554  2.912   1.00 48.35  ? 96  TYR A CD1 1 
ATOM   671  C  CD2 . TYR A 1 90  ? -12.180 -2.737  3.521   1.00 46.86  ? 96  TYR A CD2 1 
ATOM   672  C  CE1 . TYR A 1 90  ? -12.579 -0.385  2.126   1.00 49.89  ? 96  TYR A CE1 1 
ATOM   673  C  CE2 . TYR A 1 90  ? -13.323 -2.578  2.753   1.00 49.47  ? 96  TYR A CE2 1 
ATOM   674  C  CZ  . TYR A 1 90  ? -13.515 -1.402  2.049   1.00 49.32  ? 96  TYR A CZ  1 
ATOM   675  O  OH  . TYR A 1 90  ? -14.626 -1.247  1.281   1.00 49.43  ? 96  TYR A OH  1 
ATOM   676  N  N   . VAL A 1 91  ? -6.610  -1.704  3.803   1.00 43.35  ? 97  VAL A N   1 
ATOM   677  C  CA  . VAL A 1 91  ? -5.207  -1.801  4.284   1.00 43.28  ? 97  VAL A CA  1 
ATOM   678  C  C   . VAL A 1 91  ? -4.979  -0.743  5.370   1.00 45.86  ? 97  VAL A C   1 
ATOM   679  O  O   . VAL A 1 91  ? -5.394  0.438   5.194   1.00 41.51  ? 97  VAL A O   1 
ATOM   680  C  CB  . VAL A 1 91  ? -4.192  -1.723  3.131   1.00 45.13  ? 97  VAL A CB  1 
ATOM   681  C  CG1 . VAL A 1 91  ? -4.306  -0.429  2.333   1.00 46.02  ? 97  VAL A CG1 1 
ATOM   682  C  CG2 . VAL A 1 91  ? -2.773  -1.939  3.638   1.00 44.45  ? 97  VAL A CG2 1 
ATOM   683  N  N   . GLN A 1 92  ? -4.382  -1.189  6.474   1.00 41.75  ? 98  GLN A N   1 
ATOM   684  C  CA  . GLN A 1 92  ? -3.969  -0.347  7.620   1.00 44.17  ? 98  GLN A CA  1 
ATOM   685  C  C   . GLN A 1 92  ? -2.509  0.041   7.419   1.00 44.28  ? 98  GLN A C   1 
ATOM   686  O  O   . GLN A 1 92  ? -1.677  -0.865  7.252   1.00 46.48  ? 98  GLN A O   1 
ATOM   687  C  CB  . GLN A 1 92  ? -4.205  -1.097  8.932   1.00 44.31  ? 98  GLN A CB  1 
ATOM   688  C  CG  . GLN A 1 92  ? -5.656  -1.040  9.393   1.00 42.43  ? 98  GLN A CG  1 
ATOM   689  C  CD  . GLN A 1 92  ? -6.640  -1.687  8.446   1.00 47.28  ? 98  GLN A CD  1 
ATOM   690  O  OE1 . GLN A 1 92  ? -7.614  -1.076  7.995   1.00 43.56  ? 98  GLN A OE1 1 
ATOM   691  N  NE2 . GLN A 1 92  ? -6.412  -2.954  8.140   1.00 47.18  ? 98  GLN A NE2 1 
ATOM   692  N  N   . ILE A 1 93  ? -2.213  1.342   7.420   1.00 40.37  ? 99  ILE A N   1 
ATOM   693  C  CA  . ILE A 1 93  ? -0.842  1.882   7.199   1.00 43.45  ? 99  ILE A CA  1 
ATOM   694  C  C   . ILE A 1 93  ? -0.437  2.637   8.459   1.00 43.16  ? 99  ILE A C   1 
ATOM   695  O  O   . ILE A 1 93  ? -1.170  3.515   8.896   1.00 45.37  ? 99  ILE A O   1 
ATOM   696  C  CB  . ILE A 1 93  ? -0.784  2.809   5.966   1.00 44.53  ? 99  ILE A CB  1 
ATOM   697  C  CG1 . ILE A 1 93  ? -1.413  2.182   4.716   1.00 46.53  ? 99  ILE A CG1 1 
ATOM   698  C  CG2 . ILE A 1 93  ? 0.651   3.273   5.728   1.00 44.40  ? 99  ILE A CG2 1 
ATOM   699  C  CD1 . ILE A 1 93  ? -0.607  1.056   4.095   1.00 46.64  ? 99  ILE A CD1 1 
ATOM   700  N  N   . PRO A 1 94  ? 0.744   2.354   9.053   1.00 45.67  ? 100 PRO A N   1 
ATOM   701  C  CA  . PRO A 1 94  ? 1.248   3.152   10.167  1.00 48.55  ? 100 PRO A CA  1 
ATOM   702  C  C   . PRO A 1 94  ? 1.229   4.647   9.806   1.00 50.44  ? 100 PRO A C   1 
ATOM   703  O  O   . PRO A 1 94  ? 1.677   4.983   8.730   1.00 44.38  ? 100 PRO A O   1 
ATOM   704  C  CB  . PRO A 1 94  ? 2.707   2.694   10.349  1.00 49.66  ? 100 PRO A CB  1 
ATOM   705  C  CG  . PRO A 1 94  ? 2.780   1.319   9.691   1.00 50.76  ? 100 PRO A CG  1 
ATOM   706  C  CD  . PRO A 1 94  ? 1.661   1.271   8.670   1.00 49.22  ? 100 PRO A CD  1 
ATOM   707  N  N   . THR A 1 95  ? 0.755   5.498   10.715  1.00 47.57  ? 101 THR A N   1 
ATOM   708  C  CA  . THR A 1 95  ? 0.599   6.957   10.495  1.00 49.76  ? 101 THR A CA  1 
ATOM   709  C  C   . THR A 1 95  ? 1.919   7.549   9.992   1.00 50.20  ? 101 THR A C   1 
ATOM   710  O  O   . THR A 1 95  ? 1.874   8.390   9.073   1.00 50.87  ? 101 THR A O   1 
ATOM   711  C  CB  . THR A 1 95  ? 0.073   7.641   11.758  1.00 51.50  ? 101 THR A CB  1 
ATOM   712  O  OG1 . THR A 1 95  ? -1.201  7.048   12.008  1.00 49.60  ? 101 THR A OG1 1 
ATOM   713  C  CG2 . THR A 1 95  ? -0.047  9.144   11.612  1.00 52.99  ? 101 THR A CG2 1 
ATOM   714  N  N   . THR A 1 96  ? 3.049   7.101   10.534  1.00 47.81  ? 102 THR A N   1 
ATOM   715  C  CA  . THR A 1 96  ? 4.399   7.600   10.168  1.00 53.48  ? 102 THR A CA  1 
ATOM   716  C  C   . THR A 1 96  ? 4.729   7.293   8.698   1.00 53.66  ? 102 THR A C   1 
ATOM   717  O  O   . THR A 1 96  ? 5.660   7.931   8.190   1.00 51.08  ? 102 THR A O   1 
ATOM   718  C  CB  . THR A 1 96  ? 5.483   6.994   11.065  1.00 57.56  ? 102 THR A CB  1 
ATOM   719  O  OG1 . THR A 1 96  ? 5.427   5.580   10.881  1.00 58.02  ? 102 THR A OG1 1 
ATOM   720  C  CG2 . THR A 1 96  ? 5.306   7.355   12.523  1.00 58.77  ? 102 THR A CG2 1 
ATOM   721  N  N   . CYS A 1 97  ? 4.026   6.355   8.048   1.00 49.22  ? 103 CYS A N   1 
ATOM   722  C  CA  . CYS A 1 97  ? 4.260   5.968   6.628   1.00 49.38  ? 103 CYS A CA  1 
ATOM   723  C  C   . CYS A 1 97  ? 3.050   6.285   5.729   1.00 47.55  ? 103 CYS A C   1 
ATOM   724  O  O   . CYS A 1 97  ? 3.139   6.002   4.522   1.00 45.84  ? 103 CYS A O   1 
ATOM   725  C  CB  . CYS A 1 97  ? 4.602   4.487   6.548   1.00 49.21  ? 103 CYS A CB  1 
ATOM   726  S  SG  . CYS A 1 97  ? 6.130   4.055   7.432   1.00 53.90  ? 103 CYS A SG  1 
ATOM   727  N  N   . ALA A 1 98  ? 1.976   6.880   6.264   1.00 44.23  ? 104 ALA A N   1 
ATOM   728  C  CA  . ALA A 1 98  ? 0.684   7.057   5.555   1.00 46.72  ? 104 ALA A CA  1 
ATOM   729  C  C   . ALA A 1 98  ? 0.733   8.199   4.527   1.00 47.11  ? 104 ALA A C   1 
ATOM   730  O  O   . ALA A 1 98  ? -0.261  8.372   3.799   1.00 46.80  ? 104 ALA A O   1 
ATOM   731  C  CB  . ALA A 1 98  ? -0.438  7.271   6.542   1.00 47.18  ? 104 ALA A CB  1 
ATOM   732  N  N   . ASN A 1 99  ? 1.838   8.931   4.426   1.00 47.48  ? 105 ASN A N   1 
ATOM   733  C  CA  . ASN A 1 99  ? 2.079   9.868   3.296   1.00 51.42  ? 105 ASN A CA  1 
ATOM   734  C  C   . ASN A 1 99  ? 2.376   9.079   2.004   1.00 50.47  ? 105 ASN A C   1 
ATOM   735  O  O   . ASN A 1 99  ? 2.358   9.698   0.929   1.00 46.08  ? 105 ASN A O   1 
ATOM   736  C  CB  . ASN A 1 99  ? 3.231   10.823  3.594   1.00 52.29  ? 105 ASN A CB  1 
ATOM   737  C  CG  . ASN A 1 99  ? 4.542   10.090  3.756   1.00 55.16  ? 105 ASN A CG  1 
ATOM   738  O  OD1 . ASN A 1 99  ? 4.642   9.171   4.561   1.00 60.44  ? 105 ASN A OD1 1 
ATOM   739  N  ND2 . ASN A 1 99  ? 5.545   10.466  2.982   1.00 63.41  ? 105 ASN A ND2 1 
ATOM   740  N  N   . ASP A 1 100 ? 2.680   7.775   2.086   1.00 47.45  ? 106 ASP A N   1 
ATOM   741  C  CA  . ASP A 1 100 ? 3.048   6.956   0.891   1.00 45.81  ? 106 ASP A CA  1 
ATOM   742  C  C   . ASP A 1 100 ? 2.516   5.530   1.044   1.00 42.20  ? 106 ASP A C   1 
ATOM   743  O  O   . ASP A 1 100 ? 3.292   4.582   1.164   1.00 42.44  ? 106 ASP A O   1 
ATOM   744  C  CB  . ASP A 1 100 ? 4.562   7.005   0.663   1.00 42.23  ? 106 ASP A CB  1 
ATOM   745  C  CG  . ASP A 1 100 ? 5.045   6.251   -0.568  1.00 45.59  ? 106 ASP A CG  1 
ATOM   746  O  OD1 . ASP A 1 100 ? 4.204   5.949   -1.469  1.00 45.32  ? 106 ASP A OD1 1 
ATOM   747  O  OD2 . ASP A 1 100 ? 6.258   5.960   -0.619  1.00 47.17  ? 106 ASP A OD2 1 
ATOM   748  N  N   . PRO A 1 101 ? 1.182   5.320   0.999   1.00 42.75  ? 107 PRO A N   1 
ATOM   749  C  CA  . PRO A 1 101 ? 0.620   3.978   1.150   1.00 42.11  ? 107 PRO A CA  1 
ATOM   750  C  C   . PRO A 1 101 ? 1.096   2.986   0.067   1.00 44.02  ? 107 PRO A C   1 
ATOM   751  O  O   . PRO A 1 101 ? 1.364   1.832   0.402   1.00 43.83  ? 107 PRO A O   1 
ATOM   752  C  CB  . PRO A 1 101 ? -0.892  4.215   1.071   1.00 43.42  ? 107 PRO A CB  1 
ATOM   753  C  CG  . PRO A 1 101 ? -1.066  5.682   1.405   1.00 43.78  ? 107 PRO A CG  1 
ATOM   754  C  CD  . PRO A 1 101 ? 0.144   6.347   0.804   1.00 42.86  ? 107 PRO A CD  1 
ATOM   755  N  N   . VAL A 1 102 ? 1.225   3.436   -1.187  1.00 41.18  ? 108 VAL A N   1 
ATOM   756  C  CA  . VAL A 1 102 ? 1.667   2.574   -2.329  1.00 41.56  ? 108 VAL A CA  1 
ATOM   757  C  C   . VAL A 1 102 ? 3.079   2.045   -2.035  1.00 42.45  ? 108 VAL A C   1 
ATOM   758  O  O   . VAL A 1 102 ? 3.298   0.828   -2.182  1.00 40.69  ? 108 VAL A O   1 
ATOM   759  C  CB  . VAL A 1 102 ? 1.598   3.323   -3.676  1.00 40.32  ? 108 VAL A CB  1 
ATOM   760  C  CG1 . VAL A 1 102 ? 2.162   2.488   -4.818  1.00 41.39  ? 108 VAL A CG1 1 
ATOM   761  C  CG2 . VAL A 1 102 ? 0.183   3.780   -4.000  1.00 39.38  ? 108 VAL A CG2 1 
ATOM   762  N  N   . GLY A 1 103 ? 4.008   2.923   -1.643  1.00 42.68  ? 109 GLY A N   1 
ATOM   763  C  CA  . GLY A 1 103 ? 5.396   2.553   -1.296  1.00 45.74  ? 109 GLY A CA  1 
ATOM   764  C  C   . GLY A 1 103 ? 5.437   1.624   -0.093  1.00 44.61  ? 109 GLY A C   1 
ATOM   765  O  O   . GLY A 1 103 ? 6.244   0.663   -0.082  1.00 45.45  ? 109 GLY A O   1 
ATOM   766  N  N   . PHE A 1 104 ? 4.576   1.870   0.889   1.00 44.32  ? 110 PHE A N   1 
ATOM   767  C  CA  . PHE A 1 104 ? 4.536   1.062   2.132   1.00 45.52  ? 110 PHE A CA  1 
ATOM   768  C  C   . PHE A 1 104 ? 4.141   -0.387  1.823   1.00 44.65  ? 110 PHE A C   1 
ATOM   769  O  O   . PHE A 1 104 ? 4.849   -1.290  2.271   1.00 44.79  ? 110 PHE A O   1 
ATOM   770  C  CB  . PHE A 1 104 ? 3.595   1.652   3.175   1.00 43.32  ? 110 PHE A CB  1 
ATOM   771  C  CG  . PHE A 1 104 ? 3.684   0.891   4.469   1.00 44.45  ? 110 PHE A CG  1 
ATOM   772  C  CD1 . PHE A 1 104 ? 4.661   1.208   5.403   1.00 45.51  ? 110 PHE A CD1 1 
ATOM   773  C  CD2 . PHE A 1 104 ? 2.849   -0.185  4.717   1.00 44.92  ? 110 PHE A CD2 1 
ATOM   774  C  CE1 . PHE A 1 104 ? 4.775   0.487   6.580   1.00 46.48  ? 110 PHE A CE1 1 
ATOM   775  C  CE2 . PHE A 1 104 ? 2.957   -0.899  5.903   1.00 46.32  ? 110 PHE A CE2 1 
ATOM   776  C  CZ  . PHE A 1 104 ? 3.920   -0.561  6.831   1.00 44.63  ? 110 PHE A CZ  1 
ATOM   777  N  N   . THR A 1 105 ? 3.040   -0.616  1.105   1.00 45.56  ? 111 THR A N   1 
ATOM   778  C  CA  . THR A 1 105 ? 2.536   -1.985  0.813   1.00 43.86  ? 111 THR A CA  1 
ATOM   779  C  C   . THR A 1 105 ? 3.562   -2.706  -0.056  1.00 47.77  ? 111 THR A C   1 
ATOM   780  O  O   . THR A 1 105 ? 3.778   -3.897  0.146   1.00 47.36  ? 111 THR A O   1 
ATOM   781  C  CB  . THR A 1 105 ? 1.158   -1.988  0.142   1.00 45.86  ? 111 THR A CB  1 
ATOM   782  O  OG1 . THR A 1 105 ? 1.248   -1.329  -1.125  1.00 45.50  ? 111 THR A OG1 1 
ATOM   783  C  CG2 . THR A 1 105 ? 0.101   -1.332  1.007   1.00 47.79  ? 111 THR A CG2 1 
ATOM   784  N  N   . LEU A 1 106 ? 4.171   -1.981  -0.990  1.00 50.29  ? 112 LEU A N   1 
ATOM   785  C  CA  . LEU A 1 106 ? 5.199   -2.516  -1.910  1.00 49.56  ? 112 LEU A CA  1 
ATOM   786  C  C   . LEU A 1 106 ? 6.389   -3.036  -1.094  1.00 51.01  ? 112 LEU A C   1 
ATOM   787  O  O   . LEU A 1 106 ? 6.868   -4.134  -1.404  1.00 50.31  ? 112 LEU A O   1 
ATOM   788  C  CB  . LEU A 1 106 ? 5.611   -1.394  -2.867  1.00 48.78  ? 112 LEU A CB  1 
ATOM   789  C  CG  . LEU A 1 106 ? 6.350   -1.809  -4.130  1.00 50.48  ? 112 LEU A CG  1 
ATOM   790  C  CD1 . LEU A 1 106 ? 5.501   -2.749  -4.973  1.00 51.85  ? 112 LEU A CD1 1 
ATOM   791  C  CD2 . LEU A 1 106 ? 6.738   -0.580  -4.928  1.00 51.90  ? 112 LEU A CD2 1 
ATOM   792  N  N   . LYS A 1 107 ? 6.835   -2.294  -0.078  1.00 49.30  ? 113 LYS A N   1 
ATOM   793  C  CA  . LYS A 1 107 ? 8.115   -2.579  0.628   1.00 50.46  ? 113 LYS A CA  1 
ATOM   794  C  C   . LYS A 1 107 ? 7.920   -3.567  1.781   1.00 49.29  ? 113 LYS A C   1 
ATOM   795  O  O   . LYS A 1 107 ? 8.939   -4.042  2.280   1.00 55.37  ? 113 LYS A O   1 
ATOM   796  C  CB  . LYS A 1 107 ? 8.740   -1.296  1.181   1.00 50.86  ? 113 LYS A CB  1 
ATOM   797  C  CG  . LYS A 1 107 ? 9.236   -0.328  0.126   1.00 49.16  ? 113 LYS A CG  1 
ATOM   798  C  CD  . LYS A 1 107 ? 9.542   1.026   0.689   1.00 51.01  ? 113 LYS A CD  1 
ATOM   799  C  CE  . LYS A 1 107 ? 10.151  1.940   -0.344  1.00 52.35  ? 113 LYS A CE  1 
ATOM   800  N  NZ  . LYS A 1 107 ? 10.395  3.287   0.217   1.00 56.14  ? 113 LYS A NZ  1 
ATOM   801  N  N   . ASN A 1 108 ? 6.692   -3.862  2.205   1.00 50.34  ? 114 ASN A N   1 
ATOM   802  C  CA  . ASN A 1 108 ? 6.474   -4.556  3.501   1.00 53.55  ? 114 ASN A CA  1 
ATOM   803  C  C   . ASN A 1 108 ? 5.756   -5.896  3.310   1.00 49.59  ? 114 ASN A C   1 
ATOM   804  O  O   . ASN A 1 108 ? 5.231   -6.154  2.211   1.00 52.48  ? 114 ASN A O   1 
ATOM   805  C  CB  . ASN A 1 108 ? 5.800   -3.618  4.505   1.00 49.51  ? 114 ASN A CB  1 
ATOM   806  C  CG  . ASN A 1 108 ? 6.770   -2.566  4.983   1.00 51.80  ? 114 ASN A CG  1 
ATOM   807  O  OD1 . ASN A 1 108 ? 7.659   -2.864  5.776   1.00 55.63  ? 114 ASN A OD1 1 
ATOM   808  N  ND2 . ASN A 1 108 ? 6.653   -1.348  4.476   1.00 52.45  ? 114 ASN A ND2 1 
ATOM   809  N  N   . THR A 1 109 ? 5.751   -6.706  4.374   1.00 53.92  ? 115 THR A N   1 
ATOM   810  C  CA  . THR A 1 109 ? 5.167   -8.069  4.422   1.00 53.16  ? 115 THR A CA  1 
ATOM   811  C  C   . THR A 1 109 ? 4.316   -8.240  5.677   1.00 51.09  ? 115 THR A C   1 
ATOM   812  O  O   . THR A 1 109 ? 4.731   -7.776  6.754   1.00 51.49  ? 115 THR A O   1 
ATOM   813  C  CB  . THR A 1 109 ? 6.259   -9.142  4.407   1.00 59.15  ? 115 THR A CB  1 
ATOM   814  O  OG1 . THR A 1 109 ? 7.091   -8.830  3.294   1.00 60.15  ? 115 THR A OG1 1 
ATOM   815  C  CG2 . THR A 1 109 ? 5.703   -10.542 4.281   1.00 63.04  ? 115 THR A CG2 1 
ATOM   816  N  N   . VAL A 1 110 ? 3.184   -8.924  5.528   1.00 52.89  ? 116 VAL A N   1 
ATOM   817  C  CA  . VAL A 1 110 ? 2.252   -9.254  6.641   1.00 57.69  ? 116 VAL A CA  1 
ATOM   818  C  C   . VAL A 1 110 ? 2.788   -10.512 7.332   1.00 61.11  ? 116 VAL A C   1 
ATOM   819  O  O   . VAL A 1 110 ? 3.022   -11.501 6.623   1.00 65.59  ? 116 VAL A O   1 
ATOM   820  C  CB  . VAL A 1 110 ? 0.821   -9.477  6.121   1.00 57.34  ? 116 VAL A CB  1 
ATOM   821  C  CG1 . VAL A 1 110 ? -0.157  -9.715  7.265   1.00 56.75  ? 116 VAL A CG1 1 
ATOM   822  C  CG2 . VAL A 1 110 ? 0.355   -8.329  5.234   1.00 59.29  ? 116 VAL A CG2 1 
ATOM   823  N  N   . CYS A 1 111 ? 2.962   -10.470 8.657   1.00 67.38  ? 117 CYS A N   1 
ATOM   824  C  CA  . CYS A 1 111 ? 3.271   -11.645 9.520   1.00 68.21  ? 117 CYS A CA  1 
ATOM   825  C  C   . CYS A 1 111 ? 2.122   -12.661 9.430   1.00 74.33  ? 117 CYS A C   1 
ATOM   826  O  O   . CYS A 1 111 ? 0.953   -12.267 9.632   1.00 67.40  ? 117 CYS A O   1 
ATOM   827  C  CB  . CYS A 1 111 ? 3.515   -11.210 10.959  1.00 71.48  ? 117 CYS A CB  1 
ATOM   828  S  SG  . CYS A 1 111 ? 3.475   -12.553 12.181  1.00 74.28  ? 117 CYS A SG  1 
ATOM   829  N  N   . THR A 1 112 ? 2.449   -13.924 9.131   1.00 80.31  ? 118 THR A N   1 
ATOM   830  C  CA  . THR A 1 112 ? 1.479   -15.037 8.918   1.00 78.37  ? 118 THR A CA  1 
ATOM   831  C  C   . THR A 1 112 ? 0.834   -15.449 10.250  1.00 79.22  ? 118 THR A C   1 
ATOM   832  O  O   . THR A 1 112 ? -0.220  -16.112 10.195  1.00 78.99  ? 118 THR A O   1 
ATOM   833  C  CB  . THR A 1 112 ? 2.162   -16.226 8.233   1.00 81.98  ? 118 THR A CB  1 
ATOM   834  O  OG1 . THR A 1 112 ? 3.384   -16.466 8.929   1.00 85.03  ? 118 THR A OG1 1 
ATOM   835  C  CG2 . THR A 1 112 ? 2.469   -15.987 6.771   1.00 80.16  ? 118 THR A CG2 1 
ATOM   836  N  N   . VAL A 1 113 ? 1.420   -15.055 11.390  1.00 78.77  ? 119 VAL A N   1 
ATOM   837  C  CA  . VAL A 1 113 ? 0.904   -15.368 12.759  1.00 84.19  ? 119 VAL A CA  1 
ATOM   838  C  C   . VAL A 1 113 ? -0.149  -14.321 13.158  1.00 82.74  ? 119 VAL A C   1 
ATOM   839  O  O   . VAL A 1 113 ? -1.352  -14.655 13.111  1.00 80.00  ? 119 VAL A O   1 
ATOM   840  C  CB  . VAL A 1 113 ? 2.041   -15.457 13.799  1.00 88.22  ? 119 VAL A CB  1 
ATOM   841  C  CG1 . VAL A 1 113 ? 1.527   -15.945 15.145  1.00 88.85  ? 119 VAL A CG1 1 
ATOM   842  C  CG2 . VAL A 1 113 ? 3.184   -16.340 13.321  1.00 89.80  ? 119 VAL A CG2 1 
ATOM   843  N  N   . CYS A 1 114 ? 0.281   -13.112 13.545  1.00 79.28  ? 120 CYS A N   1 
ATOM   844  C  CA  . CYS A 1 114 ? -0.589  -12.056 14.131  1.00 71.50  ? 120 CYS A CA  1 
ATOM   845  C  C   . CYS A 1 114 ? -1.377  -11.330 13.030  1.00 66.77  ? 120 CYS A C   1 
ATOM   846  O  O   . CYS A 1 114 ? -2.413  -10.738 13.368  1.00 60.66  ? 120 CYS A O   1 
ATOM   847  C  CB  . CYS A 1 114 ? 0.213   -11.055 14.954  1.00 70.53  ? 120 CYS A CB  1 
ATOM   848  S  SG  . CYS A 1 114 ? 1.553   -10.253 14.042  1.00 72.62  ? 120 CYS A SG  1 
ATOM   849  N  N   . GLY A 1 115 ? -0.907  -11.368 11.778  1.00 63.44  ? 121 GLY A N   1 
ATOM   850  C  CA  . GLY A 1 115 ? -1.580  -10.737 10.623  1.00 61.77  ? 121 GLY A CA  1 
ATOM   851  C  C   . GLY A 1 115 ? -1.330  -9.236  10.568  1.00 57.69  ? 121 GLY A C   1 
ATOM   852  O  O   . GLY A 1 115 ? -2.117  -8.533  9.916   1.00 56.85  ? 121 GLY A O   1 
ATOM   853  N  N   . MET A 1 116 ? -0.264  -8.771  11.219  1.00 54.83  ? 122 MET A N   1 
ATOM   854  C  CA  . MET A 1 116 ? 0.180   -7.355  11.231  1.00 59.40  ? 122 MET A CA  1 
ATOM   855  C  C   . MET A 1 116 ? 1.479   -7.214  10.432  1.00 57.90  ? 122 MET A C   1 
ATOM   856  O  O   . MET A 1 116 ? 2.148   -8.242  10.181  1.00 57.01  ? 122 MET A O   1 
ATOM   857  C  CB  . MET A 1 116 ? 0.378   -6.878  12.672  1.00 63.78  ? 122 MET A CB  1 
ATOM   858  C  CG  . MET A 1 116 ? -0.918  -6.918  13.459  1.00 66.36  ? 122 MET A CG  1 
ATOM   859  S  SD  . MET A 1 116 ? -0.769  -6.276  15.132  1.00 72.20  ? 122 MET A SD  1 
ATOM   860  C  CE  . MET A 1 116 ? -2.377  -6.760  15.762  1.00 75.69  ? 122 MET A CE  1 
ATOM   861  N  N   . TRP A 1 117 ? 1.808   -5.984  10.031  1.00 53.91  ? 123 TRP A N   1 
ATOM   862  C  CA  . TRP A 1 117 ? 3.005   -5.664  9.213   1.00 52.86  ? 123 TRP A CA  1 
ATOM   863  C  C   . TRP A 1 117 ? 4.281   -6.001  9.996   1.00 58.74  ? 123 TRP A C   1 
ATOM   864  O  O   . TRP A 1 117 ? 4.489   -5.430  11.096  1.00 58.49  ? 123 TRP A O   1 
ATOM   865  C  CB  . TRP A 1 117 ? 3.000   -4.194  8.768   1.00 51.78  ? 123 TRP A CB  1 
ATOM   866  C  CG  . TRP A 1 117 ? 1.927   -3.860  7.775   1.00 48.29  ? 123 TRP A CG  1 
ATOM   867  C  CD1 . TRP A 1 117 ? 0.823   -3.087  7.991   1.00 47.70  ? 123 TRP A CD1 1 
ATOM   868  C  CD2 . TRP A 1 117 ? 1.851   -4.291  6.404   1.00 48.36  ? 123 TRP A CD2 1 
ATOM   869  N  NE1 . TRP A 1 117 ? 0.079   -2.995  6.846   1.00 44.21  ? 123 TRP A NE1 1 
ATOM   870  C  CE2 . TRP A 1 117 ? 0.684   -3.715  5.854   1.00 47.59  ? 123 TRP A CE2 1 
ATOM   871  C  CE3 . TRP A 1 117 ? 2.667   -5.070  5.577   1.00 49.07  ? 123 TRP A CE3 1 
ATOM   872  C  CZ2 . TRP A 1 117 ? 0.300   -3.923  4.531   1.00 46.85  ? 123 TRP A CZ2 1 
ATOM   873  C  CZ3 . TRP A 1 117 ? 2.291   -5.267  4.267   1.00 50.60  ? 123 TRP A CZ3 1 
ATOM   874  C  CH2 . TRP A 1 117 ? 1.119   -4.707  3.754   1.00 50.27  ? 123 TRP A CH2 1 
ATOM   875  N  N   . LYS A 1 118 ? 5.120   -6.860  9.417   1.00 61.61  ? 124 LYS A N   1 
ATOM   876  C  CA  . LYS A 1 118 ? 6.459   -7.199  9.963   1.00 64.40  ? 124 LYS A CA  1 
ATOM   877  C  C   . LYS A 1 118 ? 7.270   -5.911  10.112  1.00 58.59  ? 124 LYS A C   1 
ATOM   878  O  O   . LYS A 1 118 ? 7.388   -5.174  9.123   1.00 59.58  ? 124 LYS A O   1 
ATOM   879  C  CB  . LYS A 1 118 ? 7.158   -8.211  9.052   1.00 69.21  ? 124 LYS A CB  1 
ATOM   880  C  CG  . LYS A 1 118 ? 6.556   -9.608  9.088   1.00 76.76  ? 124 LYS A CG  1 
ATOM   881  C  CD  . LYS A 1 118 ? 7.242   -10.586 8.155   1.00 89.39  ? 124 LYS A CD  1 
ATOM   882  C  CE  . LYS A 1 118 ? 7.318   -11.991 8.718   1.00 95.57  ? 124 LYS A CE  1 
ATOM   883  N  NZ  . LYS A 1 118 ? 8.120   -12.885 7.850   1.00 100.29 ? 124 LYS A NZ  1 
ATOM   884  N  N   . GLY A 1 119 ? 7.759   -5.634  11.323  1.00 57.89  ? 125 GLY A N   1 
ATOM   885  C  CA  . GLY A 1 119 ? 8.672   -4.511  11.617  1.00 57.16  ? 125 GLY A CA  1 
ATOM   886  C  C   . GLY A 1 119 ? 7.931   -3.271  12.079  1.00 58.09  ? 125 GLY A C   1 
ATOM   887  O  O   . GLY A 1 119 ? 8.603   -2.263  12.380  1.00 62.85  ? 125 GLY A O   1 
ATOM   888  N  N   . TYR A 1 120 ? 6.598   -3.331  12.132  1.00 58.96  ? 126 TYR A N   1 
ATOM   889  C  CA  . TYR A 1 120 ? 5.722   -2.211  12.570  1.00 58.96  ? 126 TYR A CA  1 
ATOM   890  C  C   . TYR A 1 120 ? 4.773   -2.737  13.650  1.00 63.73  ? 126 TYR A C   1 
ATOM   891  O  O   . TYR A 1 120 ? 5.191   -2.788  14.824  1.00 71.15  ? 126 TYR A O   1 
ATOM   892  C  CB  . TYR A 1 120 ? 5.021   -1.590  11.358  1.00 54.93  ? 126 TYR A CB  1 
ATOM   893  C  CG  . TYR A 1 120 ? 5.973   -0.896  10.427  1.00 51.24  ? 126 TYR A CG  1 
ATOM   894  C  CD1 . TYR A 1 120 ? 6.316   0.430   10.619  1.00 52.04  ? 126 TYR A CD1 1 
ATOM   895  C  CD2 . TYR A 1 120 ? 6.567   -1.577  9.378   1.00 54.45  ? 126 TYR A CD2 1 
ATOM   896  C  CE1 . TYR A 1 120 ? 7.220   1.069   9.787   1.00 52.57  ? 126 TYR A CE1 1 
ATOM   897  C  CE2 . TYR A 1 120 ? 7.461   -0.947  8.526   1.00 53.38  ? 126 TYR A CE2 1 
ATOM   898  C  CZ  . TYR A 1 120 ? 7.790   0.379   8.732   1.00 51.39  ? 126 TYR A CZ  1 
ATOM   899  O  OH  . TYR A 1 120 ? 8.670   1.005   7.901   1.00 53.39  ? 126 TYR A OH  1 
ATOM   900  N  N   . GLY A 1 121 ? 3.569   -3.158  13.257  1.00 61.30  ? 127 GLY A N   1 
ATOM   901  C  CA  . GLY A 1 121 ? 2.538   -3.666  14.174  1.00 65.12  ? 127 GLY A CA  1 
ATOM   902  C  C   . GLY A 1 121 ? 2.948   -4.960  14.855  1.00 67.57  ? 127 GLY A C   1 
ATOM   903  O  O   . GLY A 1 121 ? 2.645   -5.093  16.048  1.00 72.12  ? 127 GLY A O   1 
ATOM   904  N  N   . CYS A 1 122 ? 3.584   -5.890  14.133  1.00 71.97  ? 128 CYS A N   1 
ATOM   905  C  CA  . CYS A 1 122 ? 3.926   -7.257  14.626  1.00 75.05  ? 128 CYS A CA  1 
ATOM   906  C  C   . CYS A 1 122 ? 4.748   -7.158  15.917  1.00 82.28  ? 128 CYS A C   1 
ATOM   907  O  O   . CYS A 1 122 ? 5.675   -6.322  15.956  1.00 79.16  ? 128 CYS A O   1 
ATOM   908  C  CB  . CYS A 1 122 ? 4.707   -8.060  13.593  1.00 77.54  ? 128 CYS A CB  1 
ATOM   909  S  SG  . CYS A 1 122 ? 5.083   -9.750  14.137  1.00 74.03  ? 128 CYS A SG  1 
ATOM   910  N  N   . SER A 1 123 ? 4.395   -7.966  16.928  1.00 91.59  ? 129 SER A N   1 
ATOM   911  C  CA  . SER A 1 123 ? 5.056   -8.048  18.263  1.00 92.42  ? 129 SER A CA  1 
ATOM   912  C  C   . SER A 1 123 ? 5.464   -9.497  18.566  1.00 93.93  ? 129 SER A C   1 
ATOM   913  O  O   . SER A 1 123 ? 5.579   -9.834  19.758  1.00 103.10 ? 129 SER A O   1 
ATOM   914  C  CB  . SER A 1 123 ? 4.162   -7.513  19.364  1.00 92.93  ? 129 SER A CB  1 
ATOM   915  O  OG  . SER A 1 123 ? 4.021   -6.103  19.280  1.00 97.12  ? 129 SER A OG  1 
ATOM   916  N  N   . CYS A 1 124 ? 5.686   -10.316 17.533  1.00 89.28  ? 130 CYS A N   1 
ATOM   917  C  CA  . CYS A 1 124 ? 5.981   -11.771 17.657  1.00 89.97  ? 130 CYS A CA  1 
ATOM   918  C  C   . CYS A 1 124 ? 7.442   -11.986 18.078  1.00 88.01  ? 130 CYS A C   1 
ATOM   919  O  O   . CYS A 1 124 ? 8.318   -11.163 17.820  1.00 91.55  ? 130 CYS A O   1 
ATOM   920  C  CB  . CYS A 1 124 ? 5.688   -12.507 16.352  1.00 90.44  ? 130 CYS A CB  1 
ATOM   921  S  SG  . CYS A 1 124 ? 3.919   -12.754 16.038  1.00 94.30  ? 130 CYS A SG  1 
HETATM 922  ZN ZN  . ZN  B 2 .   ? -3.329  -4.950  -6.852  1.00 45.52  ? 201 ZN  A ZN  1 
HETATM 923  ZN ZN  . ZN  C 2 .   ? 3.650   -11.305 13.881  1.00 81.06  ? 202 ZN  A ZN  1 
HETATM 924  S  S   . DMS D 3 .   ? 3.002   13.676  -6.940  1.00 72.14  ? 203 DMS A S   1 
HETATM 925  O  O   . DMS D 3 .   ? 3.173   14.626  -8.092  1.00 65.00  ? 203 DMS A O   1 
HETATM 926  C  C1  . DMS D 3 .   ? 1.262   13.704  -6.526  1.00 64.97  ? 203 DMS A C1  1 
HETATM 927  C  C2  . DMS D 3 .   ? 3.052   12.040  -7.631  1.00 64.32  ? 203 DMS A C2  1 
HETATM 928  S  S   . DMS E 3 .   ? -2.250  -0.486  -19.795 0.33 71.62  ? 204 DMS A S   1 
HETATM 929  O  O   . DMS E 3 .   ? -3.061  0.771   -19.576 0.33 63.17  ? 204 DMS A O   1 
HETATM 930  C  C1  . DMS E 3 .   ? -1.389  -0.241  -21.331 0.33 65.43  ? 204 DMS A C1  1 
HETATM 931  C  C2  . DMS E 3 .   ? -0.845  -0.344  -18.715 0.33 65.58  ? 204 DMS A C2  1 
HETATM 932  C  C1  . X4V F 4 .   ? -8.526  11.312  15.243  1.00 56.38  ? 205 X4V A C1  1 
HETATM 933  C  C2  . X4V F 4 .   ? -7.664  9.701   16.903  1.00 56.03  ? 205 X4V A C2  1 
HETATM 934  C  C3  . X4V F 4 .   ? -6.612  9.854   14.669  1.00 54.64  ? 205 X4V A C3  1 
HETATM 935  C  C4  . X4V F 4 .   ? -5.721  8.799   14.962  1.00 52.89  ? 205 X4V A C4  1 
HETATM 936  C  C5  . X4V F 4 .   ? -4.807  8.405   14.019  1.00 55.78  ? 205 X4V A C5  1 
HETATM 937  C  C6  . X4V F 4 .   ? -5.566  10.001  12.505  1.00 55.85  ? 205 X4V A C6  1 
HETATM 938  C  C7  . X4V F 4 .   ? -6.519  10.458  13.402  1.00 51.21  ? 205 X4V A C7  1 
HETATM 939  N  N1  . X4V F 4 .   ? -7.561  10.279  15.574  1.00 55.03  ? 205 X4V A N1  1 
HETATM 940  N  N2  . X4V F 4 .   ? -4.704  8.985   12.810  1.00 55.03  ? 205 X4V A N2  1 
HETATM 941  N  N3  . X4V F 4 .   ? -5.464  10.559  11.286  1.00 53.72  ? 205 X4V A N3  1 
HETATM 942  C  C1  . GOL G 5 .   ? 15.513  2.160   -14.906 1.00 73.85  ? 206 GOL A C1  1 
HETATM 943  O  O1  . GOL G 5 .   ? 16.066  2.535   -16.171 1.00 64.81  ? 206 GOL A O1  1 
HETATM 944  C  C2  . GOL G 5 .   ? 14.365  3.064   -14.484 1.00 73.58  ? 206 GOL A C2  1 
HETATM 945  O  O2  . GOL G 5 .   ? 13.110  2.476   -14.850 1.00 67.21  ? 206 GOL A O2  1 
HETATM 946  C  C3  . GOL G 5 .   ? 14.363  3.437   -13.004 1.00 69.33  ? 206 GOL A C3  1 
HETATM 947  O  O3  . GOL G 5 .   ? 14.569  2.326   -12.120 1.00 67.46  ? 206 GOL A O3  1 
HETATM 948  CL CL  . CL  H 6 .   ? 12.908  -0.303  -18.199 1.00 47.96  ? 207 CL  A CL  1 
HETATM 949  CL CL  . CL  I 6 .   ? 1.270   -1.697  11.526  1.00 63.85  ? 208 CL  A CL  1 
HETATM 950  CL CL  . CL  J 6 .   ? 0.658   13.783  -14.391 1.00 55.58  ? 209 CL  A CL  1 
HETATM 951  O  O   . HOH K 7 .   ? 3.634   -6.086  0.440   1.00 54.98  ? 301 HOH A O   1 
HETATM 952  O  O   . HOH K 7 .   ? 7.299   -5.406  6.723   1.00 51.03  ? 302 HOH A O   1 
HETATM 953  O  O   . HOH K 7 .   ? -5.486  -10.368 1.154   1.00 58.37  ? 303 HOH A O   1 
HETATM 954  O  O   . HOH K 7 .   ? 3.796   -7.157  -13.444 1.00 63.62  ? 304 HOH A O   1 
HETATM 955  O  O   . HOH K 7 .   ? -3.201  -6.932  -16.275 1.00 72.74  ? 305 HOH A O   1 
HETATM 956  O  O   . HOH K 7 .   ? -7.601  -9.557  -2.669  1.00 52.52  ? 306 HOH A O   1 
HETATM 957  O  O   . HOH K 7 .   ? 2.966   8.301   -20.543 0.33 43.51  ? 307 HOH A O   1 
HETATM 958  O  O   . HOH K 7 .   ? -7.634  -0.683  18.715  1.00 56.85  ? 308 HOH A O   1 
HETATM 959  O  O   . HOH K 7 .   ? -8.997  -7.871  12.087  1.00 52.46  ? 309 HOH A O   1 
HETATM 960  O  O   . HOH K 7 .   ? 17.076  6.227   -6.615  1.00 48.47  ? 310 HOH A O   1 
HETATM 961  O  O   . HOH K 7 .   ? 6.220   -6.324  -5.761  1.00 58.21  ? 311 HOH A O   1 
HETATM 962  O  O   . HOH K 7 .   ? -13.787 -6.418  1.836   1.00 58.09  ? 312 HOH A O   1 
HETATM 963  O  O   . HOH K 7 .   ? 10.248  -2.515  5.560   1.00 69.45  ? 313 HOH A O   1 
HETATM 964  O  O   . HOH K 7 .   ? 12.530  3.899   -2.040  1.00 47.04  ? 314 HOH A O   1 
HETATM 965  O  O   . HOH K 7 .   ? -11.515 -2.079  -1.037  1.00 53.65  ? 315 HOH A O   1 
HETATM 966  O  O   . HOH K 7 .   ? -8.591  8.772   10.078  1.00 56.35  ? 316 HOH A O   1 
HETATM 967  O  O   . HOH K 7 .   ? 5.453   15.996  -14.727 1.00 54.14  ? 317 HOH A O   1 
HETATM 968  O  O   . HOH K 7 .   ? 3.056   13.159  -2.640  1.00 50.03  ? 318 HOH A O   1 
HETATM 969  O  O   . HOH K 7 .   ? 5.793   -3.176  -15.755 1.00 46.68  ? 319 HOH A O   1 
HETATM 970  O  O   . HOH K 7 .   ? -5.920  -2.051  -12.454 1.00 62.28  ? 320 HOH A O   1 
HETATM 971  O  O   . HOH K 7 .   ? -10.515 1.986   12.848  1.00 52.31  ? 321 HOH A O   1 
HETATM 972  O  O   . HOH K 7 .   ? 8.553   -5.003  -4.051  1.00 67.75  ? 322 HOH A O   1 
HETATM 973  O  O   . HOH K 7 .   ? 8.019   7.441   0.749   1.00 52.78  ? 323 HOH A O   1 
HETATM 974  O  O   . HOH K 7 .   ? 10.580  10.495  -1.788  1.00 47.63  ? 324 HOH A O   1 
HETATM 975  O  O   . HOH K 7 .   ? 5.944   6.870   -19.303 1.00 44.13  ? 325 HOH A O   1 
HETATM 976  O  O   . HOH K 7 .   ? -0.252  9.461   -0.818  1.00 50.20  ? 326 HOH A O   1 
HETATM 977  O  O   . HOH K 7 .   ? -3.739  -8.913  7.792   1.00 50.44  ? 327 HOH A O   1 
HETATM 978  O  O   . HOH K 7 .   ? -12.723 -6.404  9.370   1.00 65.18  ? 328 HOH A O   1 
HETATM 979  O  O   . HOH K 7 .   ? -3.916  -3.272  17.337  1.00 55.50  ? 329 HOH A O   1 
HETATM 980  O  O   . HOH K 7 .   ? 10.806  -0.887  -20.356 1.00 38.18  ? 330 HOH A O   1 
HETATM 981  O  O   . HOH K 7 .   ? 5.860   9.103   -17.531 1.00 42.48  ? 331 HOH A O   1 
HETATM 982  O  O   . HOH K 7 .   ? 1.571   6.288   -2.088  1.00 40.36  ? 332 HOH A O   1 
HETATM 983  O  O   . HOH K 7 .   ? 13.154  5.161   -10.867 1.00 53.92  ? 333 HOH A O   1 
HETATM 984  O  O   . HOH K 7 .   ? -4.061  4.861   -11.140 1.00 38.93  ? 334 HOH A O   1 
HETATM 985  O  O   . HOH K 7 .   ? 7.529   -5.196  -10.134 1.00 49.65  ? 335 HOH A O   1 
HETATM 986  O  O   . HOH K 7 .   ? -7.033  1.792   19.187  1.00 54.58  ? 336 HOH A O   1 
HETATM 987  O  O   . HOH K 7 .   ? 3.893   12.871  -18.443 1.00 52.72  ? 337 HOH A O   1 
HETATM 988  O  O   . HOH K 7 .   ? -3.609  12.112  -12.940 1.00 55.10  ? 338 HOH A O   1 
HETATM 989  O  O   . HOH K 7 .   ? 10.490  5.963   0.987   1.00 57.62  ? 339 HOH A O   1 
HETATM 990  O  O   . HOH K 7 .   ? -2.501  -9.773  -12.139 1.00 51.48  ? 340 HOH A O   1 
HETATM 991  O  O   . HOH K 7 .   ? 12.572  -3.812  -5.890  1.00 67.08  ? 341 HOH A O   1 
HETATM 992  O  O   . HOH K 7 .   ? 7.668   3.947   0.733   1.00 57.76  ? 342 HOH A O   1 
HETATM 993  O  O   . HOH K 7 .   ? -12.288 0.009   12.663  1.00 54.08  ? 343 HOH A O   1 
HETATM 994  O  O   . HOH K 7 .   ? 8.465   0.817   5.108   1.00 60.48  ? 344 HOH A O   1 
HETATM 995  O  O   . HOH K 7 .   ? -11.453 9.283   13.282  1.00 51.81  ? 345 HOH A O   1 
HETATM 996  O  O   . HOH K 7 .   ? 2.040   -1.670  -3.832  1.00 43.34  ? 346 HOH A O   1 
HETATM 997  O  O   . HOH K 7 .   ? -15.018 5.743   4.409   1.00 53.34  ? 347 HOH A O   1 
HETATM 998  O  O   . HOH K 7 .   ? -6.160  1.119   -8.074  1.00 47.38  ? 348 HOH A O   1 
HETATM 999  O  O   . HOH K 7 .   ? -0.556  -4.262  10.856  1.00 51.63  ? 349 HOH A O   1 
HETATM 1000 O  O   . HOH K 7 .   ? -8.205  6.359   7.767   1.00 48.67  ? 350 HOH A O   1 
HETATM 1001 O  O   . HOH K 7 .   ? 2.603   -9.696  2.830   1.00 50.34  ? 351 HOH A O   1 
HETATM 1002 O  O   . HOH K 7 .   ? -7.844  -1.135  -15.760 1.00 59.16  ? 352 HOH A O   1 
HETATM 1003 O  O   . HOH K 7 .   ? 2.458   5.357   13.193  1.00 62.08  ? 353 HOH A O   1 
HETATM 1004 O  O   . HOH K 7 .   ? -4.376  12.399  -1.918  1.00 58.16  ? 354 HOH A O   1 
HETATM 1005 O  O   . HOH K 7 .   ? 1.267   -5.988  -0.181  1.00 65.11  ? 355 HOH A O   1 
HETATM 1006 O  O   . HOH K 7 .   ? -4.098  -4.668  -12.503 1.00 54.67  ? 356 HOH A O   1 
HETATM 1007 O  O   . HOH K 7 .   ? -10.054 -2.239  -3.193  1.00 43.86  ? 357 HOH A O   1 
HETATM 1008 O  O   . HOH K 7 .   ? 17.533  3.770   -5.251  1.00 71.38  ? 358 HOH A O   1 
HETATM 1009 O  O   . HOH K 7 .   ? 0.216   -0.557  15.643  1.00 59.01  ? 359 HOH A O   1 
HETATM 1010 O  O   . HOH K 7 .   ? -4.309  1.652   19.307  1.00 58.94  ? 360 HOH A O   1 
HETATM 1011 O  O   . HOH K 7 .   ? -11.170 8.558   9.626   1.00 58.62  ? 361 HOH A O   1 
HETATM 1012 O  O   . HOH K 7 .   ? -2.860  9.162   -1.024  1.00 52.61  ? 362 HOH A O   1 
HETATM 1013 O  O   . HOH K 7 .   ? -13.968 2.216   12.130  1.00 53.21  ? 363 HOH A O   1 
HETATM 1014 O  O   . HOH K 7 .   ? 5.115   13.006  1.337   1.00 55.27  ? 364 HOH A O   1 
HETATM 1015 O  O   . HOH K 7 .   ? -1.481  14.281  -9.869  1.00 40.69  ? 365 HOH A O   1 
HETATM 1016 O  O   . HOH K 7 .   ? 8.333   15.102  -7.158  1.00 50.71  ? 366 HOH A O   1 
HETATM 1017 O  O   . HOH K 7 .   ? 13.030  -1.585  -15.253 1.00 51.56  ? 367 HOH A O   1 
HETATM 1018 O  O   . HOH K 7 .   ? 7.123   -5.331  -13.034 1.00 62.73  ? 368 HOH A O   1 
HETATM 1019 O  O   . HOH K 7 .   ? -10.727 -9.015  8.453   1.00 50.28  ? 369 HOH A O   1 
HETATM 1020 O  O   . HOH K 7 .   ? -1.639  13.297  -12.817 1.00 61.05  ? 370 HOH A O   1 
HETATM 1021 O  O   . HOH K 7 .   ? -9.463  1.201   -3.370  1.00 44.24  ? 371 HOH A O   1 
HETATM 1022 O  O   . HOH K 7 .   ? 0.038   -5.683  -4.129  1.00 56.18  ? 372 HOH A O   1 
HETATM 1023 O  O   . HOH K 7 .   ? 12.990  6.101   -0.466  1.00 59.27  ? 373 HOH A O   1 
HETATM 1024 O  O   . HOH K 7 .   ? 1.481   15.529  -17.072 1.00 45.49  ? 374 HOH A O   1 
HETATM 1025 O  O   . HOH K 7 .   ? 1.763   -4.043  -3.136  1.00 60.24  ? 375 HOH A O   1 
HETATM 1026 O  O   . HOH K 7 .   ? 4.509   16.090  -16.921 1.00 57.83  ? 376 HOH A O   1 
HETATM 1027 O  O   . HOH K 7 .   ? -5.593  -2.312  19.264  1.00 74.11  ? 377 HOH A O   1 
HETATM 1028 O  O   . HOH K 7 .   ? 3.606   10.099  -18.771 1.00 44.89  ? 378 HOH A O   1 
HETATM 1029 O  O   . HOH K 7 .   ? -6.029  -4.833  -10.351 1.00 65.90  ? 379 HOH A O   1 
HETATM 1030 O  O   . HOH K 7 .   ? -14.091 10.092  12.872  1.00 51.85  ? 380 HOH A O   1 
HETATM 1031 O  O   . HOH K 7 .   ? 16.454  12.882  -1.606  1.00 70.31  ? 381 HOH A O   1 
HETATM 1032 O  O   . HOH K 7 .   ? 1.345   0.284   13.571  1.00 57.09  ? 382 HOH A O   1 
HETATM 1033 O  O   . HOH K 7 .   ? -9.702  2.266   -5.832  1.00 58.72  ? 383 HOH A O   1 
HETATM 1034 O  O   . HOH K 7 .   ? 13.459  1.047   -0.940  1.00 64.21  ? 384 HOH A O   1 
HETATM 1035 O  O   . HOH K 7 .   ? -3.199  -10.495 5.837   1.00 62.10  ? 385 HOH A O   1 
HETATM 1036 O  O   . HOH K 7 .   ? 6.058   14.551  -18.371 1.00 52.57  ? 386 HOH A O   1 
HETATM 1037 O  O   . HOH K 7 .   ? -11.018 10.758  17.824  0.33 40.02  ? 387 HOH A O   1 
HETATM 1038 O  O   . HOH K 7 .   ? 7.403   3.208   3.654   1.00 46.74  ? 388 HOH A O   1 
HETATM 1039 O  O   . HOH K 7 .   ? -7.565  3.536   -7.394  1.00 49.14  ? 389 HOH A O   1 
HETATM 1040 O  O   . HOH K 7 .   ? 8.993   9.846   0.158   1.00 56.88  ? 390 HOH A O   1 
HETATM 1041 O  O   . HOH K 7 .   ? 1.958   14.391  -19.616 1.00 45.86  ? 391 HOH A O   1 
HETATM 1042 O  O   . HOH K 7 .   ? -1.437  11.859  0.294   1.00 60.19  ? 392 HOH A O   1 
HETATM 1043 O  O   . HOH K 7 .   ? 11.113  0.342   4.231   1.00 71.83  ? 393 HOH A O   1 
HETATM 1044 O  O   . HOH K 7 .   ? 14.689  -2.511  -5.656  1.00 64.48  ? 394 HOH A O   1 
# 
